data_3WON
#
_entry.id   3WON
#
_cell.length_a   122.050
_cell.length_b   122.050
_cell.length_c   219.370
_cell.angle_alpha   90.00
_cell.angle_beta   90.00
_cell.angle_gamma   90.00
#
_symmetry.space_group_name_H-M   'P 43 21 2'
#
loop_
_entity.id
_entity.type
_entity.pdbx_description
1 polymer 'dipeptidyl aminopeptidase BII'
2 non-polymer VALINE
3 non-polymer TYROSINE
4 non-polymer GLYCEROL
5 non-polymer 'ZINC ION'
6 water water
#
_entity_poly.entity_id   1
_entity_poly.type   'polypeptide(L)'
_entity_poly.pdbx_seq_one_letter_code
;GEGMWVPQQLPEIAGPLKKAGLKLSPQQISDLTGDPMGAVVALGGCTASFVSPNGLVVTNHHCAYGAIQLNSTAENNLIK
NGFNAPTTADEVSAGPNARVFVLDEITDVTKDAKAAIAAAGDDALARTKALEAFEKKLIADCEAEAGFRCRLYSFSGGNT
YRLFKNLEIKDVRLAYAPPGSVGKFGGDIDNWMWPRHTGDFAFYRAYVGKDGKPAAFSKDNVPYQPKHWLKFADQPLGAG
DFVMVAGYPGSTNRYALAAEFDNTAQWTYPTIARHYKNQIAMVEAAGKQNADIQVKYAATMAGWNNTSKNYDGQLEGFKR
IDAAGQKLREEAAVLGWLKGQGAKGQPALDAHAKLLDLLEQSKATRDRDLTLALFNNTAMLGSATQLYRLSIEREKPNAE
RESGYQERDLPAIEGGLKQLERRYVAAMDRQLQEYWLNEYIKLPADQRVAAVDAWLGGNDAAAVKRALDRLAGTKLGSTE
ERLKWFAADRKAFEASNDPAIQYAVAVMPTLLKLEQERKTRAGENLAARPVYLQALADYKKSQGEFVYPDANLSLRITFG
NVMGYAPKDGMEYTPFTTLEGVVAKETGQDPFDSPKALLDAVAAKRYGGLEDKRIGSVPVNYLSDLDITGGNSGSPVLDA
HGKLVGLAFDGNWESVSSNWVFDPKMTRMIAVDGRYLRWIMQEVYPAPQLLKEMNVGK
;
_entity_poly.pdbx_strand_id   A,B
#
loop_
_chem_comp.id
_chem_comp.type
_chem_comp.name
_chem_comp.formula
GOL non-polymer GLYCEROL 'C3 H8 O3'
ZN non-polymer 'ZINC ION' 'Zn 2'
#
# COMPACT_ATOMS: atom_id res chain seq x y z
N GLY A 1 -14.08 21.40 3.85
CA GLY A 1 -14.41 20.72 5.11
C GLY A 1 -15.89 20.30 5.09
N GLU A 2 -16.33 19.94 6.27
CA GLU A 2 -17.61 19.35 6.46
C GLU A 2 -18.75 20.26 6.05
N GLY A 3 -19.79 19.67 5.48
CA GLY A 3 -20.99 20.43 5.28
C GLY A 3 -21.54 20.39 3.86
N MET A 4 -22.80 19.90 3.77
CA MET A 4 -23.53 19.95 2.55
C MET A 4 -24.58 21.04 2.72
N TRP A 5 -24.11 22.29 2.49
CA TRP A 5 -24.87 23.46 2.87
C TRP A 5 -26.01 23.75 1.87
N VAL A 6 -27.20 24.05 2.35
CA VAL A 6 -28.25 24.45 1.47
C VAL A 6 -27.97 25.89 1.06
N PRO A 7 -28.43 26.30 -0.11
CA PRO A 7 -28.20 27.68 -0.52
C PRO A 7 -28.67 28.74 0.45
N GLN A 8 -29.71 28.45 1.21
CA GLN A 8 -30.20 29.41 2.14
C GLN A 8 -29.26 29.59 3.31
N GLN A 9 -28.29 28.71 3.49
CA GLN A 9 -27.25 28.89 4.50
C GLN A 9 -26.04 29.73 4.01
N LEU A 10 -26.11 30.33 2.82
CA LEU A 10 -24.95 31.08 2.36
C LEU A 10 -24.51 32.16 3.35
N PRO A 11 -25.46 32.85 4.03
CA PRO A 11 -24.98 33.86 5.00
C PRO A 11 -24.06 33.28 6.02
N GLU A 12 -24.34 32.09 6.49
CA GLU A 12 -23.52 31.42 7.47
C GLU A 12 -22.15 30.89 6.91
N ILE A 13 -22.05 30.58 5.63
CA ILE A 13 -20.77 30.13 5.14
C ILE A 13 -20.00 31.21 4.41
N ALA A 14 -20.56 32.40 4.29
CA ALA A 14 -19.89 33.47 3.50
C ALA A 14 -18.47 33.72 4.00
N GLY A 15 -18.34 33.78 5.31
CA GLY A 15 -17.08 34.04 5.96
C GLY A 15 -16.08 32.90 5.72
N PRO A 16 -16.49 31.66 6.03
CA PRO A 16 -15.64 30.53 5.83
C PRO A 16 -15.24 30.38 4.34
N LEU A 17 -16.11 30.74 3.44
CA LEU A 17 -15.80 30.68 2.01
C LEU A 17 -14.67 31.61 1.62
N LYS A 18 -14.83 32.85 2.04
CA LYS A 18 -13.72 33.82 1.93
C LYS A 18 -12.40 33.35 2.55
N LYS A 19 -12.42 32.82 3.76
CA LYS A 19 -11.22 32.39 4.43
C LYS A 19 -10.56 31.23 3.69
N ALA A 20 -11.37 30.33 3.09
CA ALA A 20 -10.88 29.27 2.26
C ALA A 20 -10.31 29.69 0.92
N GLY A 21 -10.64 30.90 0.43
CA GLY A 21 -10.04 31.47 -0.78
C GLY A 21 -11.02 31.87 -1.89
N LEU A 22 -12.34 31.86 -1.65
CA LEU A 22 -13.28 32.27 -2.65
C LEU A 22 -13.09 33.79 -2.94
N LYS A 23 -12.94 34.12 -4.20
CA LYS A 23 -12.75 35.49 -4.67
C LYS A 23 -13.99 36.06 -5.30
N LEU A 24 -14.95 35.23 -5.71
CA LEU A 24 -16.32 35.75 -6.07
C LEU A 24 -16.98 36.28 -4.82
N SER A 25 -17.91 37.21 -4.97
CA SER A 25 -18.65 37.68 -3.80
C SER A 25 -19.64 36.59 -3.39
N PRO A 26 -19.98 36.50 -2.11
CA PRO A 26 -21.04 35.56 -1.72
C PRO A 26 -22.40 35.86 -2.39
N GLN A 27 -22.67 37.09 -2.77
CA GLN A 27 -23.96 37.37 -3.37
C GLN A 27 -23.95 36.84 -4.77
N GLN A 28 -22.77 36.78 -5.40
CA GLN A 28 -22.71 36.24 -6.73
C GLN A 28 -23.00 34.76 -6.69
N ILE A 29 -22.53 34.07 -5.66
CA ILE A 29 -22.90 32.65 -5.40
C ILE A 29 -24.37 32.44 -4.99
N SER A 30 -25.00 33.46 -4.40
CA SER A 30 -26.42 33.36 -3.98
C SER A 30 -27.39 33.36 -5.11
N ASP A 31 -27.01 33.91 -6.24
CA ASP A 31 -27.91 33.91 -7.37
C ASP A 31 -27.97 32.51 -8.11
N LEU A 32 -28.95 31.70 -7.77
CA LEU A 32 -28.93 30.33 -8.17
C LEU A 32 -29.26 30.18 -9.62
N THR A 33 -29.80 31.23 -10.24
CA THR A 33 -29.99 31.23 -11.68
C THR A 33 -29.02 32.12 -12.45
N GLY A 34 -27.96 32.55 -11.78
CA GLY A 34 -26.99 33.45 -12.42
C GLY A 34 -25.64 32.77 -12.61
N ASP A 35 -24.61 33.59 -12.66
CA ASP A 35 -23.35 33.15 -13.13
C ASP A 35 -22.53 32.98 -11.87
N PRO A 36 -22.00 31.77 -11.61
CA PRO A 36 -21.95 30.54 -12.41
C PRO A 36 -23.01 29.48 -11.97
N MET A 37 -23.71 29.72 -10.88
CA MET A 37 -24.55 28.66 -10.29
C MET A 37 -25.68 28.18 -11.24
N GLY A 38 -26.15 29.05 -12.13
CA GLY A 38 -27.22 28.70 -13.04
C GLY A 38 -26.76 27.77 -14.12
N ALA A 39 -25.45 27.49 -14.15
CA ALA A 39 -24.86 26.56 -15.12
C ALA A 39 -24.98 25.11 -14.63
N VAL A 40 -25.18 24.93 -13.34
CA VAL A 40 -25.24 23.62 -12.66
C VAL A 40 -26.64 23.04 -12.82
N VAL A 41 -26.70 21.82 -13.34
CA VAL A 41 -27.98 21.13 -13.61
C VAL A 41 -28.05 19.77 -12.93
N ALA A 42 -29.28 19.30 -12.74
CA ALA A 42 -29.45 17.98 -12.16
C ALA A 42 -29.81 17.05 -13.32
N LEU A 43 -29.28 15.84 -13.27
CA LEU A 43 -29.65 14.79 -14.22
C LEU A 43 -30.67 13.78 -13.68
N GLY A 44 -30.92 13.82 -12.38
CA GLY A 44 -31.67 12.75 -11.77
C GLY A 44 -30.78 11.63 -11.32
N GLY A 45 -30.22 11.75 -10.11
CA GLY A 45 -29.23 10.89 -9.53
C GLY A 45 -27.75 11.14 -9.94
N CYS A 46 -27.52 12.10 -10.83
CA CYS A 46 -26.18 12.67 -11.06
C CYS A 46 -26.33 14.20 -11.21
N THR A 47 -25.22 14.92 -11.20
CA THR A 47 -25.15 16.33 -11.51
C THR A 47 -24.40 16.50 -12.83
N ALA A 48 -24.57 17.64 -13.47
CA ALA A 48 -23.84 17.99 -14.65
C ALA A 48 -23.80 19.50 -14.70
N SER A 49 -23.23 20.03 -15.78
CA SER A 49 -23.21 21.50 -15.98
C SER A 49 -23.11 21.84 -17.44
N PHE A 50 -23.67 23.00 -17.77
CA PHE A 50 -23.49 23.58 -19.10
C PHE A 50 -22.11 24.17 -19.27
N VAL A 51 -21.51 23.91 -20.40
CA VAL A 51 -20.17 24.39 -20.73
C VAL A 51 -20.06 25.02 -22.09
N SER A 52 -21.22 25.26 -22.71
CA SER A 52 -21.29 26.19 -23.88
C SER A 52 -22.64 26.84 -24.00
N PRO A 53 -22.66 27.98 -24.70
CA PRO A 53 -23.93 28.62 -25.05
C PRO A 53 -24.79 27.82 -26.00
N ASN A 54 -24.25 26.76 -26.60
CA ASN A 54 -25.09 25.86 -27.46
C ASN A 54 -25.53 24.54 -26.83
N GLY A 55 -25.64 24.55 -25.51
CA GLY A 55 -26.33 23.47 -24.77
C GLY A 55 -25.44 22.27 -24.48
N LEU A 56 -24.10 22.43 -24.58
CA LEU A 56 -23.16 21.37 -24.29
C LEU A 56 -23.12 21.18 -22.79
N VAL A 57 -23.24 19.92 -22.37
CA VAL A 57 -23.32 19.54 -20.96
C VAL A 57 -22.21 18.55 -20.60
N VAL A 58 -21.48 18.78 -19.49
CA VAL A 58 -20.43 17.84 -19.13
C VAL A 58 -20.84 17.14 -17.81
N THR A 59 -20.58 15.85 -17.73
CA THR A 59 -20.83 15.05 -16.52
C THR A 59 -19.79 13.93 -16.50
N ASN A 60 -19.97 12.93 -15.63
CA ASN A 60 -19.07 11.83 -15.55
C ASN A 60 -19.45 10.78 -16.57
N HIS A 61 -18.44 10.07 -17.04
CA HIS A 61 -18.61 8.80 -17.83
C HIS A 61 -19.55 7.86 -17.09
N HIS A 62 -19.36 7.62 -15.81
CA HIS A 62 -20.23 6.65 -15.13
C HIS A 62 -21.68 7.17 -15.04
N CYS A 63 -21.90 8.49 -15.11
CA CYS A 63 -23.24 9.03 -15.20
C CYS A 63 -23.85 8.79 -16.57
N ALA A 64 -23.05 8.85 -17.63
CA ALA A 64 -23.57 8.73 -18.95
C ALA A 64 -23.60 7.27 -19.33
N TYR A 65 -23.02 6.43 -18.47
CA TYR A 65 -22.77 4.99 -18.75
C TYR A 65 -24.08 4.27 -19.21
N GLY A 66 -25.19 4.59 -18.53
CA GLY A 66 -26.50 4.06 -18.96
C GLY A 66 -26.75 4.41 -20.41
N ALA A 67 -26.54 5.64 -20.80
CA ALA A 67 -26.80 6.08 -22.20
C ALA A 67 -25.81 5.57 -23.24
N ILE A 68 -24.54 5.43 -22.84
CA ILE A 68 -23.55 4.83 -23.67
C ILE A 68 -23.96 3.35 -23.90
N GLN A 69 -24.41 2.69 -22.83
CA GLN A 69 -24.75 1.24 -22.88
C GLN A 69 -25.99 0.98 -23.75
N LEU A 70 -26.99 1.87 -23.61
CA LEU A 70 -28.24 1.85 -24.40
C LEU A 70 -27.93 2.02 -25.86
N ASN A 71 -26.85 2.70 -26.20
CA ASN A 71 -26.46 2.87 -27.65
C ASN A 71 -25.38 1.88 -28.08
N SER A 72 -25.11 0.90 -27.20
CA SER A 72 -24.07 -0.12 -27.48
C SER A 72 -24.69 -1.49 -27.88
N THR A 73 -23.96 -2.21 -28.76
CA THR A 73 -24.21 -3.63 -29.15
C THR A 73 -22.94 -4.39 -28.90
N ALA A 74 -23.05 -5.71 -28.82
CA ALA A 74 -21.87 -6.58 -28.77
C ALA A 74 -20.97 -6.26 -29.96
N GLU A 75 -21.58 -6.01 -31.12
CA GLU A 75 -20.81 -5.76 -32.33
C GLU A 75 -20.25 -4.38 -32.39
N ASN A 76 -21.03 -3.39 -31.94
CA ASN A 76 -20.53 -2.02 -31.92
C ASN A 76 -20.59 -1.37 -30.49
N ASN A 77 -19.55 -1.64 -29.72
CA ASN A 77 -19.61 -1.46 -28.28
C ASN A 77 -18.97 -0.11 -27.90
N LEU A 78 -19.83 0.86 -27.67
CA LEU A 78 -19.38 2.25 -27.34
C LEU A 78 -18.73 2.37 -25.99
N ILE A 79 -19.11 1.50 -25.03
CA ILE A 79 -18.48 1.44 -23.71
C ILE A 79 -17.02 1.21 -24.01
N LYS A 80 -16.73 0.20 -24.83
CA LYS A 80 -15.33 -0.12 -25.20
C LYS A 80 -14.65 0.98 -26.01
N ASN A 81 -15.34 1.47 -27.05
CA ASN A 81 -14.62 2.28 -28.06
C ASN A 81 -14.70 3.76 -27.88
N GLY A 82 -15.68 4.23 -27.10
CA GLY A 82 -15.88 5.67 -26.98
C GLY A 82 -16.91 6.08 -28.01
N PHE A 83 -17.32 7.33 -27.95
CA PHE A 83 -18.17 7.94 -28.95
C PHE A 83 -17.78 9.34 -29.21
N ASN A 84 -17.83 9.74 -30.47
CA ASN A 84 -17.53 11.10 -30.81
C ASN A 84 -18.45 11.55 -31.96
N ALA A 85 -19.21 12.63 -31.78
CA ALA A 85 -20.09 13.13 -32.83
C ALA A 85 -19.40 14.31 -33.48
N PRO A 86 -18.89 14.15 -34.72
CA PRO A 86 -18.15 15.35 -35.24
C PRO A 86 -18.99 16.58 -35.49
N THR A 87 -20.30 16.44 -35.70
CA THR A 87 -21.19 17.58 -35.78
C THR A 87 -22.44 17.24 -34.97
N THR A 88 -23.19 18.26 -34.61
CA THR A 88 -24.34 18.07 -33.71
C THR A 88 -25.40 17.13 -34.29
N ALA A 89 -25.56 17.11 -35.63
CA ALA A 89 -26.31 16.04 -36.30
C ALA A 89 -25.91 14.62 -36.03
N ASP A 90 -24.65 14.36 -35.70
CA ASP A 90 -24.22 12.98 -35.41
C ASP A 90 -24.48 12.52 -33.95
N GLU A 91 -24.95 13.41 -33.12
CA GLU A 91 -25.26 13.05 -31.73
C GLU A 91 -26.35 12.03 -31.69
N VAL A 92 -26.27 11.05 -30.79
CA VAL A 92 -27.33 10.04 -30.66
C VAL A 92 -28.20 10.27 -29.42
N SER A 93 -29.45 9.82 -29.42
CA SER A 93 -30.29 10.03 -28.27
C SER A 93 -29.73 9.28 -27.06
N ALA A 94 -29.74 9.95 -25.91
CA ALA A 94 -29.33 9.29 -24.68
C ALA A 94 -30.40 8.32 -24.13
N GLY A 95 -31.53 8.24 -24.78
CA GLY A 95 -32.60 7.37 -24.30
C GLY A 95 -33.78 8.18 -23.81
N PRO A 96 -34.99 7.58 -23.85
CA PRO A 96 -36.17 8.40 -23.64
C PRO A 96 -36.27 8.94 -22.21
N ASN A 97 -35.63 8.27 -21.27
CA ASN A 97 -35.73 8.74 -19.86
C ASN A 97 -34.61 9.71 -19.41
N ALA A 98 -33.72 10.06 -20.30
CA ALA A 98 -32.61 10.96 -19.99
C ALA A 98 -33.18 12.35 -19.83
N ARG A 99 -32.64 13.09 -18.85
CA ARG A 99 -33.17 14.39 -18.51
C ARG A 99 -31.98 15.35 -18.21
N VAL A 100 -32.24 16.61 -18.48
CA VAL A 100 -31.49 17.70 -17.84
C VAL A 100 -32.44 18.62 -17.20
N PHE A 101 -32.32 18.86 -15.90
CA PHE A 101 -33.18 19.72 -15.15
C PHE A 101 -32.42 21.03 -14.82
N VAL A 102 -33.02 22.12 -15.20
CA VAL A 102 -32.43 23.47 -15.03
C VAL A 102 -33.22 24.22 -14.02
N LEU A 103 -32.55 24.62 -12.94
CA LEU A 103 -33.21 25.26 -11.83
C LEU A 103 -33.88 26.58 -12.25
N ASP A 104 -35.15 26.68 -11.95
CA ASP A 104 -35.94 27.88 -12.21
C ASP A 104 -36.25 28.65 -10.95
N GLU A 105 -36.71 27.97 -9.90
CA GLU A 105 -37.22 28.66 -8.72
C GLU A 105 -37.24 27.69 -7.49
N ILE A 106 -36.98 28.24 -6.31
CA ILE A 106 -37.15 27.54 -5.03
C ILE A 106 -38.09 28.32 -4.13
N THR A 107 -39.06 27.63 -3.54
CA THR A 107 -40.05 28.26 -2.67
C THR A 107 -40.06 27.53 -1.37
N ASP A 108 -40.06 28.27 -0.27
CA ASP A 108 -40.33 27.67 1.03
C ASP A 108 -41.82 27.43 1.24
N VAL A 109 -42.24 26.18 1.44
CA VAL A 109 -43.65 25.86 1.72
C VAL A 109 -43.85 25.21 3.03
N THR A 110 -42.94 25.47 3.99
CA THR A 110 -42.92 24.77 5.30
C THR A 110 -44.25 24.94 6.10
N LYS A 111 -44.72 26.19 6.15
CA LYS A 111 -45.87 26.53 6.96
C LYS A 111 -47.11 25.81 6.42
N ASP A 112 -47.34 25.90 5.12
CA ASP A 112 -48.44 25.22 4.48
C ASP A 112 -48.40 23.69 4.57
N ALA A 113 -47.21 23.12 4.38
CA ALA A 113 -47.03 21.69 4.54
C ALA A 113 -47.29 21.28 5.96
N LYS A 114 -46.80 22.01 6.95
CA LYS A 114 -47.06 21.56 8.33
C LYS A 114 -48.54 21.68 8.75
N ALA A 115 -49.22 22.64 8.21
CA ALA A 115 -50.68 22.80 8.42
C ALA A 115 -51.50 21.71 7.74
N ALA A 116 -51.09 21.27 6.54
CA ALA A 116 -51.73 20.11 5.90
C ALA A 116 -51.60 18.88 6.74
N ILE A 117 -50.43 18.69 7.34
CA ILE A 117 -50.18 17.55 8.21
C ILE A 117 -50.97 17.62 9.51
N ALA A 118 -50.95 18.79 10.14
CA ALA A 118 -51.70 18.95 11.39
C ALA A 118 -53.20 18.76 11.19
N ALA A 119 -53.75 19.25 10.07
CA ALA A 119 -55.21 19.07 9.81
C ALA A 119 -55.63 17.60 9.72
N ALA A 120 -54.68 16.67 9.61
CA ALA A 120 -55.07 15.27 9.52
C ALA A 120 -55.47 14.67 10.84
N GLY A 121 -55.05 15.26 11.96
CA GLY A 121 -55.40 14.70 13.26
C GLY A 121 -54.54 13.54 13.73
N ASP A 122 -55.09 12.64 14.56
CA ASP A 122 -54.28 11.67 15.31
C ASP A 122 -53.83 10.49 14.47
N ASP A 123 -54.44 10.26 13.31
CA ASP A 123 -54.33 8.97 12.67
C ASP A 123 -53.12 8.99 11.74
N ALA A 124 -52.25 8.00 11.89
CA ALA A 124 -50.98 7.96 11.16
C ALA A 124 -51.22 7.78 9.68
N LEU A 125 -52.10 6.85 9.27
CA LEU A 125 -52.34 6.70 7.81
C LEU A 125 -52.93 7.99 7.22
N ALA A 126 -53.83 8.69 7.93
CA ALA A 126 -54.42 9.90 7.34
C ALA A 126 -53.35 11.01 7.20
N ARG A 127 -52.39 11.00 8.13
CA ARG A 127 -51.31 11.99 8.14
C ARG A 127 -50.45 11.84 6.85
N THR A 128 -50.06 10.60 6.53
CA THR A 128 -49.42 10.32 5.22
C THR A 128 -50.23 10.76 4.02
N LYS A 129 -51.53 10.41 3.95
CA LYS A 129 -52.35 10.74 2.79
C LYS A 129 -52.53 12.25 2.69
N ALA A 130 -52.51 12.93 3.84
CA ALA A 130 -52.70 14.41 3.82
C ALA A 130 -51.43 15.13 3.23
N LEU A 131 -50.25 14.65 3.61
CA LEU A 131 -49.02 15.16 3.05
C LEU A 131 -48.97 14.80 1.58
N GLU A 132 -49.34 13.55 1.22
CA GLU A 132 -49.41 13.17 -0.21
C GLU A 132 -50.30 14.11 -1.01
N ALA A 133 -51.49 14.43 -0.46
CA ALA A 133 -52.46 15.22 -1.25
C ALA A 133 -51.97 16.67 -1.35
N PHE A 134 -51.39 17.15 -0.26
CA PHE A 134 -50.68 18.42 -0.26
C PHE A 134 -49.59 18.52 -1.35
N GLU A 135 -48.68 17.56 -1.37
CA GLU A 135 -47.65 17.49 -2.40
C GLU A 135 -48.22 17.43 -3.82
N LYS A 136 -49.17 16.55 -4.03
CA LYS A 136 -49.74 16.43 -5.36
C LYS A 136 -50.36 17.76 -5.88
N LYS A 137 -51.02 18.49 -5.00
CA LYS A 137 -51.74 19.69 -5.41
C LYS A 137 -50.68 20.77 -5.78
N LEU A 138 -49.70 20.88 -4.89
CA LEU A 138 -48.58 21.82 -5.07
C LEU A 138 -47.82 21.59 -6.36
N ILE A 139 -47.50 20.32 -6.61
CA ILE A 139 -46.83 19.94 -7.81
C ILE A 139 -47.74 20.15 -9.02
N ALA A 140 -49.02 19.82 -8.93
CA ALA A 140 -49.89 20.06 -10.12
C ALA A 140 -49.94 21.55 -10.51
N ASP A 141 -50.08 22.40 -9.51
CA ASP A 141 -50.12 23.81 -9.74
C ASP A 141 -48.81 24.33 -10.36
N CYS A 142 -47.70 23.94 -9.76
CA CYS A 142 -46.38 24.36 -10.22
C CYS A 142 -46.11 23.85 -11.64
N GLU A 143 -46.57 22.65 -11.98
CA GLU A 143 -46.33 22.10 -13.34
C GLU A 143 -47.38 22.51 -14.39
N ALA A 144 -48.35 23.37 -14.00
CA ALA A 144 -49.31 23.97 -14.96
C ALA A 144 -48.57 24.62 -16.14
N GLU A 145 -47.45 25.30 -15.88
CA GLU A 145 -46.59 25.79 -16.95
C GLU A 145 -45.88 24.62 -17.70
N ALA A 146 -46.25 24.48 -18.96
CA ALA A 146 -45.70 23.52 -19.87
C ALA A 146 -44.17 23.54 -19.84
N GLY A 147 -43.59 22.34 -19.72
CA GLY A 147 -42.13 22.16 -19.77
C GLY A 147 -41.37 22.18 -18.46
N PHE A 148 -42.10 22.33 -17.35
CA PHE A 148 -41.53 22.42 -16.03
C PHE A 148 -41.80 21.15 -15.24
N ARG A 149 -40.82 20.72 -14.48
CA ARG A 149 -41.04 19.67 -13.50
C ARG A 149 -40.69 20.12 -12.11
N CYS A 150 -41.54 19.82 -11.15
CA CYS A 150 -41.38 20.31 -9.80
C CYS A 150 -41.16 19.19 -8.82
N ARG A 151 -40.53 19.53 -7.70
CA ARG A 151 -40.27 18.53 -6.68
C ARG A 151 -40.30 19.08 -5.29
N LEU A 152 -40.97 18.38 -4.43
CA LEU A 152 -41.04 18.76 -3.05
C LEU A 152 -40.02 18.05 -2.20
N TYR A 153 -39.30 18.81 -1.41
CA TYR A 153 -38.26 18.29 -0.54
C TYR A 153 -38.60 18.54 0.90
N SER A 154 -38.42 17.54 1.71
CA SER A 154 -38.46 17.60 3.17
C SER A 154 -37.04 17.60 3.73
N PHE A 155 -36.71 18.59 4.58
CA PHE A 155 -35.34 18.72 5.12
C PHE A 155 -35.44 18.51 6.62
N SER A 156 -34.39 17.98 7.21
CA SER A 156 -34.21 17.97 8.67
C SER A 156 -35.40 17.30 9.33
N GLY A 157 -35.77 16.15 8.77
CA GLY A 157 -36.77 15.32 9.33
C GLY A 157 -38.20 15.83 9.27
N GLY A 158 -38.48 16.74 8.32
CA GLY A 158 -39.76 17.40 8.24
C GLY A 158 -39.85 18.76 8.98
N ASN A 159 -38.73 19.41 9.33
CA ASN A 159 -38.78 20.72 9.96
C ASN A 159 -38.84 21.80 8.94
N THR A 160 -38.46 21.51 7.68
CA THR A 160 -38.52 22.51 6.59
C THR A 160 -38.93 21.80 5.34
N TYR A 161 -39.74 22.45 4.51
CA TYR A 161 -40.13 21.95 3.19
C TYR A 161 -39.89 23.00 2.11
N ARG A 162 -39.20 22.62 1.01
CA ARG A 162 -39.12 23.50 -0.12
C ARG A 162 -39.52 22.82 -1.39
N LEU A 163 -40.14 23.63 -2.23
CA LEU A 163 -40.46 23.27 -3.58
C LEU A 163 -39.47 23.76 -4.59
N PHE A 164 -38.99 22.86 -5.42
CA PHE A 164 -38.14 23.25 -6.53
C PHE A 164 -38.92 23.15 -7.82
N LYS A 165 -38.81 24.18 -8.65
CA LYS A 165 -39.26 24.16 -10.06
C LYS A 165 -38.08 24.18 -11.03
N ASN A 166 -38.09 23.24 -11.95
CA ASN A 166 -37.07 23.04 -12.92
C ASN A 166 -37.63 23.03 -14.32
N LEU A 167 -36.96 23.68 -15.26
CA LEU A 167 -37.11 23.36 -16.67
C LEU A 167 -36.67 21.91 -16.94
N GLU A 168 -37.54 21.15 -17.56
CA GLU A 168 -37.33 19.72 -17.76
C GLU A 168 -36.98 19.48 -19.22
N ILE A 169 -35.69 19.40 -19.51
CA ILE A 169 -35.28 19.03 -20.87
C ILE A 169 -35.29 17.54 -21.09
N LYS A 170 -35.98 17.16 -22.15
CA LYS A 170 -36.32 15.76 -22.37
C LYS A 170 -35.74 15.17 -23.61
N ASP A 171 -34.99 15.93 -24.39
CA ASP A 171 -34.23 15.43 -25.53
C ASP A 171 -32.73 15.66 -25.21
N VAL A 172 -32.15 14.68 -24.55
CA VAL A 172 -30.70 14.72 -24.18
C VAL A 172 -29.97 13.82 -25.15
N ARG A 173 -28.98 14.33 -25.86
CA ARG A 173 -28.14 13.48 -26.75
C ARG A 173 -26.68 13.31 -26.31
N LEU A 174 -26.14 12.13 -26.61
CA LEU A 174 -24.74 11.86 -26.37
C LEU A 174 -23.85 12.54 -27.41
N ALA A 175 -22.95 13.41 -26.96
CA ALA A 175 -22.07 14.10 -27.86
C ALA A 175 -20.66 13.55 -27.82
N TYR A 176 -20.21 12.96 -26.70
CA TYR A 176 -18.83 12.42 -26.62
C TYR A 176 -18.66 11.61 -25.37
N ALA A 177 -18.02 10.48 -25.54
CA ALA A 177 -17.56 9.66 -24.44
C ALA A 177 -16.19 9.15 -24.78
N PRO A 178 -15.22 9.25 -23.83
CA PRO A 178 -13.95 8.64 -24.10
C PRO A 178 -14.11 7.13 -24.04
N PRO A 179 -13.12 6.39 -24.53
CA PRO A 179 -13.16 4.97 -24.41
C PRO A 179 -13.32 4.57 -22.93
N GLY A 180 -14.03 3.48 -22.68
CA GLY A 180 -14.22 2.93 -21.34
C GLY A 180 -12.94 2.75 -20.53
N SER A 181 -11.83 2.38 -21.18
CA SER A 181 -10.59 2.22 -20.49
C SER A 181 -10.01 3.55 -20.04
N VAL A 182 -10.52 4.64 -20.54
CA VAL A 182 -10.29 5.96 -19.95
C VAL A 182 -11.35 6.31 -18.92
N GLY A 183 -12.61 6.28 -19.36
CA GLY A 183 -13.73 6.62 -18.53
C GLY A 183 -13.88 5.87 -17.22
N LYS A 184 -13.46 4.61 -17.19
CA LYS A 184 -13.47 3.72 -16.03
C LYS A 184 -12.16 2.96 -15.90
N PHE A 185 -11.04 3.64 -16.20
CA PHE A 185 -9.76 3.11 -15.92
C PHE A 185 -9.63 2.60 -14.51
N GLY A 186 -9.17 1.32 -14.39
CA GLY A 186 -9.03 0.64 -13.07
C GLY A 186 -10.31 -0.07 -12.60
N GLY A 187 -11.40 0.16 -13.30
CA GLY A 187 -12.65 -0.52 -13.10
C GLY A 187 -13.05 -0.61 -11.62
N ASP A 188 -13.49 -1.81 -11.24
CA ASP A 188 -13.88 -2.06 -9.84
C ASP A 188 -12.76 -2.26 -8.87
N ILE A 189 -11.55 -2.44 -9.38
CA ILE A 189 -10.38 -2.55 -8.52
C ILE A 189 -10.05 -1.19 -7.96
N ASP A 190 -10.09 -0.12 -8.80
CA ASP A 190 -9.79 1.25 -8.32
C ASP A 190 -11.00 2.05 -7.81
N ASN A 191 -12.21 1.57 -8.08
CA ASN A 191 -13.41 2.18 -7.52
C ASN A 191 -13.34 2.33 -6.01
N TRP A 192 -13.76 3.51 -5.51
CA TRP A 192 -13.66 3.90 -4.12
C TRP A 192 -12.23 3.99 -3.66
N MET A 193 -11.26 4.11 -4.55
CA MET A 193 -9.83 4.09 -4.11
C MET A 193 -9.03 5.32 -4.62
N TRP A 194 -8.05 5.70 -3.80
CA TRP A 194 -6.94 6.60 -4.24
C TRP A 194 -5.68 5.83 -3.96
N PRO A 195 -4.59 6.01 -4.74
CA PRO A 195 -4.45 6.79 -6.00
C PRO A 195 -5.45 6.42 -7.10
N ARG A 196 -5.95 7.39 -7.83
CA ARG A 196 -6.96 7.13 -8.79
C ARG A 196 -6.43 7.77 -10.11
N HIS A 197 -6.77 7.15 -11.25
CA HIS A 197 -6.21 7.54 -12.58
C HIS A 197 -7.31 7.49 -13.71
N THR A 198 -8.47 7.97 -13.37
CA THR A 198 -9.69 7.72 -14.13
C THR A 198 -10.13 9.03 -14.79
N GLY A 199 -10.25 8.94 -16.11
CA GLY A 199 -10.86 10.01 -16.90
C GLY A 199 -12.36 9.95 -16.96
N ASP A 200 -13.00 10.19 -15.81
CA ASP A 200 -14.44 9.98 -15.67
C ASP A 200 -15.26 11.21 -16.10
N PHE A 201 -15.38 11.37 -17.43
CA PHE A 201 -16.18 12.43 -18.02
C PHE A 201 -16.86 11.94 -19.33
N ALA A 202 -17.86 12.70 -19.73
CA ALA A 202 -18.63 12.51 -20.94
C ALA A 202 -19.43 13.76 -21.18
N PHE A 203 -19.85 13.95 -22.41
CA PHE A 203 -20.65 15.11 -22.76
C PHE A 203 -22.01 14.71 -23.40
N TYR A 204 -23.04 15.42 -22.95
CA TYR A 204 -24.36 15.45 -23.57
C TYR A 204 -24.54 16.74 -24.32
N ARG A 205 -25.54 16.84 -25.20
CA ARG A 205 -26.11 18.13 -25.62
C ARG A 205 -27.58 18.14 -25.33
N ALA A 206 -28.05 19.27 -24.82
CA ALA A 206 -29.43 19.46 -24.47
C ALA A 206 -30.19 20.13 -25.66
N TYR A 207 -31.39 19.59 -25.95
CA TYR A 207 -32.23 20.03 -27.12
C TYR A 207 -33.66 20.41 -26.69
N VAL A 208 -34.21 21.38 -27.40
CA VAL A 208 -35.59 21.82 -27.18
C VAL A 208 -36.29 21.88 -28.57
N GLY A 209 -37.58 22.11 -28.60
CA GLY A 209 -38.30 22.30 -29.93
C GLY A 209 -37.89 23.62 -30.52
N LYS A 210 -38.19 23.84 -31.83
CA LYS A 210 -37.92 25.14 -32.46
C LYS A 210 -38.62 26.31 -31.76
N ASP A 211 -39.77 26.06 -31.12
CA ASP A 211 -40.43 27.10 -30.33
C ASP A 211 -39.78 27.32 -28.95
N GLY A 212 -38.63 26.69 -28.68
CA GLY A 212 -37.93 26.93 -27.44
C GLY A 212 -38.38 26.10 -26.26
N LYS A 213 -39.35 25.23 -26.45
CA LYS A 213 -39.95 24.60 -25.31
C LYS A 213 -39.50 23.15 -25.29
N PRO A 214 -39.33 22.56 -24.08
CA PRO A 214 -38.92 21.17 -23.98
C PRO A 214 -39.79 20.28 -24.83
N ALA A 215 -39.23 19.19 -25.32
CA ALA A 215 -39.96 18.21 -26.17
C ALA A 215 -39.22 16.89 -26.10
N ALA A 216 -39.91 15.76 -26.18
CA ALA A 216 -39.27 14.47 -26.50
C ALA A 216 -38.44 14.48 -27.77
N PHE A 217 -37.68 13.41 -28.00
CA PHE A 217 -36.68 13.40 -29.02
C PHE A 217 -37.40 13.71 -30.32
N SER A 218 -36.81 14.55 -31.16
CA SER A 218 -37.27 14.72 -32.52
C SER A 218 -36.13 15.24 -33.34
N LYS A 219 -36.06 14.82 -34.60
CA LYS A 219 -35.20 15.47 -35.57
C LYS A 219 -35.43 16.93 -35.81
N ASP A 220 -36.59 17.45 -35.48
CA ASP A 220 -36.80 18.88 -35.62
C ASP A 220 -36.31 19.73 -34.43
N ASN A 221 -35.93 19.08 -33.32
CA ASN A 221 -35.42 19.79 -32.15
C ASN A 221 -34.08 20.42 -32.44
N VAL A 222 -33.77 21.48 -31.72
CA VAL A 222 -32.50 22.17 -31.86
C VAL A 222 -31.82 22.40 -30.49
N PRO A 223 -30.51 22.70 -30.51
CA PRO A 223 -29.87 22.82 -29.21
C PRO A 223 -30.44 23.91 -28.35
N TYR A 224 -30.68 23.55 -27.10
CA TYR A 224 -30.93 24.51 -26.06
C TYR A 224 -29.82 25.56 -25.91
N GLN A 225 -30.25 26.81 -25.66
CA GLN A 225 -29.39 27.96 -25.45
C GLN A 225 -29.39 28.42 -24.01
N PRO A 226 -28.49 27.85 -23.18
CA PRO A 226 -28.56 28.14 -21.76
C PRO A 226 -28.23 29.60 -21.47
N LYS A 227 -28.85 30.13 -20.44
CA LYS A 227 -28.60 31.51 -19.99
C LYS A 227 -27.20 31.58 -19.41
N HIS A 228 -26.72 30.50 -18.77
CA HIS A 228 -25.35 30.51 -18.21
C HIS A 228 -24.62 29.21 -18.46
N TRP A 229 -23.32 29.29 -18.64
CA TRP A 229 -22.48 28.09 -18.79
C TRP A 229 -21.15 28.36 -18.11
N LEU A 230 -20.45 27.31 -17.73
CA LEU A 230 -19.11 27.40 -17.17
C LEU A 230 -17.97 27.61 -18.23
N LYS A 231 -16.93 28.30 -17.75
CA LYS A 231 -15.67 28.32 -18.48
C LYS A 231 -14.56 27.62 -17.77
N PHE A 232 -13.68 27.00 -18.55
CA PHE A 232 -12.50 26.37 -18.07
C PHE A 232 -11.57 27.39 -17.41
N ALA A 233 -10.99 26.99 -16.29
CA ALA A 233 -10.01 27.82 -15.66
C ALA A 233 -8.87 28.18 -16.63
N ASP A 234 -8.39 29.42 -16.48
CA ASP A 234 -7.16 29.87 -17.12
C ASP A 234 -6.00 29.83 -16.10
N GLN A 235 -6.26 29.61 -14.82
CA GLN A 235 -5.14 29.44 -13.87
C GLN A 235 -5.00 27.99 -13.43
N PRO A 236 -3.76 27.48 -13.41
CA PRO A 236 -3.50 26.10 -13.00
C PRO A 236 -3.81 25.82 -11.55
N LEU A 237 -4.58 24.77 -11.36
CA LEU A 237 -5.01 24.39 -10.01
C LEU A 237 -3.88 23.68 -9.32
N GLY A 238 -3.63 24.09 -8.08
CA GLY A 238 -2.53 23.56 -7.32
C GLY A 238 -2.94 23.17 -5.92
N ALA A 239 -2.04 22.47 -5.29
CA ALA A 239 -2.22 22.07 -3.92
C ALA A 239 -2.48 23.22 -3.00
N GLY A 240 -3.47 23.06 -2.15
CA GLY A 240 -3.96 24.09 -1.27
C GLY A 240 -4.96 25.09 -1.79
N ASP A 241 -5.19 25.10 -3.13
CA ASP A 241 -6.05 26.03 -3.74
C ASP A 241 -7.51 25.80 -3.34
N PHE A 242 -8.26 26.89 -3.30
CA PHE A 242 -9.73 26.82 -3.07
C PHE A 242 -10.48 26.08 -4.16
N VAL A 243 -11.41 25.18 -3.76
CA VAL A 243 -12.37 24.59 -4.68
C VAL A 243 -13.73 24.52 -3.99
N MET A 244 -14.79 24.58 -4.79
CA MET A 244 -16.13 24.41 -4.32
C MET A 244 -16.89 23.57 -5.32
N VAL A 245 -17.92 22.91 -4.84
CA VAL A 245 -18.79 22.11 -5.70
C VAL A 245 -20.21 22.50 -5.35
N ALA A 246 -21.04 22.58 -6.39
CA ALA A 246 -22.50 22.57 -6.23
C ALA A 246 -23.04 21.38 -6.95
N GLY A 247 -24.01 20.71 -6.33
CA GLY A 247 -24.57 19.52 -6.93
C GLY A 247 -25.77 19.07 -6.12
N TYR A 248 -26.16 17.80 -6.39
CA TYR A 248 -27.36 17.22 -5.86
C TYR A 248 -27.13 15.93 -5.06
N PRO A 249 -26.56 16.03 -3.85
CA PRO A 249 -26.28 14.78 -3.19
C PRO A 249 -27.58 14.12 -2.75
N GLY A 250 -27.62 12.79 -2.80
CA GLY A 250 -28.84 12.05 -2.72
C GLY A 250 -29.29 11.79 -1.28
N SER A 251 -28.45 11.16 -0.48
CA SER A 251 -28.84 10.92 0.88
C SER A 251 -27.66 10.67 1.85
N THR A 252 -27.77 11.24 3.03
CA THR A 252 -26.87 10.94 4.16
C THR A 252 -27.68 10.58 5.39
N ASN A 253 -27.00 9.99 6.38
CA ASN A 253 -27.67 9.49 7.60
C ASN A 253 -26.94 9.96 8.86
N ARG A 254 -26.52 11.20 8.83
CA ARG A 254 -25.74 11.75 9.94
C ARG A 254 -26.63 12.09 11.14
N TYR A 255 -27.91 12.32 10.91
CA TYR A 255 -28.88 12.40 11.97
C TYR A 255 -29.60 11.04 12.01
N ALA A 256 -29.31 10.20 12.95
CA ALA A 256 -29.87 8.85 12.96
C ALA A 256 -29.86 8.43 14.41
N LEU A 257 -30.87 7.66 14.80
CA LEU A 257 -30.74 6.92 16.06
C LEU A 257 -29.58 5.93 16.02
N ALA A 258 -28.98 5.67 17.18
CA ALA A 258 -28.02 4.62 17.29
C ALA A 258 -28.52 3.30 16.80
N ALA A 259 -29.79 3.00 17.04
CA ALA A 259 -30.35 1.76 16.56
C ALA A 259 -30.45 1.66 15.05
N GLU A 260 -30.70 2.77 14.40
CA GLU A 260 -30.77 2.78 12.94
C GLU A 260 -29.36 2.47 12.41
N PHE A 261 -28.34 3.07 12.99
CA PHE A 261 -26.96 2.71 12.65
C PHE A 261 -26.67 1.23 12.88
N ASP A 262 -27.06 0.70 14.06
CA ASP A 262 -26.74 -0.67 14.38
C ASP A 262 -27.39 -1.63 13.41
N ASN A 263 -28.63 -1.41 13.06
CA ASN A 263 -29.31 -2.31 12.10
C ASN A 263 -28.65 -2.25 10.72
N THR A 264 -28.21 -1.06 10.33
CA THR A 264 -27.59 -0.89 9.03
C THR A 264 -26.25 -1.62 8.92
N ALA A 265 -25.38 -1.45 9.92
CA ALA A 265 -24.10 -2.05 9.96
C ALA A 265 -24.17 -3.54 10.21
N GLN A 266 -25.10 -3.95 11.06
CA GLN A 266 -25.21 -5.37 11.38
C GLN A 266 -26.00 -6.22 10.41
N TRP A 267 -26.96 -5.66 9.72
CA TRP A 267 -27.88 -6.40 8.90
C TRP A 267 -28.01 -5.82 7.52
N THR A 268 -28.28 -4.52 7.36
CA THR A 268 -28.64 -4.04 6.02
C THR A 268 -27.46 -4.11 5.02
N TYR A 269 -26.32 -3.58 5.41
CA TYR A 269 -25.17 -3.57 4.48
C TYR A 269 -24.59 -4.96 4.21
N PRO A 270 -24.36 -5.77 5.25
CA PRO A 270 -23.89 -7.09 4.92
C PRO A 270 -24.84 -7.90 4.09
N THR A 271 -26.14 -7.80 4.38
CA THR A 271 -27.12 -8.56 3.59
C THR A 271 -27.15 -8.16 2.15
N ILE A 272 -27.23 -6.85 1.89
CA ILE A 272 -27.29 -6.37 0.49
C ILE A 272 -25.96 -6.65 -0.22
N ALA A 273 -24.85 -6.45 0.45
CA ALA A 273 -23.55 -6.71 -0.17
C ALA A 273 -23.46 -8.17 -0.62
N ARG A 274 -23.89 -9.08 0.24
CA ARG A 274 -23.89 -10.51 -0.10
C ARG A 274 -24.75 -10.75 -1.35
N HIS A 275 -25.98 -10.26 -1.39
CA HIS A 275 -26.93 -10.55 -2.49
C HIS A 275 -26.40 -9.98 -3.80
N TYR A 276 -25.83 -8.79 -3.71
CA TYR A 276 -25.25 -8.15 -4.89
C TYR A 276 -24.02 -8.95 -5.39
N LYS A 277 -23.12 -9.35 -4.50
CA LYS A 277 -22.00 -10.16 -4.93
C LYS A 277 -22.38 -11.54 -5.53
N ASN A 278 -23.46 -12.15 -5.00
CA ASN A 278 -23.97 -13.44 -5.58
C ASN A 278 -24.46 -13.23 -6.99
N GLN A 279 -25.23 -12.16 -7.22
CA GLN A 279 -25.72 -11.85 -8.54
C GLN A 279 -24.61 -11.46 -9.49
N ILE A 280 -23.64 -10.72 -8.96
CA ILE A 280 -22.49 -10.32 -9.80
C ILE A 280 -21.82 -11.59 -10.34
N ALA A 281 -21.61 -12.53 -9.47
CA ALA A 281 -20.90 -13.76 -9.81
C ALA A 281 -21.59 -14.55 -10.89
N MET A 282 -22.92 -14.62 -10.84
CA MET A 282 -23.66 -15.32 -11.88
C MET A 282 -23.62 -14.61 -13.19
N VAL A 283 -23.77 -13.29 -13.16
CA VAL A 283 -23.86 -12.55 -14.40
C VAL A 283 -22.48 -12.48 -15.09
N GLU A 284 -21.43 -12.37 -14.29
CA GLU A 284 -20.07 -12.32 -14.75
C GLU A 284 -19.76 -13.63 -15.51
N ALA A 285 -20.08 -14.72 -14.85
CA ALA A 285 -19.83 -16.04 -15.42
C ALA A 285 -20.59 -16.22 -16.73
N ALA A 286 -21.86 -15.87 -16.76
CA ALA A 286 -22.63 -15.97 -17.99
C ALA A 286 -22.17 -15.01 -19.11
N GLY A 287 -21.71 -13.82 -18.75
CA GLY A 287 -21.25 -12.91 -19.73
C GLY A 287 -19.93 -13.28 -20.38
N LYS A 288 -19.12 -14.05 -19.67
CA LYS A 288 -17.91 -14.64 -20.22
C LYS A 288 -18.21 -15.48 -21.47
N GLN A 289 -19.37 -16.13 -21.50
CA GLN A 289 -19.78 -17.05 -22.57
C GLN A 289 -20.71 -16.41 -23.61
N ASN A 290 -21.08 -15.13 -23.43
CA ASN A 290 -22.17 -14.58 -24.16
C ASN A 290 -21.99 -13.10 -24.15
N ALA A 291 -21.56 -12.54 -25.25
CA ALA A 291 -21.17 -11.14 -25.23
C ALA A 291 -22.42 -10.21 -25.28
N ASP A 292 -23.58 -10.74 -25.73
CA ASP A 292 -24.89 -10.07 -25.59
C ASP A 292 -25.33 -9.97 -24.12
N ILE A 293 -25.23 -11.03 -23.32
CA ILE A 293 -25.45 -10.86 -21.88
C ILE A 293 -24.46 -9.80 -21.31
N GLN A 294 -23.21 -9.86 -21.75
CA GLN A 294 -22.18 -8.98 -21.15
C GLN A 294 -22.50 -7.55 -21.41
N VAL A 295 -22.88 -7.20 -22.63
CA VAL A 295 -23.19 -5.82 -22.95
C VAL A 295 -24.55 -5.42 -22.40
N LYS A 296 -25.50 -6.34 -22.35
CA LYS A 296 -26.82 -5.95 -21.86
C LYS A 296 -26.86 -5.77 -20.34
N TYR A 297 -26.04 -6.51 -19.62
CA TYR A 297 -26.08 -6.41 -18.16
C TYR A 297 -24.98 -5.42 -17.62
N ALA A 298 -24.26 -4.72 -18.49
CA ALA A 298 -23.07 -3.99 -17.99
C ALA A 298 -23.49 -2.90 -16.99
N ALA A 299 -24.56 -2.15 -17.24
CA ALA A 299 -24.96 -1.05 -16.38
C ALA A 299 -25.47 -1.58 -15.06
N THR A 300 -26.27 -2.65 -15.08
CA THR A 300 -26.68 -3.36 -13.86
C THR A 300 -25.51 -3.83 -13.02
N MET A 301 -24.59 -4.51 -13.68
CA MET A 301 -23.37 -4.95 -13.01
C MET A 301 -22.57 -3.81 -12.42
N ALA A 302 -22.47 -2.70 -13.16
CA ALA A 302 -21.70 -1.57 -12.56
C ALA A 302 -22.35 -1.04 -11.23
N GLY A 303 -23.70 -0.98 -11.16
CA GLY A 303 -24.39 -0.63 -9.92
C GLY A 303 -24.15 -1.61 -8.80
N TRP A 304 -24.30 -2.91 -9.06
CA TRP A 304 -24.12 -3.90 -8.02
C TRP A 304 -22.71 -3.82 -7.46
N ASN A 305 -21.74 -3.69 -8.35
CA ASN A 305 -20.32 -3.62 -7.94
C ASN A 305 -20.16 -2.37 -7.06
N ASN A 306 -20.63 -1.25 -7.57
CA ASN A 306 -20.37 0.03 -6.87
C ASN A 306 -20.99 0.05 -5.46
N THR A 307 -22.25 -0.38 -5.36
CA THR A 307 -22.88 -0.49 -4.05
C THR A 307 -22.31 -1.51 -3.12
N SER A 308 -22.08 -2.72 -3.56
CA SER A 308 -21.54 -3.66 -2.68
C SER A 308 -20.17 -3.24 -2.16
N LYS A 309 -19.35 -2.71 -3.03
CA LYS A 309 -18.03 -2.22 -2.59
C LYS A 309 -18.12 -1.03 -1.62
N ASN A 310 -19.07 -0.16 -1.88
CA ASN A 310 -19.32 0.92 -1.00
C ASN A 310 -19.66 0.38 0.38
N TYR A 311 -20.55 -0.60 0.42
CA TYR A 311 -20.98 -1.17 1.72
C TYR A 311 -19.85 -1.86 2.46
N ASP A 312 -19.02 -2.62 1.75
CA ASP A 312 -17.77 -3.17 2.36
C ASP A 312 -16.91 -2.07 2.98
N GLY A 313 -16.76 -0.94 2.25
CA GLY A 313 -15.95 0.16 2.70
C GLY A 313 -16.59 0.82 3.94
N GLN A 314 -17.93 1.00 3.94
CA GLN A 314 -18.56 1.61 5.16
C GLN A 314 -18.27 0.73 6.41
N LEU A 315 -18.41 -0.57 6.26
CA LEU A 315 -18.26 -1.43 7.38
C LEU A 315 -16.84 -1.44 7.92
N GLU A 316 -15.87 -1.41 7.01
CA GLU A 316 -14.50 -1.29 7.43
C GLU A 316 -14.26 0.09 8.11
N GLY A 317 -14.84 1.17 7.55
CA GLY A 317 -14.66 2.48 8.10
C GLY A 317 -15.35 2.58 9.47
N PHE A 318 -16.49 1.92 9.65
CA PHE A 318 -17.12 1.94 10.97
C PHE A 318 -16.18 1.35 12.01
N LYS A 319 -15.48 0.28 11.68
CA LYS A 319 -14.55 -0.29 12.62
C LYS A 319 -13.41 0.67 12.86
N ARG A 320 -12.90 1.33 11.82
CA ARG A 320 -11.75 2.20 11.96
C ARG A 320 -12.02 3.33 12.92
N ILE A 321 -13.18 3.92 12.86
CA ILE A 321 -13.51 5.05 13.73
C ILE A 321 -14.36 4.68 15.01
N ASP A 322 -14.64 3.41 15.19
CA ASP A 322 -15.65 2.91 16.15
C ASP A 322 -16.95 3.65 16.07
N ALA A 323 -17.60 3.58 14.91
CA ALA A 323 -18.80 4.29 14.73
C ALA A 323 -19.92 3.85 15.69
N ALA A 324 -20.01 2.55 15.97
CA ALA A 324 -20.99 1.98 16.89
C ALA A 324 -20.91 2.68 18.24
N GLY A 325 -19.67 2.75 18.74
CA GLY A 325 -19.37 3.38 20.03
C GLY A 325 -19.63 4.87 19.98
N GLN A 326 -19.32 5.49 18.86
CA GLN A 326 -19.58 6.91 18.79
C GLN A 326 -21.08 7.20 18.80
N LYS A 327 -21.87 6.38 18.10
CA LYS A 327 -23.29 6.64 18.01
C LYS A 327 -23.92 6.39 19.43
N LEU A 328 -23.42 5.41 20.14
CA LEU A 328 -23.93 5.04 21.48
C LEU A 328 -23.70 6.17 22.46
N ARG A 329 -22.52 6.78 22.43
CA ARG A 329 -22.15 7.89 23.32
C ARG A 329 -22.79 9.23 22.96
N GLU A 330 -22.95 9.50 21.66
CA GLU A 330 -23.65 10.66 21.30
C GLU A 330 -25.11 10.56 21.73
N GLU A 331 -25.75 9.41 21.51
CA GLU A 331 -27.15 9.25 21.86
C GLU A 331 -27.28 9.33 23.42
N ALA A 332 -26.39 8.69 24.17
CA ALA A 332 -26.43 8.82 25.64
C ALA A 332 -26.28 10.30 26.02
N ALA A 333 -25.40 11.03 25.34
CA ALA A 333 -25.29 12.49 25.58
C ALA A 333 -26.53 13.28 25.27
N VAL A 334 -27.15 13.03 24.13
CA VAL A 334 -28.34 13.82 23.77
C VAL A 334 -29.49 13.53 24.72
N LEU A 335 -29.69 12.26 25.02
CA LEU A 335 -30.78 11.85 25.93
C LEU A 335 -30.59 12.37 27.40
N GLY A 336 -29.36 12.31 27.89
CA GLY A 336 -28.89 13.12 29.03
C GLY A 336 -29.29 14.58 29.00
N TRP A 337 -28.83 15.30 27.99
CA TRP A 337 -29.06 16.72 27.82
C TRP A 337 -30.56 17.01 27.82
N LEU A 338 -31.35 16.10 27.26
CA LEU A 338 -32.79 16.27 27.20
C LEU A 338 -33.44 16.08 28.61
N LYS A 339 -33.09 14.99 29.29
CA LYS A 339 -33.60 14.72 30.64
C LYS A 339 -33.22 15.86 31.57
N GLY A 340 -32.01 16.35 31.38
CA GLY A 340 -31.61 17.66 31.86
C GLY A 340 -32.56 18.84 31.79
N GLN A 341 -33.45 18.91 30.80
CA GLN A 341 -34.16 20.15 30.52
C GLN A 341 -35.58 20.18 31.11
N GLY A 342 -35.83 19.28 32.05
CA GLY A 342 -37.16 19.01 32.54
C GLY A 342 -38.24 18.87 31.49
N ALA A 343 -39.42 19.39 31.84
CA ALA A 343 -40.61 19.28 31.04
C ALA A 343 -40.32 19.56 29.56
N LYS A 344 -39.52 20.57 29.26
CA LYS A 344 -39.46 21.07 27.90
C LYS A 344 -38.64 20.13 26.97
N GLY A 345 -37.89 19.22 27.60
CA GLY A 345 -37.27 18.11 26.91
C GLY A 345 -38.14 16.88 26.65
N GLN A 346 -39.35 16.85 27.21
CA GLN A 346 -40.05 15.60 27.23
C GLN A 346 -40.56 15.20 25.85
N PRO A 347 -40.98 16.18 25.03
CA PRO A 347 -41.48 15.80 23.73
C PRO A 347 -40.39 15.12 22.88
N ALA A 348 -39.14 15.56 23.00
CA ALA A 348 -38.03 14.89 22.22
C ALA A 348 -37.73 13.50 22.79
N LEU A 349 -37.86 13.33 24.12
CA LEU A 349 -37.62 12.00 24.70
C LEU A 349 -38.65 11.03 24.24
N ASP A 350 -39.91 11.48 24.19
CA ASP A 350 -41.00 10.64 23.74
C ASP A 350 -40.90 10.33 22.25
N ALA A 351 -40.53 11.36 21.47
CA ALA A 351 -40.20 11.18 20.04
C ALA A 351 -39.13 10.13 19.87
N HIS A 352 -38.10 10.13 20.71
CA HIS A 352 -37.07 9.17 20.55
C HIS A 352 -37.61 7.75 20.76
N ALA A 353 -38.44 7.56 21.83
CA ALA A 353 -39.05 6.29 22.06
C ALA A 353 -39.92 5.82 20.94
N LYS A 354 -40.70 6.72 20.35
CA LYS A 354 -41.58 6.32 19.30
C LYS A 354 -40.75 5.88 18.10
N LEU A 355 -39.70 6.65 17.78
CA LEU A 355 -38.84 6.34 16.58
C LEU A 355 -38.19 4.96 16.73
N LEU A 356 -37.74 4.70 17.95
CA LEU A 356 -37.14 3.44 18.27
C LEU A 356 -38.12 2.29 18.09
N ASP A 357 -39.35 2.49 18.52
CA ASP A 357 -40.35 1.44 18.32
C ASP A 357 -40.69 1.17 16.85
N LEU A 358 -40.76 2.23 16.08
CA LEU A 358 -41.07 2.09 14.66
C LEU A 358 -39.97 1.38 13.92
N LEU A 359 -38.73 1.59 14.38
CA LEU A 359 -37.56 0.83 13.85
C LEU A 359 -37.68 -0.66 14.15
N GLU A 360 -38.09 -0.96 15.37
CA GLU A 360 -38.39 -2.37 15.73
C GLU A 360 -39.50 -3.00 14.88
N GLN A 361 -40.49 -2.24 14.50
CA GLN A 361 -41.58 -2.80 13.70
C GLN A 361 -41.11 -3.13 12.31
N SER A 362 -40.33 -2.24 11.72
CA SER A 362 -39.62 -2.54 10.48
C SER A 362 -38.74 -3.78 10.50
N LYS A 363 -37.99 -3.92 11.57
CA LYS A 363 -37.02 -4.95 11.72
C LYS A 363 -37.72 -6.29 11.71
N ALA A 364 -38.91 -6.39 12.29
CA ALA A 364 -39.53 -7.72 12.48
C ALA A 364 -39.75 -8.42 11.14
N THR A 365 -39.97 -7.63 10.07
CA THR A 365 -40.26 -8.19 8.76
C THR A 365 -39.20 -7.87 7.69
N ARG A 366 -38.01 -7.53 8.16
CA ARG A 366 -37.03 -6.97 7.22
C ARG A 366 -36.53 -7.97 6.17
N ASP A 367 -36.35 -9.22 6.54
CA ASP A 367 -35.97 -10.26 5.58
C ASP A 367 -37.01 -10.49 4.49
N ARG A 368 -38.25 -10.66 4.90
CA ARG A 368 -39.31 -10.84 3.97
C ARG A 368 -39.35 -9.68 3.01
N ASP A 369 -39.26 -8.48 3.58
CA ASP A 369 -39.56 -7.26 2.85
C ASP A 369 -38.47 -6.97 1.82
N LEU A 370 -37.21 -7.15 2.20
CA LEU A 370 -36.11 -7.11 1.28
C LEU A 370 -36.17 -8.18 0.22
N THR A 371 -36.32 -9.43 0.63
CA THR A 371 -36.35 -10.50 -0.33
C THR A 371 -37.48 -10.35 -1.32
N LEU A 372 -38.69 -10.01 -0.83
CA LEU A 372 -39.81 -9.88 -1.75
C LEU A 372 -39.60 -8.71 -2.75
N ALA A 373 -39.19 -7.56 -2.25
CA ALA A 373 -38.83 -6.39 -3.11
C ALA A 373 -37.82 -6.77 -4.25
N LEU A 374 -36.75 -7.49 -3.92
CA LEU A 374 -35.69 -7.78 -4.92
C LEU A 374 -36.09 -8.93 -5.87
N PHE A 375 -36.84 -9.94 -5.39
CA PHE A 375 -37.48 -10.90 -6.31
C PHE A 375 -38.35 -10.22 -7.32
N ASN A 376 -39.17 -9.29 -6.89
CA ASN A 376 -40.08 -8.58 -7.78
C ASN A 376 -39.41 -7.53 -8.59
N ASN A 377 -38.14 -7.28 -8.30
CA ASN A 377 -37.26 -6.37 -9.13
C ASN A 377 -36.54 -7.05 -10.29
N THR A 378 -36.61 -8.36 -10.45
CA THR A 378 -36.14 -9.00 -11.68
C THR A 378 -37.04 -8.53 -12.84
N ALA A 379 -36.62 -8.76 -14.08
CA ALA A 379 -37.04 -7.96 -15.19
C ALA A 379 -38.51 -8.21 -15.54
N MET A 380 -38.92 -9.48 -15.56
CA MET A 380 -40.29 -9.82 -15.99
C MET A 380 -41.29 -9.60 -14.89
N LEU A 381 -40.93 -9.92 -13.68
CA LEU A 381 -41.86 -9.73 -12.58
C LEU A 381 -42.00 -8.27 -12.19
N GLY A 382 -40.90 -7.54 -12.35
CA GLY A 382 -40.93 -6.11 -12.12
C GLY A 382 -41.79 -5.48 -13.18
N SER A 383 -41.67 -5.91 -14.43
CA SER A 383 -42.51 -5.35 -15.49
C SER A 383 -44.01 -5.67 -15.24
N ALA A 384 -44.25 -6.94 -14.88
CA ALA A 384 -45.64 -7.42 -14.72
C ALA A 384 -46.28 -6.70 -13.55
N THR A 385 -45.61 -6.66 -12.41
CA THR A 385 -46.16 -5.92 -11.25
C THR A 385 -46.35 -4.42 -11.45
N GLN A 386 -45.36 -3.75 -12.05
CA GLN A 386 -45.48 -2.35 -12.35
C GLN A 386 -46.68 -2.10 -13.27
N LEU A 387 -46.78 -2.90 -14.32
CA LEU A 387 -47.79 -2.63 -15.30
C LEU A 387 -49.20 -2.92 -14.75
N TYR A 388 -49.30 -3.98 -13.99
CA TYR A 388 -50.58 -4.33 -13.37
C TYR A 388 -51.00 -3.26 -12.37
N ARG A 389 -50.01 -2.74 -11.64
CA ARG A 389 -50.32 -1.68 -10.65
C ARG A 389 -50.85 -0.43 -11.38
N LEU A 390 -50.22 -0.15 -12.53
CA LEU A 390 -50.61 1.01 -13.34
C LEU A 390 -52.08 0.88 -13.75
N SER A 391 -52.46 -0.31 -14.22
CA SER A 391 -53.86 -0.57 -14.65
C SER A 391 -54.86 -0.33 -13.49
N ILE A 392 -54.48 -0.62 -12.27
CA ILE A 392 -55.33 -0.37 -11.10
C ILE A 392 -55.42 1.14 -10.84
N GLU A 393 -54.28 1.82 -10.85
CA GLU A 393 -54.24 3.25 -10.56
C GLU A 393 -55.03 4.02 -11.59
N ARG A 394 -55.00 3.58 -12.85
CA ARG A 394 -55.66 4.27 -13.94
C ARG A 394 -57.20 4.39 -13.76
N GLU A 395 -57.80 3.49 -13.00
CA GLU A 395 -59.22 3.59 -12.66
C GLU A 395 -59.53 4.61 -11.59
N LYS A 396 -58.54 5.27 -11.00
CA LYS A 396 -58.84 6.36 -10.08
C LYS A 396 -58.66 7.72 -10.76
N PRO A 397 -59.31 8.77 -10.22
CA PRO A 397 -58.97 10.09 -10.73
C PRO A 397 -57.47 10.36 -10.60
N ASN A 398 -56.90 11.09 -11.54
CA ASN A 398 -55.42 11.35 -11.45
C ASN A 398 -54.91 11.81 -10.09
N ALA A 399 -55.59 12.76 -9.41
CA ALA A 399 -55.14 13.27 -8.13
C ALA A 399 -55.05 12.23 -7.04
N GLU A 400 -55.73 11.11 -7.20
CA GLU A 400 -55.72 10.11 -6.17
C GLU A 400 -54.78 8.95 -6.51
N ARG A 401 -54.13 9.02 -7.68
CA ARG A 401 -53.24 7.96 -8.12
C ARG A 401 -51.96 8.02 -7.31
N GLU A 402 -51.41 6.85 -7.04
CA GLU A 402 -50.16 6.72 -6.29
C GLU A 402 -49.07 7.47 -7.07
N SER A 403 -48.25 8.20 -6.34
CA SER A 403 -47.04 8.76 -6.89
C SER A 403 -46.21 7.72 -7.69
N GLY A 404 -45.77 8.07 -8.88
CA GLY A 404 -45.13 7.13 -9.76
C GLY A 404 -46.08 6.50 -10.75
N TYR A 405 -47.39 6.69 -10.57
CA TYR A 405 -48.42 6.08 -11.46
C TYR A 405 -49.44 7.16 -11.91
N GLN A 406 -49.06 8.44 -11.76
CA GLN A 406 -49.91 9.52 -12.25
C GLN A 406 -49.61 9.85 -13.68
N GLU A 407 -50.38 10.75 -14.26
CA GLU A 407 -50.16 11.06 -15.66
C GLU A 407 -48.76 11.61 -15.92
N ARG A 408 -48.29 12.39 -14.99
CA ARG A 408 -46.94 12.95 -15.06
C ARG A 408 -45.80 11.91 -15.06
N ASP A 409 -46.09 10.67 -14.64
CA ASP A 409 -45.10 9.59 -14.57
C ASP A 409 -45.15 8.68 -15.78
N LEU A 410 -46.20 8.79 -16.57
CA LEU A 410 -46.35 7.96 -17.75
C LEU A 410 -45.18 8.01 -18.72
N PRO A 411 -44.58 9.19 -18.98
CA PRO A 411 -43.41 9.13 -19.88
C PRO A 411 -42.25 8.29 -19.37
N ALA A 412 -41.92 8.38 -18.08
CA ALA A 412 -40.89 7.56 -17.47
C ALA A 412 -41.24 6.06 -17.49
N ILE A 413 -42.49 5.72 -17.23
CA ILE A 413 -42.88 4.29 -17.23
C ILE A 413 -42.64 3.72 -18.61
N GLU A 414 -43.19 4.40 -19.60
CA GLU A 414 -43.05 3.96 -20.96
C GLU A 414 -41.61 3.84 -21.40
N GLY A 415 -40.82 4.87 -21.10
CA GLY A 415 -39.41 4.85 -21.45
C GLY A 415 -38.64 3.72 -20.81
N GLY A 416 -38.97 3.42 -19.57
CA GLY A 416 -38.42 2.27 -18.84
C GLY A 416 -38.66 0.98 -19.60
N LEU A 417 -39.90 0.78 -20.06
CA LEU A 417 -40.22 -0.50 -20.73
C LEU A 417 -39.49 -0.66 -22.05
N LYS A 418 -39.15 0.46 -22.73
CA LYS A 418 -38.34 0.42 -23.91
C LYS A 418 -36.90 0.25 -23.58
N GLN A 419 -36.37 0.98 -22.61
CA GLN A 419 -34.97 0.85 -22.29
C GLN A 419 -34.61 -0.55 -21.89
N LEU A 420 -35.55 -1.27 -21.28
CA LEU A 420 -35.29 -2.63 -20.86
C LEU A 420 -34.89 -3.62 -21.97
N GLU A 421 -35.26 -3.33 -23.20
CA GLU A 421 -34.82 -4.12 -24.37
C GLU A 421 -33.29 -4.33 -24.41
N ARG A 422 -32.55 -3.33 -23.95
CA ARG A 422 -31.10 -3.29 -24.04
C ARG A 422 -30.51 -3.77 -22.73
N ARG A 423 -31.36 -4.27 -21.84
CA ARG A 423 -30.94 -4.65 -20.51
C ARG A 423 -31.47 -5.99 -20.00
N TYR A 424 -31.89 -6.86 -20.90
CA TYR A 424 -32.66 -8.09 -20.52
C TYR A 424 -32.27 -9.17 -21.52
N VAL A 425 -31.95 -10.30 -20.96
CA VAL A 425 -31.78 -11.54 -21.69
C VAL A 425 -32.44 -12.65 -20.85
N ALA A 426 -33.33 -13.44 -21.48
CA ALA A 426 -34.17 -14.37 -20.73
C ALA A 426 -33.35 -15.37 -19.91
N ALA A 427 -32.31 -15.91 -20.54
CA ALA A 427 -31.55 -16.96 -19.88
C ALA A 427 -30.84 -16.37 -18.66
N MET A 428 -30.52 -15.07 -18.71
CA MET A 428 -29.84 -14.45 -17.53
C MET A 428 -30.88 -14.15 -16.43
N ASP A 429 -31.98 -13.51 -16.79
CA ASP A 429 -33.04 -13.20 -15.84
C ASP A 429 -33.58 -14.45 -15.11
N ARG A 430 -33.66 -15.55 -15.86
CA ARG A 430 -34.00 -16.83 -15.24
C ARG A 430 -33.08 -17.24 -14.07
N GLN A 431 -31.76 -17.12 -14.20
CA GLN A 431 -30.89 -17.41 -13.11
C GLN A 431 -31.09 -16.46 -11.91
N LEU A 432 -31.41 -15.22 -12.19
CA LEU A 432 -31.70 -14.24 -11.14
C LEU A 432 -33.01 -14.55 -10.46
N GLN A 433 -34.02 -14.82 -11.24
CA GLN A 433 -35.29 -15.42 -10.64
C GLN A 433 -34.97 -16.61 -9.72
N GLU A 434 -34.10 -17.51 -10.18
CA GLU A 434 -33.83 -18.71 -9.43
C GLU A 434 -33.09 -18.39 -8.17
N TYR A 435 -32.12 -17.46 -8.27
CA TYR A 435 -31.45 -17.01 -7.03
C TYR A 435 -32.49 -16.51 -6.01
N TRP A 436 -33.43 -15.67 -6.47
CA TRP A 436 -34.29 -15.04 -5.49
C TRP A 436 -35.34 -16.04 -4.93
N LEU A 437 -35.73 -16.99 -5.76
CA LEU A 437 -36.63 -18.04 -5.29
C LEU A 437 -35.95 -18.88 -4.22
N ASN A 438 -34.68 -19.24 -4.42
CA ASN A 438 -33.91 -19.97 -3.40
C ASN A 438 -33.70 -19.18 -2.13
N GLU A 439 -33.47 -17.86 -2.22
CA GLU A 439 -33.46 -17.03 -1.05
C GLU A 439 -34.84 -16.95 -0.38
N TYR A 440 -35.90 -16.92 -1.17
CA TYR A 440 -37.25 -16.81 -0.61
C TYR A 440 -37.54 -18.04 0.31
N ILE A 441 -37.06 -19.18 -0.12
CA ILE A 441 -37.41 -20.42 0.49
C ILE A 441 -36.64 -20.60 1.76
N LYS A 442 -35.52 -19.91 1.89
CA LYS A 442 -34.81 -19.90 3.15
C LYS A 442 -35.47 -19.12 4.26
N LEU A 443 -36.43 -18.25 3.91
CA LEU A 443 -37.09 -17.51 4.92
C LEU A 443 -37.85 -18.49 5.84
N PRO A 444 -37.89 -18.13 7.09
CA PRO A 444 -38.71 -18.85 8.04
C PRO A 444 -40.18 -18.55 7.90
N ALA A 445 -40.96 -19.35 8.62
CA ALA A 445 -42.39 -19.52 8.38
C ALA A 445 -43.12 -18.22 8.59
N ASP A 446 -42.75 -17.49 9.63
CA ASP A 446 -43.36 -16.19 9.90
C ASP A 446 -42.90 -15.06 8.98
N GLN A 447 -41.94 -15.29 8.13
CA GLN A 447 -41.53 -14.27 7.17
C GLN A 447 -41.94 -14.59 5.75
N ARG A 448 -42.72 -15.65 5.58
CA ARG A 448 -43.20 -16.03 4.25
C ARG A 448 -44.50 -15.27 3.93
N VAL A 449 -44.86 -15.29 2.68
CA VAL A 449 -45.95 -14.58 2.08
C VAL A 449 -46.86 -15.69 1.49
N ALA A 450 -48.12 -15.72 1.91
CA ALA A 450 -48.99 -16.86 1.58
C ALA A 450 -49.16 -16.93 0.08
N ALA A 451 -49.23 -15.79 -0.58
CA ALA A 451 -49.49 -15.76 -1.98
C ALA A 451 -48.35 -16.35 -2.81
N VAL A 452 -47.10 -16.09 -2.38
CA VAL A 452 -45.94 -16.60 -3.07
C VAL A 452 -45.81 -18.09 -2.75
N ASP A 453 -46.00 -18.48 -1.50
CA ASP A 453 -45.99 -19.92 -1.15
C ASP A 453 -47.00 -20.71 -2.01
N ALA A 454 -48.23 -20.23 -2.14
CA ALA A 454 -49.23 -20.93 -2.95
C ALA A 454 -48.84 -20.96 -4.39
N TRP A 455 -48.28 -19.86 -4.89
CA TRP A 455 -47.91 -19.80 -6.30
C TRP A 455 -46.78 -20.77 -6.54
N LEU A 456 -45.90 -20.90 -5.55
CA LEU A 456 -44.74 -21.77 -5.69
C LEU A 456 -45.15 -23.25 -5.61
N GLY A 457 -46.02 -23.55 -4.66
CA GLY A 457 -46.65 -24.87 -4.56
C GLY A 457 -45.60 -25.89 -4.22
N GLY A 458 -44.71 -25.56 -3.32
CA GLY A 458 -43.66 -26.50 -2.91
C GLY A 458 -42.46 -25.74 -2.37
N ASN A 459 -41.53 -26.45 -1.74
CA ASN A 459 -40.49 -25.78 -1.00
C ASN A 459 -39.09 -26.27 -1.31
N ASP A 460 -38.88 -26.83 -2.49
CA ASP A 460 -37.67 -27.58 -2.81
C ASP A 460 -37.20 -27.24 -4.19
N ALA A 461 -36.05 -27.80 -4.58
CA ALA A 461 -35.45 -27.51 -5.90
C ALA A 461 -36.42 -27.81 -7.03
N ALA A 462 -37.23 -28.87 -6.93
CA ALA A 462 -38.14 -29.20 -8.01
C ALA A 462 -39.23 -28.13 -8.23
N ALA A 463 -39.84 -27.65 -7.15
CA ALA A 463 -40.86 -26.59 -7.23
C ALA A 463 -40.28 -25.30 -7.86
N VAL A 464 -39.04 -25.02 -7.50
CA VAL A 464 -38.32 -23.84 -8.05
C VAL A 464 -38.21 -24.03 -9.54
N LYS A 465 -37.78 -25.21 -9.99
CA LYS A 465 -37.62 -25.45 -11.40
C LYS A 465 -38.97 -25.37 -12.10
N ARG A 466 -40.03 -25.89 -11.48
CA ARG A 466 -41.36 -25.81 -12.15
C ARG A 466 -41.81 -24.36 -12.27
N ALA A 467 -41.56 -23.57 -11.22
CA ALA A 467 -41.95 -22.16 -11.30
C ALA A 467 -41.16 -21.39 -12.38
N LEU A 468 -39.88 -21.69 -12.53
CA LEU A 468 -39.09 -21.02 -13.56
C LEU A 468 -39.54 -21.40 -14.96
N ASP A 469 -39.84 -22.69 -15.13
CA ASP A 469 -40.30 -23.18 -16.42
C ASP A 469 -41.62 -22.54 -16.75
N ARG A 470 -42.47 -22.39 -15.76
CA ARG A 470 -43.74 -21.67 -15.94
C ARG A 470 -43.49 -20.20 -16.32
N LEU A 471 -42.67 -19.49 -15.53
CA LEU A 471 -42.39 -18.08 -15.88
C LEU A 471 -41.73 -17.88 -17.25
N ALA A 472 -40.94 -18.84 -17.71
CA ALA A 472 -40.30 -18.68 -19.02
C ALA A 472 -41.28 -18.58 -20.15
N GLY A 473 -42.52 -19.04 -19.94
CA GLY A 473 -43.58 -18.82 -20.93
C GLY A 473 -44.13 -17.39 -21.12
N THR A 474 -43.71 -16.43 -20.28
CA THR A 474 -44.15 -15.03 -20.46
C THR A 474 -43.81 -14.54 -21.83
N LYS A 475 -44.63 -13.65 -22.35
CA LYS A 475 -44.29 -12.90 -23.56
C LYS A 475 -43.78 -11.47 -23.25
N LEU A 476 -43.67 -11.12 -21.98
CA LEU A 476 -43.17 -9.78 -21.60
C LEU A 476 -41.70 -9.55 -21.97
N GLY A 477 -41.00 -10.60 -22.40
CA GLY A 477 -39.63 -10.45 -22.91
C GLY A 477 -39.48 -9.43 -24.03
N SER A 478 -40.55 -9.09 -24.75
CA SER A 478 -40.46 -8.22 -25.93
C SER A 478 -41.04 -6.85 -25.60
N THR A 479 -40.44 -5.82 -26.18
CA THR A 479 -40.81 -4.45 -25.91
C THR A 479 -42.28 -4.24 -26.33
N GLU A 480 -42.65 -4.80 -27.48
CA GLU A 480 -44.00 -4.55 -27.99
C GLU A 480 -45.05 -5.15 -27.07
N GLU A 481 -44.72 -6.28 -26.46
CA GLU A 481 -45.67 -6.88 -25.55
C GLU A 481 -45.79 -6.07 -24.22
N ARG A 482 -44.65 -5.61 -23.72
CA ARG A 482 -44.68 -4.67 -22.62
C ARG A 482 -45.54 -3.41 -22.89
N LEU A 483 -45.40 -2.81 -24.07
CA LEU A 483 -46.17 -1.58 -24.38
C LEU A 483 -47.65 -1.85 -24.59
N LYS A 484 -47.96 -3.03 -25.09
CA LYS A 484 -49.37 -3.45 -25.12
C LYS A 484 -49.97 -3.45 -23.73
N TRP A 485 -49.26 -4.02 -22.78
CA TRP A 485 -49.79 -4.10 -21.44
C TRP A 485 -49.83 -2.75 -20.75
N PHE A 486 -48.93 -1.86 -21.19
CA PHE A 486 -48.87 -0.47 -20.65
C PHE A 486 -50.15 0.26 -20.87
N ALA A 487 -50.79 -0.02 -22.00
CA ALA A 487 -52.07 0.56 -22.38
C ALA A 487 -53.32 -0.18 -21.95
N ALA A 488 -53.20 -1.41 -21.45
CA ALA A 488 -54.35 -2.35 -21.31
C ALA A 488 -55.05 -2.10 -19.99
N ASP A 489 -56.33 -2.47 -19.89
CA ASP A 489 -57.02 -2.18 -18.64
C ASP A 489 -56.96 -3.36 -17.73
N ARG A 490 -57.38 -3.10 -16.51
CA ARG A 490 -57.17 -4.01 -15.42
C ARG A 490 -57.80 -5.43 -15.73
N LYS A 491 -58.98 -5.42 -16.35
CA LYS A 491 -59.64 -6.69 -16.59
C LYS A 491 -58.85 -7.48 -17.56
N ALA A 492 -58.21 -6.81 -18.55
CA ALA A 492 -57.34 -7.56 -19.45
C ALA A 492 -56.17 -8.25 -18.69
N PHE A 493 -55.60 -7.59 -17.67
CA PHE A 493 -54.57 -8.24 -16.87
C PHE A 493 -55.12 -9.47 -16.16
N GLU A 494 -56.28 -9.29 -15.52
CA GLU A 494 -56.90 -10.36 -14.73
C GLU A 494 -57.40 -11.53 -15.59
N ALA A 495 -57.58 -11.31 -16.87
CA ALA A 495 -57.95 -12.38 -17.79
C ALA A 495 -56.76 -13.11 -18.41
N SER A 496 -55.51 -12.67 -18.15
CA SER A 496 -54.43 -13.07 -19.03
C SER A 496 -53.99 -14.41 -18.57
N ASN A 497 -53.52 -15.24 -19.48
CA ASN A 497 -52.77 -16.43 -19.13
C ASN A 497 -51.27 -16.25 -19.24
N ASP A 498 -50.78 -15.02 -19.42
CA ASP A 498 -49.33 -14.78 -19.29
C ASP A 498 -48.86 -15.10 -17.87
N PRO A 499 -47.89 -15.99 -17.73
CA PRO A 499 -47.52 -16.43 -16.39
C PRO A 499 -46.89 -15.37 -15.45
N ALA A 500 -46.20 -14.39 -16.03
CA ALA A 500 -45.67 -13.25 -15.22
C ALA A 500 -46.82 -12.37 -14.83
N ILE A 501 -47.78 -12.12 -15.74
CA ILE A 501 -48.98 -11.38 -15.38
C ILE A 501 -49.74 -12.11 -14.29
N GLN A 502 -49.82 -13.45 -14.41
CA GLN A 502 -50.57 -14.17 -13.41
C GLN A 502 -49.95 -14.07 -12.04
N TYR A 503 -48.61 -14.09 -12.05
CA TYR A 503 -47.88 -13.86 -10.82
C TYR A 503 -48.19 -12.51 -10.23
N ALA A 504 -48.13 -11.45 -11.05
CA ALA A 504 -48.42 -10.09 -10.58
C ALA A 504 -49.85 -10.03 -9.98
N VAL A 505 -50.81 -10.67 -10.63
CA VAL A 505 -52.23 -10.63 -10.13
C VAL A 505 -52.33 -11.35 -8.84
N ALA A 506 -51.62 -12.46 -8.72
CA ALA A 506 -51.64 -13.23 -7.52
C ALA A 506 -51.10 -12.47 -6.27
N VAL A 507 -50.04 -11.69 -6.46
CA VAL A 507 -49.33 -11.09 -5.34
C VAL A 507 -49.74 -9.67 -5.06
N MET A 508 -50.36 -9.01 -6.02
CA MET A 508 -50.71 -7.59 -5.86
C MET A 508 -51.46 -7.23 -4.59
N PRO A 509 -52.49 -8.02 -4.18
CA PRO A 509 -53.13 -7.67 -2.89
C PRO A 509 -52.17 -7.60 -1.73
N THR A 510 -51.20 -8.50 -1.69
CA THR A 510 -50.20 -8.56 -0.65
C THR A 510 -49.28 -7.31 -0.77
N LEU A 511 -48.87 -6.97 -1.97
CA LEU A 511 -48.01 -5.76 -2.11
C LEU A 511 -48.71 -4.54 -1.65
N LEU A 512 -49.99 -4.42 -1.98
CA LEU A 512 -50.76 -3.26 -1.53
C LEU A 512 -50.96 -3.21 -0.02
N LYS A 513 -51.18 -4.34 0.61
CA LYS A 513 -51.24 -4.38 2.05
C LYS A 513 -49.93 -3.97 2.65
N LEU A 514 -48.81 -4.53 2.16
CA LEU A 514 -47.49 -4.09 2.64
C LEU A 514 -47.23 -2.57 2.45
N GLU A 515 -47.70 -2.00 1.35
CA GLU A 515 -47.53 -0.55 1.11
C GLU A 515 -48.32 0.24 2.16
N GLN A 516 -49.56 -0.18 2.46
CA GLN A 516 -50.36 0.46 3.52
C GLN A 516 -49.65 0.44 4.81
N GLU A 517 -49.01 -0.66 5.13
CA GLU A 517 -48.24 -0.73 6.36
C GLU A 517 -47.08 0.25 6.36
N ARG A 518 -46.36 0.34 5.24
CA ARG A 518 -45.25 1.27 5.19
C ARG A 518 -45.80 2.73 5.30
N LYS A 519 -46.91 2.99 4.66
CA LYS A 519 -47.49 4.34 4.72
C LYS A 519 -47.91 4.67 6.18
N THR A 520 -48.40 3.66 6.86
CA THR A 520 -48.81 3.81 8.25
C THR A 520 -47.60 4.15 9.13
N ARG A 521 -46.52 3.40 9.01
CA ARG A 521 -45.33 3.72 9.76
C ARG A 521 -44.79 5.11 9.35
N ALA A 522 -44.90 5.50 8.08
CA ALA A 522 -44.34 6.78 7.61
C ALA A 522 -45.14 7.89 8.35
N GLY A 523 -46.43 7.65 8.58
CA GLY A 523 -47.32 8.65 9.17
C GLY A 523 -46.91 8.83 10.62
N GLU A 524 -46.57 7.75 11.27
CA GLU A 524 -46.09 7.82 12.66
C GLU A 524 -44.77 8.55 12.69
N ASN A 525 -43.90 8.22 11.74
CA ASN A 525 -42.65 8.95 11.63
C ASN A 525 -42.80 10.46 11.39
N LEU A 526 -43.81 10.86 10.61
CA LEU A 526 -44.07 12.25 10.35
C LEU A 526 -44.26 13.01 11.66
N ALA A 527 -44.81 12.36 12.67
CA ALA A 527 -45.14 13.00 13.93
C ALA A 527 -43.89 13.13 14.79
N ALA A 528 -43.09 12.09 14.87
CA ALA A 528 -41.97 12.02 15.83
C ALA A 528 -40.60 12.52 15.26
N ARG A 529 -40.36 12.27 13.99
CA ARG A 529 -39.07 12.63 13.39
C ARG A 529 -38.71 14.11 13.53
N PRO A 530 -39.60 15.08 13.18
CA PRO A 530 -39.17 16.49 13.26
C PRO A 530 -38.77 16.94 14.65
N VAL A 531 -39.46 16.40 15.66
CA VAL A 531 -39.21 16.82 17.01
C VAL A 531 -37.90 16.28 17.50
N TYR A 532 -37.63 15.02 17.22
CA TYR A 532 -36.33 14.47 17.62
C TYR A 532 -35.17 15.10 16.83
N LEU A 533 -35.34 15.26 15.52
CA LEU A 533 -34.21 15.71 14.69
C LEU A 533 -33.93 17.19 15.02
N GLN A 534 -34.98 17.96 15.35
CA GLN A 534 -34.74 19.32 15.90
C GLN A 534 -33.92 19.34 17.18
N ALA A 535 -34.16 18.38 18.06
CA ALA A 535 -33.40 18.27 19.26
C ALA A 535 -31.95 17.89 19.00
N LEU A 536 -31.74 16.98 18.07
CA LEU A 536 -30.39 16.60 17.65
C LEU A 536 -29.68 17.88 17.13
N ALA A 537 -30.35 18.67 16.30
CA ALA A 537 -29.74 19.87 15.74
C ALA A 537 -29.37 20.89 16.80
N ASP A 538 -30.29 21.07 17.75
CA ASP A 538 -30.10 22.01 18.84
C ASP A 538 -28.94 21.51 19.71
N TYR A 539 -28.88 20.21 19.98
CA TYR A 539 -27.74 19.67 20.73
C TYR A 539 -26.39 19.90 20.02
N LYS A 540 -26.37 19.71 18.70
CA LYS A 540 -25.14 19.90 17.96
C LYS A 540 -24.72 21.35 18.06
N LYS A 541 -25.66 22.28 17.93
CA LYS A 541 -25.33 23.70 18.01
C LYS A 541 -24.76 24.04 19.42
N SER A 542 -25.26 23.36 20.45
CA SER A 542 -24.84 23.66 21.83
C SER A 542 -23.45 23.11 22.03
N GLN A 543 -23.03 22.16 21.21
CA GLN A 543 -21.64 21.70 21.22
C GLN A 543 -20.75 22.47 20.23
N GLY A 544 -21.30 23.47 19.53
CA GLY A 544 -20.59 24.24 18.50
C GLY A 544 -20.16 23.34 17.29
N GLU A 545 -20.96 22.33 16.92
CA GLU A 545 -20.73 21.50 15.73
C GLU A 545 -21.40 22.17 14.50
N PHE A 546 -21.00 21.82 13.27
CA PHE A 546 -21.71 22.28 12.10
C PHE A 546 -23.10 21.69 12.01
N VAL A 547 -24.08 22.52 11.59
CA VAL A 547 -25.45 22.14 11.46
C VAL A 547 -25.99 22.36 10.05
N TYR A 548 -26.27 21.26 9.35
CA TYR A 548 -26.77 21.32 7.99
C TYR A 548 -27.62 20.09 7.85
N PRO A 549 -28.59 20.15 6.96
CA PRO A 549 -29.48 18.97 6.86
C PRO A 549 -28.81 17.78 6.16
N ASP A 550 -29.26 16.57 6.46
CA ASP A 550 -28.88 15.40 5.61
C ASP A 550 -29.24 15.63 4.15
N ALA A 551 -28.44 15.03 3.27
CA ALA A 551 -28.75 15.09 1.85
C ALA A 551 -30.11 14.48 1.57
N ASN A 552 -30.79 15.05 0.58
CA ASN A 552 -32.14 14.66 0.21
C ASN A 552 -32.42 14.94 -1.24
N LEU A 553 -31.39 14.87 -2.11
CA LEU A 553 -31.44 15.09 -3.56
C LEU A 553 -31.61 16.53 -4.06
N SER A 554 -31.50 17.50 -3.16
CA SER A 554 -31.61 18.89 -3.53
C SER A 554 -30.24 19.52 -3.56
N LEU A 555 -30.23 20.76 -4.01
CA LEU A 555 -29.03 21.44 -4.42
C LEU A 555 -28.24 21.79 -3.17
N ARG A 556 -26.97 21.37 -3.14
CA ARG A 556 -26.09 21.73 -2.03
C ARG A 556 -24.76 22.31 -2.49
N ILE A 557 -24.11 23.05 -1.58
CA ILE A 557 -22.77 23.63 -1.81
C ILE A 557 -21.80 23.10 -0.75
N THR A 558 -20.63 22.69 -1.19
CA THR A 558 -19.53 22.28 -0.32
C THR A 558 -18.28 22.95 -0.84
N PHE A 559 -17.33 23.20 0.03
CA PHE A 559 -16.12 24.02 -0.27
C PHE A 559 -15.02 23.65 0.63
N GLY A 560 -13.80 23.98 0.21
CA GLY A 560 -12.59 23.57 0.88
C GLY A 560 -11.42 23.79 -0.06
N ASN A 561 -10.45 22.91 0.03
CA ASN A 561 -9.17 23.12 -0.60
C ASN A 561 -8.62 21.76 -1.09
N VAL A 562 -7.74 21.85 -2.09
CA VAL A 562 -7.05 20.72 -2.66
C VAL A 562 -6.05 20.25 -1.64
N MET A 563 -6.11 19.00 -1.30
CA MET A 563 -5.25 18.44 -0.28
C MET A 563 -5.34 16.96 -0.23
N GLY A 564 -4.23 16.33 0.06
CA GLY A 564 -4.23 14.86 0.24
C GLY A 564 -4.66 14.43 1.63
N TYR A 565 -4.30 13.23 2.04
CA TYR A 565 -4.67 12.77 3.40
C TYR A 565 -3.66 11.70 3.81
N ALA A 566 -3.57 11.39 5.09
CA ALA A 566 -2.63 10.41 5.57
C ALA A 566 -3.35 9.18 6.11
N PRO A 567 -3.20 8.06 5.40
CA PRO A 567 -3.99 6.89 5.69
C PRO A 567 -3.37 6.12 6.88
N LYS A 568 -2.06 6.26 7.08
CA LYS A 568 -1.38 5.60 8.17
C LYS A 568 -0.02 6.23 8.43
N ASP A 569 0.57 5.97 9.59
CA ASP A 569 1.79 6.56 9.95
C ASP A 569 2.89 6.19 8.91
N GLY A 570 3.74 7.16 8.60
CA GLY A 570 4.87 6.96 7.68
C GLY A 570 4.47 7.11 6.21
N MET A 571 3.23 7.51 5.91
CA MET A 571 2.73 7.57 4.54
C MET A 571 1.78 8.76 4.41
N GLU A 572 1.76 9.36 3.20
CA GLU A 572 0.79 10.33 2.83
C GLU A 572 0.36 10.10 1.40
N TYR A 573 -0.89 10.40 1.10
CA TYR A 573 -1.31 10.50 -0.26
C TYR A 573 -1.20 11.92 -0.71
N THR A 574 -0.65 12.12 -1.91
CA THR A 574 -0.41 13.44 -2.44
C THR A 574 -1.71 13.89 -3.12
N PRO A 575 -1.85 15.19 -3.29
CA PRO A 575 -3.14 15.64 -3.78
C PRO A 575 -3.44 15.34 -5.23
N PHE A 576 -2.40 15.14 -6.05
CA PHE A 576 -2.54 14.83 -7.49
C PHE A 576 -2.06 13.50 -7.87
N THR A 577 -2.69 12.91 -8.90
CA THR A 577 -2.03 11.96 -9.72
C THR A 577 -1.63 12.60 -11.08
N THR A 578 -0.85 11.85 -11.82
CA THR A 578 -0.25 12.31 -13.09
C THR A 578 -0.32 11.28 -14.23
N LEU A 579 0.02 11.71 -15.42
CA LEU A 579 -0.09 10.82 -16.56
C LEU A 579 0.78 9.61 -16.42
N GLU A 580 2.02 9.77 -15.92
CA GLU A 580 2.95 8.68 -15.77
C GLU A 580 2.34 7.62 -14.80
N GLY A 581 1.49 8.06 -13.88
CA GLY A 581 0.80 7.11 -13.02
C GLY A 581 -0.21 6.22 -13.71
N VAL A 582 -0.80 6.74 -14.73
CA VAL A 582 -1.80 5.98 -15.49
C VAL A 582 -1.01 4.86 -16.19
N VAL A 583 0.08 5.23 -16.84
CA VAL A 583 0.87 4.23 -17.60
C VAL A 583 1.54 3.23 -16.72
N ALA A 584 1.90 3.62 -15.51
CA ALA A 584 2.53 2.65 -14.56
C ALA A 584 1.62 1.51 -14.18
N LYS A 585 0.31 1.77 -14.23
CA LYS A 585 -0.71 0.73 -13.91
C LYS A 585 -1.06 -0.17 -15.09
N GLU A 586 -0.58 0.18 -16.30
CA GLU A 586 -0.93 -0.57 -17.50
C GLU A 586 -0.60 -2.07 -17.39
N THR A 587 -1.56 -2.94 -17.68
CA THR A 587 -1.29 -4.37 -17.81
C THR A 587 -1.71 -4.95 -19.16
N GLY A 588 -2.38 -4.18 -19.98
CA GLY A 588 -2.94 -4.65 -21.26
C GLY A 588 -4.14 -5.56 -21.13
N GLN A 589 -4.71 -5.71 -19.94
CA GLN A 589 -5.90 -6.50 -19.66
C GLN A 589 -6.91 -5.55 -18.91
N ASP A 590 -8.17 -5.57 -19.28
CA ASP A 590 -9.20 -4.95 -18.49
C ASP A 590 -9.01 -5.24 -16.96
N PRO A 591 -9.07 -4.22 -16.07
CA PRO A 591 -9.43 -2.84 -16.36
C PRO A 591 -8.25 -1.88 -16.55
N PHE A 592 -7.05 -2.40 -16.72
CA PHE A 592 -5.83 -1.59 -16.79
C PHE A 592 -5.26 -1.65 -18.21
N ASP A 593 -6.11 -1.30 -19.19
CA ASP A 593 -5.77 -1.40 -20.61
C ASP A 593 -6.06 -0.07 -21.34
N SER A 594 -5.23 0.96 -21.08
CA SER A 594 -5.44 2.26 -21.67
C SER A 594 -5.38 2.22 -23.23
N PRO A 595 -6.05 3.17 -23.86
CA PRO A 595 -5.87 3.30 -25.32
C PRO A 595 -4.43 3.44 -25.72
N LYS A 596 -4.08 2.81 -26.84
CA LYS A 596 -2.71 2.85 -27.28
C LYS A 596 -2.22 4.28 -27.47
N ALA A 597 -3.12 5.18 -27.88
CA ALA A 597 -2.74 6.54 -28.14
C ALA A 597 -2.35 7.29 -26.84
N LEU A 598 -2.92 6.81 -25.73
CA LEU A 598 -2.59 7.33 -24.43
C LEU A 598 -1.20 6.87 -24.05
N LEU A 599 -0.94 5.60 -24.18
CA LEU A 599 0.36 5.08 -23.82
C LEU A 599 1.48 5.74 -24.67
N ASP A 600 1.21 5.91 -25.97
CA ASP A 600 2.16 6.63 -26.90
C ASP A 600 2.39 8.06 -26.50
N ALA A 601 1.34 8.80 -26.17
CA ALA A 601 1.46 10.20 -25.92
C ALA A 601 2.20 10.45 -24.63
N VAL A 602 1.98 9.62 -23.62
CA VAL A 602 2.72 9.79 -22.39
C VAL A 602 4.21 9.44 -22.57
N ALA A 603 4.49 8.33 -23.24
CA ALA A 603 5.86 7.93 -23.58
C ALA A 603 6.60 9.06 -24.29
N ALA A 604 5.94 9.76 -25.21
CA ALA A 604 6.53 10.89 -25.95
C ALA A 604 6.48 12.21 -25.22
N LYS A 605 5.97 12.23 -23.98
CA LYS A 605 5.86 13.44 -23.20
C LYS A 605 5.13 14.52 -23.96
N ARG A 606 4.04 14.15 -24.62
CA ARG A 606 3.20 15.11 -25.25
C ARG A 606 2.15 15.58 -24.30
N TYR A 607 2.41 16.72 -23.69
CA TYR A 607 1.60 17.28 -22.62
C TYR A 607 0.62 18.33 -23.09
N GLY A 608 0.71 18.67 -24.37
CA GLY A 608 -0.36 19.39 -25.02
C GLY A 608 -0.58 20.80 -24.58
N GLY A 609 0.43 21.43 -23.99
CA GLY A 609 0.24 22.71 -23.37
C GLY A 609 -0.45 22.69 -22.02
N LEU A 610 -0.60 21.51 -21.40
CA LEU A 610 -1.39 21.41 -20.17
C LEU A 610 -0.59 21.01 -18.95
N GLU A 611 0.68 20.82 -19.15
CA GLU A 611 1.56 20.50 -18.04
C GLU A 611 1.44 21.52 -16.87
N ASP A 612 1.39 20.99 -15.64
CA ASP A 612 1.55 21.84 -14.47
C ASP A 612 2.97 21.58 -14.00
N LYS A 613 3.78 22.62 -14.13
CA LYS A 613 5.20 22.56 -13.85
C LYS A 613 5.42 22.13 -12.43
N ARG A 614 4.51 22.43 -11.50
CA ARG A 614 4.73 22.03 -10.11
C ARG A 614 4.66 20.55 -9.87
N ILE A 615 3.99 19.80 -10.74
CA ILE A 615 4.03 18.37 -10.59
C ILE A 615 4.72 17.66 -11.74
N GLY A 616 5.23 18.39 -12.73
CA GLY A 616 6.07 17.79 -13.76
C GLY A 616 5.32 17.02 -14.83
N SER A 617 4.01 17.23 -14.91
CA SER A 617 3.15 16.39 -15.74
C SER A 617 1.78 17.03 -15.90
N VAL A 618 0.92 16.43 -16.73
CA VAL A 618 -0.51 16.81 -16.75
C VAL A 618 -1.19 16.09 -15.56
N PRO A 619 -1.96 16.83 -14.76
CA PRO A 619 -2.67 16.20 -13.65
C PRO A 619 -3.83 15.38 -14.18
N VAL A 620 -4.12 14.33 -13.45
CA VAL A 620 -5.15 13.36 -13.88
C VAL A 620 -6.36 13.47 -12.93
N ASN A 621 -6.17 13.05 -11.67
CA ASN A 621 -7.18 13.26 -10.66
C ASN A 621 -6.58 13.97 -9.43
N TYR A 622 -7.44 14.48 -8.57
CA TYR A 622 -7.02 15.11 -7.34
C TYR A 622 -7.98 14.91 -6.21
N LEU A 623 -7.44 15.02 -5.02
CA LEU A 623 -8.12 15.06 -3.74
C LEU A 623 -8.36 16.45 -3.18
N SER A 624 -9.51 16.57 -2.49
CA SER A 624 -9.84 17.81 -1.78
C SER A 624 -10.78 17.46 -0.62
N ASP A 625 -10.81 18.35 0.37
CA ASP A 625 -11.56 18.08 1.57
C ASP A 625 -13.02 18.52 1.46
N LEU A 626 -13.63 18.36 0.30
CA LEU A 626 -15.03 18.67 0.16
C LEU A 626 -15.88 17.50 0.67
N ASP A 627 -17.15 17.80 0.87
CA ASP A 627 -18.11 16.86 1.50
C ASP A 627 -19.19 16.48 0.47
N ILE A 628 -18.99 15.37 -0.24
CA ILE A 628 -19.91 14.95 -1.27
C ILE A 628 -20.34 13.52 -1.03
N THR A 629 -21.35 13.13 -1.76
CA THR A 629 -21.81 11.75 -1.72
C THR A 629 -22.55 11.35 -2.97
N GLY A 630 -23.12 10.14 -2.98
CA GLY A 630 -23.91 9.66 -4.13
C GLY A 630 -24.91 10.71 -4.64
N GLY A 631 -24.91 10.98 -5.93
CA GLY A 631 -25.69 12.06 -6.52
C GLY A 631 -24.82 13.25 -6.94
N ASN A 632 -23.67 13.42 -6.28
CA ASN A 632 -22.70 14.45 -6.65
C ASN A 632 -21.79 14.09 -7.81
N SER A 633 -21.80 12.86 -8.30
CA SER A 633 -21.01 12.55 -9.47
C SER A 633 -21.43 13.45 -10.61
N GLY A 634 -20.47 14.06 -11.27
CA GLY A 634 -20.70 14.93 -12.38
C GLY A 634 -20.75 16.41 -11.99
N SER A 635 -20.69 16.72 -10.72
CA SER A 635 -20.77 18.05 -10.23
C SER A 635 -19.48 18.80 -10.69
N PRO A 636 -19.64 20.04 -11.12
CA PRO A 636 -18.44 20.77 -11.53
C PRO A 636 -17.71 21.17 -10.26
N VAL A 637 -16.40 21.19 -10.38
CA VAL A 637 -15.52 21.72 -9.32
C VAL A 637 -15.10 23.12 -9.84
N LEU A 638 -15.40 24.14 -9.07
CA LEU A 638 -15.04 25.51 -9.36
C LEU A 638 -13.88 25.96 -8.49
N ASP A 639 -13.07 26.81 -9.07
CA ASP A 639 -11.98 27.46 -8.39
C ASP A 639 -12.42 28.81 -7.73
N ALA A 640 -11.43 29.59 -7.25
CA ALA A 640 -11.72 30.82 -6.52
C ALA A 640 -12.48 31.84 -7.31
N HIS A 641 -12.31 31.78 -8.64
CA HIS A 641 -12.95 32.71 -9.58
C HIS A 641 -14.13 32.10 -10.29
N GLY A 642 -14.62 30.93 -9.81
CA GLY A 642 -15.80 30.32 -10.35
C GLY A 642 -15.61 29.61 -11.69
N LYS A 643 -14.37 29.27 -11.99
CA LYS A 643 -14.03 28.63 -13.23
C LYS A 643 -13.90 27.10 -13.01
N LEU A 644 -14.10 26.35 -14.07
CA LEU A 644 -14.14 24.91 -14.00
C LEU A 644 -12.71 24.30 -13.95
N VAL A 645 -12.44 23.58 -12.87
CA VAL A 645 -11.21 22.90 -12.64
C VAL A 645 -11.30 21.39 -12.53
N GLY A 646 -12.50 20.87 -12.64
CA GLY A 646 -12.64 19.38 -12.67
C GLY A 646 -14.13 18.98 -12.48
N LEU A 647 -14.33 17.66 -12.38
CA LEU A 647 -15.64 17.09 -12.12
C LEU A 647 -15.50 16.17 -10.93
N ALA A 648 -16.37 16.31 -9.96
CA ALA A 648 -16.47 15.37 -8.87
C ALA A 648 -16.80 14.00 -9.43
N PHE A 649 -16.19 12.95 -8.92
CA PHE A 649 -16.67 11.57 -9.25
C PHE A 649 -16.64 10.51 -8.21
N ASP A 650 -15.84 10.57 -7.14
CA ASP A 650 -15.75 9.45 -6.20
C ASP A 650 -15.25 10.01 -4.87
N GLY A 651 -15.21 9.10 -3.90
CA GLY A 651 -14.50 9.30 -2.67
C GLY A 651 -13.48 8.24 -2.39
N ASN A 652 -12.51 8.57 -1.53
CA ASN A 652 -11.52 7.62 -1.17
C ASN A 652 -12.11 6.57 -0.21
N TRP A 653 -11.38 5.47 -0.04
CA TRP A 653 -11.90 4.26 0.60
C TRP A 653 -12.37 4.57 2.03
N GLU A 654 -11.58 5.35 2.73
CA GLU A 654 -11.87 5.63 4.15
C GLU A 654 -12.96 6.65 4.33
N SER A 655 -13.42 7.31 3.25
CA SER A 655 -14.38 8.37 3.31
C SER A 655 -15.80 7.88 3.52
N VAL A 656 -16.05 6.64 3.11
CA VAL A 656 -17.47 6.26 2.75
C VAL A 656 -18.33 6.12 4.04
N SER A 657 -17.69 5.77 5.15
CA SER A 657 -18.40 5.73 6.39
C SER A 657 -18.90 7.12 6.91
N SER A 658 -18.47 8.19 6.26
CA SER A 658 -18.98 9.51 6.52
C SER A 658 -20.47 9.71 6.19
N ASN A 659 -21.11 8.74 5.55
CA ASN A 659 -22.53 8.76 5.38
C ASN A 659 -23.23 8.71 6.75
N TRP A 660 -22.54 8.06 7.72
CA TRP A 660 -23.10 7.89 9.13
C TRP A 660 -22.39 8.72 10.14
N VAL A 661 -21.06 8.69 10.11
CA VAL A 661 -20.27 9.45 11.09
C VAL A 661 -19.14 10.20 10.35
N PHE A 662 -19.22 11.53 10.23
CA PHE A 662 -18.24 12.33 9.49
C PHE A 662 -16.85 12.24 10.10
N ASP A 663 -15.85 11.83 9.29
CA ASP A 663 -14.46 11.85 9.72
C ASP A 663 -13.64 12.88 8.91
N PRO A 664 -13.35 14.06 9.50
CA PRO A 664 -12.63 15.06 8.72
C PRO A 664 -11.25 14.64 8.21
N LYS A 665 -10.50 13.83 8.90
CA LYS A 665 -9.12 13.57 8.49
C LYS A 665 -9.03 12.70 7.22
N MET A 666 -10.02 11.81 7.01
CA MET A 666 -9.94 10.85 5.92
C MET A 666 -11.09 10.95 4.94
N THR A 667 -11.80 12.06 4.97
CA THR A 667 -12.89 12.30 4.03
C THR A 667 -12.42 13.22 2.94
N ARG A 668 -12.27 12.65 1.74
CA ARG A 668 -11.91 13.47 0.57
C ARG A 668 -12.79 13.17 -0.65
N MET A 669 -13.02 14.18 -1.47
CA MET A 669 -13.50 14.07 -2.84
C MET A 669 -12.35 13.68 -3.75
N ILE A 670 -12.62 12.75 -4.66
CA ILE A 670 -11.84 12.49 -5.86
C ILE A 670 -12.51 13.12 -7.06
N ALA A 671 -11.75 14.00 -7.71
CA ALA A 671 -12.17 14.71 -8.93
C ALA A 671 -11.25 14.46 -10.07
N VAL A 672 -11.81 14.54 -11.27
CA VAL A 672 -11.03 14.43 -12.47
C VAL A 672 -10.64 15.88 -12.86
N ASP A 673 -9.37 16.13 -13.16
CA ASP A 673 -8.93 17.52 -13.45
C ASP A 673 -9.48 17.95 -14.85
N GLY A 674 -9.94 19.19 -15.00
CA GLY A 674 -10.32 19.74 -16.29
C GLY A 674 -9.17 19.63 -17.27
N ARG A 675 -7.91 19.67 -16.82
CA ARG A 675 -6.79 19.53 -17.75
C ARG A 675 -6.68 18.18 -18.30
N TYR A 676 -7.14 17.17 -17.56
CA TYR A 676 -7.08 15.86 -18.09
C TYR A 676 -8.18 15.60 -19.13
N LEU A 677 -9.41 16.09 -18.89
CA LEU A 677 -10.48 16.13 -19.92
C LEU A 677 -9.96 16.72 -21.22
N ARG A 678 -9.36 17.90 -21.09
CA ARG A 678 -8.73 18.57 -22.29
C ARG A 678 -7.63 17.71 -22.90
N TRP A 679 -6.74 17.14 -22.11
CA TRP A 679 -5.69 16.41 -22.65
C TRP A 679 -6.12 15.15 -23.39
N ILE A 680 -7.08 14.48 -22.81
CA ILE A 680 -7.64 13.30 -23.51
C ILE A 680 -8.26 13.68 -24.88
N MET A 681 -8.96 14.77 -24.87
CA MET A 681 -9.65 15.33 -26.04
C MET A 681 -8.71 15.99 -27.07
N GLN A 682 -7.46 16.21 -26.69
CA GLN A 682 -6.37 16.62 -27.61
C GLN A 682 -5.59 15.46 -28.14
N GLU A 683 -5.07 14.57 -27.27
CA GLU A 683 -4.02 13.64 -27.63
C GLU A 683 -4.45 12.21 -27.80
N VAL A 684 -5.62 11.81 -27.25
CA VAL A 684 -5.92 10.42 -27.12
C VAL A 684 -7.19 10.01 -27.91
N TYR A 685 -8.30 10.73 -27.75
CA TYR A 685 -9.62 10.40 -28.37
C TYR A 685 -10.17 11.78 -28.81
N PRO A 686 -9.66 12.31 -29.93
CA PRO A 686 -9.70 13.74 -30.08
C PRO A 686 -11.09 14.27 -30.43
N ALA A 687 -11.44 15.46 -29.91
CA ALA A 687 -12.72 16.12 -30.19
C ALA A 687 -12.51 17.61 -30.37
N PRO A 688 -11.81 17.97 -31.47
CA PRO A 688 -11.42 19.39 -31.65
C PRO A 688 -12.63 20.27 -31.75
N GLN A 689 -13.76 19.72 -32.22
CA GLN A 689 -14.97 20.51 -32.35
C GLN A 689 -15.47 20.97 -30.99
N LEU A 690 -15.37 20.10 -29.99
CA LEU A 690 -15.94 20.44 -28.65
C LEU A 690 -14.98 21.36 -27.94
N LEU A 691 -13.67 21.12 -28.13
CA LEU A 691 -12.70 22.02 -27.51
C LEU A 691 -12.88 23.44 -28.05
N LYS A 692 -13.03 23.54 -29.36
CA LYS A 692 -13.33 24.84 -29.97
C LYS A 692 -14.58 25.48 -29.41
N GLU A 693 -15.64 24.71 -29.23
CA GLU A 693 -16.90 25.21 -28.73
C GLU A 693 -16.80 25.69 -27.28
N MET A 694 -15.91 25.09 -26.50
CA MET A 694 -15.56 25.52 -25.14
C MET A 694 -14.40 26.53 -25.03
N ASN A 695 -14.08 27.16 -26.15
CA ASN A 695 -12.78 27.75 -26.51
C ASN A 695 -11.58 27.47 -25.71
N VAL A 696 -11.21 26.22 -25.83
CA VAL A 696 -9.93 25.79 -25.44
C VAL A 696 -9.39 25.01 -26.61
N GLY A 697 -9.73 25.44 -27.83
CA GLY A 697 -9.22 24.84 -29.04
C GLY A 697 -7.97 25.53 -29.46
N GLY B 1 23.03 11.16 -0.97
CA GLY B 1 23.05 10.72 -2.40
C GLY B 1 24.01 9.52 -2.52
N GLU B 2 24.13 9.05 -3.74
CA GLU B 2 25.05 7.95 -4.14
C GLU B 2 26.43 8.12 -3.66
N GLY B 3 26.98 7.02 -3.15
CA GLY B 3 28.40 6.88 -2.97
C GLY B 3 28.81 6.37 -1.59
N MET B 4 29.70 5.38 -1.64
CA MET B 4 30.29 4.83 -0.45
C MET B 4 31.76 5.21 -0.53
N TRP B 5 32.06 6.41 -0.03
CA TRP B 5 33.28 7.19 -0.32
C TRP B 5 34.36 6.64 0.60
N VAL B 6 35.56 6.40 0.07
CA VAL B 6 36.70 6.13 0.93
C VAL B 6 37.15 7.42 1.59
N PRO B 7 37.77 7.32 2.76
CA PRO B 7 38.16 8.49 3.48
C PRO B 7 39.17 9.32 2.61
N GLN B 8 39.85 8.68 1.66
CA GLN B 8 40.83 9.34 0.80
C GLN B 8 40.13 10.13 -0.31
N GLN B 9 38.84 9.94 -0.51
CA GLN B 9 38.07 10.81 -1.44
C GLN B 9 37.49 12.03 -0.75
N LEU B 10 37.77 12.25 0.51
CA LEU B 10 37.27 13.48 1.14
C LEU B 10 37.44 14.83 0.36
N PRO B 11 38.60 15.05 -0.35
CA PRO B 11 38.73 16.29 -1.18
C PRO B 11 37.70 16.35 -2.28
N GLU B 12 37.49 15.24 -2.96
CA GLU B 12 36.39 15.15 -3.88
C GLU B 12 34.98 15.45 -3.27
N ILE B 13 34.71 15.12 -2.02
CA ILE B 13 33.35 15.28 -1.51
C ILE B 13 33.22 16.48 -0.54
N ALA B 14 34.24 17.30 -0.42
CA ALA B 14 34.22 18.34 0.58
C ALA B 14 33.16 19.36 0.28
N GLY B 15 33.08 19.74 -1.00
CA GLY B 15 32.17 20.73 -1.50
C GLY B 15 30.73 20.20 -1.44
N PRO B 16 30.53 18.97 -1.93
CA PRO B 16 29.19 18.36 -1.81
C PRO B 16 28.73 18.21 -0.37
N LEU B 17 29.66 17.93 0.54
CA LEU B 17 29.37 17.80 1.97
C LEU B 17 28.87 19.12 2.53
N LYS B 18 29.58 20.22 2.22
CA LYS B 18 29.11 21.57 2.58
C LYS B 18 27.76 21.94 2.03
N LYS B 19 27.53 21.68 0.76
CA LYS B 19 26.30 22.01 0.11
C LYS B 19 25.14 21.20 0.69
N ALA B 20 25.43 19.98 1.13
CA ALA B 20 24.37 19.22 1.79
C ALA B 20 24.09 19.63 3.24
N GLY B 21 25.03 20.29 3.89
CA GLY B 21 24.80 20.92 5.15
C GLY B 21 25.82 20.64 6.26
N LEU B 22 26.93 19.97 5.96
CA LEU B 22 27.93 19.71 6.98
C LEU B 22 28.49 21.01 7.48
N LYS B 23 28.52 21.19 8.79
CA LYS B 23 28.99 22.43 9.43
C LYS B 23 30.37 22.19 10.13
N LEU B 24 30.75 20.93 10.36
CA LEU B 24 32.18 20.57 10.57
C LEU B 24 33.07 20.81 9.34
N SER B 25 34.35 21.11 9.58
CA SER B 25 35.27 21.21 8.46
C SER B 25 35.56 19.83 7.88
N PRO B 26 35.75 19.75 6.58
CA PRO B 26 36.23 18.53 5.93
C PRO B 26 37.50 17.96 6.53
N GLN B 27 38.38 18.87 6.98
CA GLN B 27 39.54 18.59 7.84
C GLN B 27 39.28 17.72 9.04
N GLN B 28 38.22 18.04 9.77
CA GLN B 28 37.89 17.35 11.00
C GLN B 28 37.39 15.93 10.74
N ILE B 29 36.62 15.78 9.68
CA ILE B 29 36.09 14.44 9.22
C ILE B 29 37.17 13.54 8.64
N SER B 30 38.29 14.16 8.24
CA SER B 30 39.40 13.48 7.57
C SER B 30 40.25 12.74 8.58
N ASP B 31 40.20 13.22 9.83
CA ASP B 31 40.98 12.68 10.92
C ASP B 31 40.29 11.41 11.43
N LEU B 32 40.68 10.26 10.88
CA LEU B 32 39.96 9.00 11.12
C LEU B 32 40.17 8.44 12.52
N THR B 33 41.11 9.01 13.26
CA THR B 33 41.17 8.77 14.70
C THR B 33 40.85 9.98 15.55
N GLY B 34 40.24 11.01 14.94
CA GLY B 34 39.76 12.19 15.66
C GLY B 34 38.30 12.14 16.13
N ASP B 35 37.84 13.32 16.53
CA ASP B 35 36.43 13.57 16.81
C ASP B 35 35.72 14.03 15.54
N PRO B 36 34.59 13.37 15.15
CA PRO B 36 33.89 12.20 15.70
C PRO B 36 34.34 10.82 15.15
N MET B 37 35.06 10.79 14.01
CA MET B 37 35.31 9.57 13.29
C MET B 37 36.01 8.47 14.06
N GLY B 38 36.86 8.85 15.02
CA GLY B 38 37.63 7.93 15.89
C GLY B 38 36.78 7.22 16.90
N ALA B 39 35.53 7.66 17.02
CA ALA B 39 34.52 6.95 17.80
C ALA B 39 33.84 5.80 17.09
N VAL B 40 33.93 5.76 15.77
CA VAL B 40 33.31 4.72 15.00
C VAL B 40 34.19 3.44 14.98
N VAL B 41 33.55 2.31 15.32
CA VAL B 41 34.23 0.96 15.42
C VAL B 41 33.55 -0.09 14.53
N ALA B 42 34.34 -1.08 14.10
CA ALA B 42 33.88 -2.23 13.36
C ALA B 42 33.68 -3.39 14.36
N LEU B 43 32.60 -4.15 14.17
CA LEU B 43 32.33 -5.31 14.97
C LEU B 43 32.71 -6.60 14.24
N GLY B 44 32.98 -6.52 12.94
CA GLY B 44 33.06 -7.68 12.05
C GLY B 44 31.74 -8.04 11.43
N GLY B 45 31.36 -7.35 10.38
CA GLY B 45 30.04 -7.54 9.75
C GLY B 45 28.90 -6.68 10.29
N CYS B 46 29.17 -5.89 11.32
CA CYS B 46 28.30 -4.76 11.74
C CYS B 46 29.24 -3.63 12.12
N THR B 47 28.71 -2.45 12.25
CA THR B 47 29.45 -1.27 12.74
C THR B 47 28.88 -0.95 14.10
N ALA B 48 29.58 -0.15 14.87
CA ALA B 48 29.14 0.37 16.12
C ALA B 48 29.86 1.66 16.41
N SER B 49 29.62 2.25 17.57
CA SER B 49 30.36 3.44 17.98
C SER B 49 30.42 3.61 19.50
N PHE B 50 31.47 4.25 19.99
CA PHE B 50 31.63 4.52 21.42
C PHE B 50 30.74 5.70 21.75
N VAL B 51 30.02 5.58 22.84
CA VAL B 51 29.20 6.64 23.31
C VAL B 51 29.40 7.04 24.78
N SER B 52 30.50 6.59 25.40
CA SER B 52 30.93 7.24 26.67
C SER B 52 32.42 7.09 26.85
N PRO B 53 33.00 7.92 27.77
CA PRO B 53 34.45 7.71 28.12
C PRO B 53 34.78 6.38 28.84
N ASN B 54 33.75 5.66 29.30
CA ASN B 54 33.91 4.31 29.87
C ASN B 54 33.66 3.06 28.99
N GLY B 55 33.87 3.13 27.66
CA GLY B 55 33.77 1.96 26.79
C GLY B 55 32.40 1.46 26.35
N LEU B 56 31.37 2.24 26.62
CA LEU B 56 30.01 1.96 26.15
C LEU B 56 29.94 2.10 24.62
N VAL B 57 29.40 1.07 24.00
CA VAL B 57 29.33 0.91 22.57
C VAL B 57 27.87 0.69 22.23
N VAL B 58 27.38 1.46 21.26
CA VAL B 58 26.01 1.28 20.81
C VAL B 58 26.03 0.72 19.40
N THR B 59 25.10 -0.23 19.15
CA THR B 59 24.93 -0.85 17.86
C THR B 59 23.48 -1.28 17.77
N ASN B 60 23.09 -2.00 16.72
CA ASN B 60 21.74 -2.48 16.55
C ASN B 60 21.49 -3.74 17.39
N HIS B 61 20.24 -3.93 17.78
CA HIS B 61 19.77 -5.19 18.39
C HIS B 61 20.05 -6.43 17.51
N HIS B 62 19.80 -6.33 16.20
CA HIS B 62 20.07 -7.46 15.32
C HIS B 62 21.56 -7.73 15.10
N CYS B 63 22.41 -6.75 15.42
CA CYS B 63 23.87 -6.95 15.47
C CYS B 63 24.33 -7.59 16.76
N ALA B 64 23.59 -7.30 17.83
CA ALA B 64 23.81 -7.92 19.09
C ALA B 64 23.06 -9.24 19.25
N TYR B 65 22.17 -9.60 18.33
CA TYR B 65 21.28 -10.78 18.48
C TYR B 65 22.03 -12.05 18.78
N GLY B 66 23.14 -12.25 18.05
CA GLY B 66 24.10 -13.35 18.32
C GLY B 66 24.37 -13.47 19.82
N ALA B 67 24.72 -12.36 20.42
CA ALA B 67 25.25 -12.34 21.81
C ALA B 67 24.15 -12.51 22.79
N ILE B 68 23.01 -11.89 22.48
CA ILE B 68 21.80 -12.04 23.27
C ILE B 68 21.35 -13.52 23.21
N GLN B 69 21.31 -14.09 22.01
CA GLN B 69 20.89 -15.50 21.80
C GLN B 69 21.83 -16.49 22.53
N LEU B 70 23.14 -16.24 22.44
CA LEU B 70 24.17 -17.03 23.16
C LEU B 70 23.90 -17.00 24.68
N ASN B 71 23.33 -15.90 25.19
CA ASN B 71 23.09 -15.80 26.67
C ASN B 71 21.67 -16.14 27.05
N SER B 72 20.92 -16.66 26.08
CA SER B 72 19.51 -16.91 26.30
C SER B 72 19.33 -18.41 26.47
N THR B 73 18.36 -18.79 27.32
CA THR B 73 17.80 -20.13 27.29
C THR B 73 16.28 -20.08 27.03
N ALA B 74 15.70 -21.25 26.77
CA ALA B 74 14.23 -21.41 26.80
C ALA B 74 13.65 -20.81 28.10
N GLU B 75 14.31 -21.07 29.24
CA GLU B 75 13.79 -20.64 30.56
C GLU B 75 14.27 -19.28 31.04
N ASN B 76 15.36 -18.73 30.48
CA ASN B 76 15.52 -17.28 30.52
C ASN B 76 15.83 -16.65 29.15
N ASN B 77 14.78 -16.18 28.48
CA ASN B 77 14.95 -15.79 27.10
C ASN B 77 15.24 -14.30 27.07
N LEU B 78 16.49 -13.95 26.78
CA LEU B 78 16.87 -12.53 26.74
C LEU B 78 16.34 -11.86 25.47
N ILE B 79 16.20 -12.66 24.39
CA ILE B 79 15.64 -12.22 23.12
C ILE B 79 14.27 -11.70 23.41
N LYS B 80 13.44 -12.51 24.07
CA LYS B 80 12.11 -12.04 24.45
C LYS B 80 12.13 -10.92 25.51
N ASN B 81 12.90 -11.06 26.56
CA ASN B 81 12.73 -10.17 27.73
C ASN B 81 13.53 -8.87 27.73
N GLY B 82 14.58 -8.82 26.92
CA GLY B 82 15.58 -7.77 27.13
C GLY B 82 16.61 -8.11 28.17
N PHE B 83 17.57 -7.21 28.33
CA PHE B 83 18.63 -7.37 29.30
C PHE B 83 19.04 -5.99 29.69
N ASN B 84 19.16 -5.78 30.99
CA ASN B 84 19.69 -4.56 31.57
C ASN B 84 20.65 -4.87 32.72
N ALA B 85 21.89 -4.40 32.66
CA ALA B 85 22.88 -4.55 33.74
C ALA B 85 22.90 -3.31 34.61
N PRO B 86 22.40 -3.38 35.88
CA PRO B 86 22.35 -2.07 36.60
C PRO B 86 23.73 -1.52 36.94
N THR B 87 24.70 -2.43 37.00
CA THR B 87 26.10 -2.06 37.20
C THR B 87 26.96 -2.79 36.17
N THR B 88 28.16 -2.26 35.97
CA THR B 88 29.05 -2.83 34.99
C THR B 88 29.46 -4.27 35.39
N ALA B 89 29.48 -4.56 36.67
CA ALA B 89 29.70 -5.93 37.11
C ALA B 89 28.62 -6.88 36.64
N ASP B 90 27.43 -6.37 36.28
CA ASP B 90 26.32 -7.22 35.83
C ASP B 90 26.34 -7.62 34.34
N GLU B 91 27.23 -6.99 33.59
CA GLU B 91 27.29 -7.20 32.14
C GLU B 91 27.77 -8.62 31.82
N VAL B 92 27.07 -9.33 30.93
CA VAL B 92 27.42 -10.72 30.55
C VAL B 92 28.26 -10.71 29.27
N SER B 93 29.11 -11.71 29.10
CA SER B 93 30.02 -11.76 27.98
C SER B 93 29.19 -11.94 26.73
N ALA B 94 29.66 -11.32 25.66
CA ALA B 94 28.98 -11.40 24.40
C ALA B 94 29.41 -12.63 23.64
N GLY B 95 30.34 -13.38 24.19
CA GLY B 95 30.85 -14.55 23.48
C GLY B 95 32.35 -14.43 23.21
N PRO B 96 33.05 -15.60 23.13
CA PRO B 96 34.50 -15.52 22.85
C PRO B 96 34.81 -14.88 21.50
N ASN B 97 33.94 -15.04 20.50
CA ASN B 97 34.25 -14.47 19.18
C ASN B 97 33.89 -12.99 19.00
N ALA B 98 33.33 -12.35 20.02
CA ALA B 98 32.85 -10.98 19.88
C ALA B 98 34.05 -10.03 19.89
N ARG B 99 34.00 -8.98 19.06
CA ARG B 99 35.16 -8.07 18.91
C ARG B 99 34.66 -6.62 18.80
N VAL B 100 35.50 -5.68 19.24
CA VAL B 100 35.45 -4.27 18.87
C VAL B 100 36.77 -3.87 18.23
N PHE B 101 36.76 -3.51 16.94
CA PHE B 101 37.96 -3.10 16.28
C PHE B 101 38.03 -1.55 16.21
N VAL B 102 39.09 -0.98 16.76
CA VAL B 102 39.26 0.50 16.81
C VAL B 102 40.36 0.94 15.86
N LEU B 103 40.04 1.81 14.89
CA LEU B 103 40.94 2.05 13.80
C LEU B 103 42.19 2.73 14.35
N ASP B 104 43.36 2.25 13.88
CA ASP B 104 44.70 2.79 14.27
C ASP B 104 45.38 3.44 13.09
N GLU B 105 45.51 2.76 11.97
CA GLU B 105 46.27 3.33 10.83
C GLU B 105 45.80 2.77 9.48
N ILE B 106 45.83 3.59 8.43
CA ILE B 106 45.65 3.09 7.06
C ILE B 106 46.95 3.37 6.27
N THR B 107 47.46 2.41 5.51
CA THR B 107 48.64 2.72 4.62
C THR B 107 48.36 2.19 3.21
N ASP B 108 48.70 2.97 2.18
CA ASP B 108 48.57 2.49 0.83
C ASP B 108 49.76 1.55 0.68
N VAL B 109 49.53 0.37 0.12
CA VAL B 109 50.60 -0.57 -0.18
C VAL B 109 50.43 -1.04 -1.58
N THR B 110 49.79 -0.24 -2.44
CA THR B 110 49.40 -0.67 -3.78
C THR B 110 50.64 -1.08 -4.59
N LYS B 111 51.65 -0.23 -4.55
CA LYS B 111 52.82 -0.37 -5.41
C LYS B 111 53.50 -1.74 -5.12
N ASP B 112 53.76 -1.99 -3.85
CA ASP B 112 54.30 -3.28 -3.38
C ASP B 112 53.45 -4.49 -3.77
N ALA B 113 52.14 -4.36 -3.66
CA ALA B 113 51.28 -5.49 -3.86
C ALA B 113 51.26 -5.87 -5.33
N LYS B 114 51.14 -4.89 -6.24
CA LYS B 114 51.14 -5.29 -7.65
C LYS B 114 52.54 -5.72 -8.15
N ALA B 115 53.60 -5.26 -7.47
CA ALA B 115 54.96 -5.86 -7.70
C ALA B 115 54.98 -7.37 -7.42
N ALA B 116 54.59 -7.72 -6.20
CA ALA B 116 54.59 -9.10 -5.77
C ALA B 116 53.71 -9.93 -6.67
N ILE B 117 52.62 -9.35 -7.13
CA ILE B 117 51.74 -10.11 -8.02
C ILE B 117 52.51 -10.37 -9.36
N ALA B 118 53.15 -9.30 -9.84
CA ALA B 118 53.80 -9.31 -11.17
C ALA B 118 55.05 -10.18 -11.14
N ALA B 119 55.85 -9.98 -10.09
CA ALA B 119 56.97 -10.88 -9.75
C ALA B 119 56.72 -12.38 -9.82
N ALA B 120 55.47 -12.82 -9.99
CA ALA B 120 55.21 -14.26 -10.21
C ALA B 120 55.03 -14.58 -11.67
N GLY B 121 55.04 -13.56 -12.51
CA GLY B 121 54.78 -13.77 -13.93
C GLY B 121 53.51 -14.54 -14.23
N ASP B 122 53.58 -15.41 -15.22
CA ASP B 122 52.45 -15.70 -16.03
C ASP B 122 51.77 -17.01 -15.66
N ASP B 123 51.75 -17.36 -14.39
CA ASP B 123 51.14 -18.62 -13.97
C ASP B 123 50.02 -18.19 -13.02
N ALA B 124 48.80 -18.66 -13.24
CA ALA B 124 47.64 -18.10 -12.53
C ALA B 124 47.78 -18.41 -11.02
N LEU B 125 47.93 -19.70 -10.71
CA LEU B 125 48.05 -20.19 -9.34
C LEU B 125 49.19 -19.56 -8.56
N ALA B 126 50.31 -19.41 -9.22
CA ALA B 126 51.45 -18.72 -8.63
C ALA B 126 51.17 -17.28 -8.27
N ARG B 127 50.36 -16.65 -9.10
CA ARG B 127 50.01 -15.23 -8.86
C ARG B 127 49.21 -15.10 -7.50
N THR B 128 48.25 -16.00 -7.33
CA THR B 128 47.38 -16.06 -6.11
C THR B 128 48.35 -16.24 -4.91
N LYS B 129 49.27 -17.24 -5.01
CA LYS B 129 50.15 -17.61 -3.85
C LYS B 129 51.06 -16.50 -3.50
N ALA B 130 51.51 -15.77 -4.50
CA ALA B 130 52.36 -14.61 -4.26
C ALA B 130 51.69 -13.43 -3.53
N LEU B 131 50.46 -13.12 -3.92
CA LEU B 131 49.65 -12.13 -3.16
C LEU B 131 49.37 -12.63 -1.76
N GLU B 132 49.00 -13.91 -1.66
CA GLU B 132 48.84 -14.56 -0.32
C GLU B 132 50.06 -14.35 0.50
N ALA B 133 51.23 -14.62 -0.09
CA ALA B 133 52.44 -14.56 0.72
C ALA B 133 52.78 -13.12 1.07
N PHE B 134 52.59 -12.20 0.13
CA PHE B 134 52.78 -10.77 0.41
C PHE B 134 51.87 -10.30 1.57
N GLU B 135 50.58 -10.62 1.46
CA GLU B 135 49.61 -10.29 2.53
C GLU B 135 50.02 -10.85 3.89
N LYS B 136 50.40 -12.12 3.91
CA LYS B 136 50.74 -12.73 5.19
C LYS B 136 51.92 -12.04 5.85
N LYS B 137 52.93 -11.71 5.04
CA LYS B 137 54.08 -10.99 5.59
C LYS B 137 53.76 -9.59 6.12
N LEU B 138 53.10 -8.78 5.28
CA LEU B 138 52.54 -7.49 5.77
C LEU B 138 51.82 -7.54 7.13
N ILE B 139 50.87 -8.47 7.20
CA ILE B 139 50.06 -8.60 8.40
C ILE B 139 50.90 -9.06 9.59
N ALA B 140 51.75 -10.08 9.33
CA ALA B 140 52.65 -10.54 10.40
C ALA B 140 53.47 -9.38 10.93
N ASP B 141 54.03 -8.55 10.05
CA ASP B 141 54.75 -7.37 10.54
C ASP B 141 53.91 -6.36 11.27
N CYS B 142 52.74 -6.04 10.73
CA CYS B 142 51.83 -5.06 11.37
C CYS B 142 51.31 -5.54 12.75
N GLU B 143 50.95 -6.83 12.85
CA GLU B 143 50.51 -7.46 14.12
C GLU B 143 51.61 -7.83 15.10
N ALA B 144 52.84 -7.52 14.74
CA ALA B 144 53.97 -7.73 15.68
C ALA B 144 53.78 -6.92 16.99
N GLU B 145 53.10 -5.78 16.91
CA GLU B 145 52.64 -5.11 18.13
C GLU B 145 51.48 -5.90 18.72
N ALA B 146 51.65 -6.31 19.98
CA ALA B 146 50.58 -6.98 20.73
C ALA B 146 49.31 -6.13 20.80
N GLY B 147 48.17 -6.71 20.39
CA GLY B 147 46.88 -6.07 20.67
C GLY B 147 46.23 -5.52 19.42
N PHE B 148 46.92 -5.64 18.29
CA PHE B 148 46.42 -5.17 17.00
C PHE B 148 46.16 -6.34 16.08
N ARG B 149 45.08 -6.19 15.29
CA ARG B 149 44.81 -7.02 14.17
C ARG B 149 44.78 -6.15 12.92
N CYS B 150 45.34 -6.63 11.84
CA CYS B 150 45.45 -5.92 10.56
C CYS B 150 44.77 -6.65 9.43
N ARG B 151 44.45 -5.91 8.40
CA ARG B 151 43.69 -6.44 7.28
C ARG B 151 44.11 -5.78 6.01
N LEU B 152 44.23 -6.57 4.96
CA LEU B 152 44.54 -6.05 3.65
C LEU B 152 43.29 -6.04 2.84
N TYR B 153 43.07 -4.89 2.22
CA TYR B 153 41.92 -4.69 1.37
C TYR B 153 42.36 -4.36 -0.06
N SER B 154 41.70 -4.99 -0.99
CA SER B 154 41.79 -4.70 -2.41
C SER B 154 40.56 -3.93 -2.85
N PHE B 155 40.81 -2.78 -3.47
CA PHE B 155 39.76 -1.88 -3.98
C PHE B 155 39.73 -1.83 -5.50
N SER B 156 38.56 -1.53 -6.07
CA SER B 156 38.39 -1.24 -7.50
C SER B 156 39.04 -2.38 -8.35
N GLY B 157 38.86 -3.61 -7.91
CA GLY B 157 39.20 -4.77 -8.70
C GLY B 157 40.68 -5.10 -8.63
N GLY B 158 41.40 -4.48 -7.68
CA GLY B 158 42.83 -4.66 -7.51
C GLY B 158 43.68 -3.52 -8.07
N ASN B 159 43.07 -2.36 -8.29
CA ASN B 159 43.82 -1.16 -8.65
C ASN B 159 44.37 -0.43 -7.51
N THR B 160 43.89 -0.69 -6.29
CA THR B 160 44.46 -0.15 -5.09
C THR B 160 44.41 -1.17 -3.97
N TYR B 161 45.42 -1.14 -3.08
CA TYR B 161 45.51 -2.01 -1.91
C TYR B 161 45.75 -1.13 -0.74
N ARG B 162 45.01 -1.30 0.34
CA ARG B 162 45.42 -0.66 1.55
C ARG B 162 45.41 -1.60 2.70
N LEU B 163 46.30 -1.31 3.65
CA LEU B 163 46.47 -2.12 4.81
C LEU B 163 45.83 -1.34 5.89
N PHE B 164 44.90 -1.96 6.63
CA PHE B 164 44.27 -1.33 7.82
C PHE B 164 44.81 -1.97 9.11
N LYS B 165 45.10 -1.15 10.11
CA LYS B 165 45.52 -1.61 11.39
C LYS B 165 44.59 -1.18 12.49
N ASN B 166 44.10 -2.15 13.27
CA ASN B 166 43.08 -1.90 14.31
C ASN B 166 43.50 -2.38 15.66
N LEU B 167 43.15 -1.66 16.70
CA LEU B 167 43.19 -2.21 18.02
C LEU B 167 42.08 -3.25 18.13
N GLU B 168 42.43 -4.49 18.48
CA GLU B 168 41.47 -5.61 18.63
C GLU B 168 41.07 -5.83 20.09
N ILE B 169 39.96 -5.22 20.49
CA ILE B 169 39.32 -5.58 21.76
C ILE B 169 38.54 -6.91 21.70
N LYS B 170 38.92 -7.80 22.60
CA LYS B 170 38.51 -9.18 22.56
C LYS B 170 37.63 -9.52 23.73
N ASP B 171 37.39 -8.58 24.63
CA ASP B 171 36.44 -8.78 25.71
C ASP B 171 35.30 -7.83 25.58
N VAL B 172 34.24 -8.31 24.93
CA VAL B 172 33.02 -7.49 24.71
C VAL B 172 31.90 -8.07 25.54
N ARG B 173 31.23 -7.21 26.29
CA ARG B 173 30.11 -7.59 27.11
C ARG B 173 28.83 -6.85 26.80
N LEU B 174 27.71 -7.58 26.91
CA LEU B 174 26.39 -6.99 26.79
C LEU B 174 26.01 -6.15 27.99
N ALA B 175 25.62 -4.90 27.74
CA ALA B 175 25.13 -4.00 28.77
C ALA B 175 23.66 -3.74 28.75
N TYR B 176 23.01 -3.84 27.60
CA TYR B 176 21.59 -3.52 27.54
C TYR B 176 21.03 -3.93 26.20
N ALA B 177 19.89 -4.62 26.22
CA ALA B 177 19.12 -4.86 25.03
C ALA B 177 17.67 -4.64 25.40
N PRO B 178 16.92 -3.93 24.54
CA PRO B 178 15.52 -3.77 24.84
C PRO B 178 14.85 -5.10 24.52
N PRO B 179 13.60 -5.29 24.95
CA PRO B 179 12.98 -6.54 24.62
C PRO B 179 12.91 -6.72 23.15
N GLY B 180 12.88 -7.98 22.73
CA GLY B 180 12.75 -8.39 21.35
C GLY B 180 11.56 -7.78 20.61
N SER B 181 10.45 -7.50 21.31
CA SER B 181 9.31 -6.82 20.65
C SER B 181 9.53 -5.36 20.36
N VAL B 182 10.53 -4.73 20.95
CA VAL B 182 11.05 -3.43 20.58
C VAL B 182 12.21 -3.56 19.56
N GLY B 183 13.26 -4.29 19.90
CA GLY B 183 14.40 -4.46 19.03
C GLY B 183 14.15 -5.01 17.66
N LYS B 184 13.11 -5.83 17.56
CA LYS B 184 12.75 -6.49 16.34
C LYS B 184 11.22 -6.37 16.14
N PHE B 185 10.64 -5.25 16.51
CA PHE B 185 9.21 -5.05 16.23
C PHE B 185 8.86 -5.22 14.77
N GLY B 186 7.83 -6.04 14.49
CA GLY B 186 7.42 -6.35 13.13
C GLY B 186 8.17 -7.47 12.45
N GLY B 187 9.23 -7.95 13.10
CA GLY B 187 9.86 -9.23 12.76
C GLY B 187 10.22 -9.30 11.27
N ASP B 188 9.99 -10.47 10.67
CA ASP B 188 10.30 -10.64 9.25
C ASP B 188 9.23 -10.05 8.31
N ILE B 189 8.10 -9.61 8.85
CA ILE B 189 7.06 -9.00 8.03
C ILE B 189 7.46 -7.58 7.70
N ASP B 190 7.94 -6.83 8.69
CA ASP B 190 8.47 -5.48 8.45
C ASP B 190 9.95 -5.40 8.01
N ASN B 191 10.67 -6.52 8.05
CA ASN B 191 12.04 -6.53 7.59
C ASN B 191 12.11 -6.12 6.13
N TRP B 192 13.07 -5.26 5.83
CA TRP B 192 13.29 -4.65 4.49
C TRP B 192 12.10 -3.70 4.08
N MET B 193 11.33 -3.18 5.03
CA MET B 193 10.16 -2.36 4.66
C MET B 193 10.11 -1.08 5.40
N TRP B 194 9.47 -0.13 4.72
CA TRP B 194 8.95 1.09 5.31
C TRP B 194 7.45 1.14 5.00
N PRO B 195 6.60 1.64 5.90
CA PRO B 195 6.90 2.31 7.17
C PRO B 195 7.50 1.33 8.14
N ARG B 196 8.43 1.79 8.96
CA ARG B 196 9.11 0.96 9.91
C ARG B 196 9.00 1.53 11.30
N HIS B 197 8.89 0.64 12.30
CA HIS B 197 8.64 1.08 13.66
C HIS B 197 9.47 0.28 14.69
N THR B 198 10.73 0.18 14.42
CA THR B 198 11.57 -0.80 15.01
C THR B 198 12.64 -0.06 15.84
N GLY B 199 12.66 -0.43 17.11
CA GLY B 199 13.66 0.03 18.01
C GLY B 199 15.01 -0.71 17.99
N ASP B 200 15.69 -0.65 16.85
CA ASP B 200 16.82 -1.65 16.59
C ASP B 200 18.14 -1.09 17.15
N PHE B 201 18.32 -1.27 18.47
CA PHE B 201 19.48 -0.80 19.22
C PHE B 201 19.79 -1.76 20.41
N ALA B 202 21.05 -1.73 20.80
CA ALA B 202 21.57 -2.54 21.98
C ALA B 202 22.91 -2.00 22.36
N PHE B 203 23.36 -2.25 23.60
CA PHE B 203 24.64 -1.64 24.03
C PHE B 203 25.59 -2.77 24.47
N TYR B 204 26.81 -2.67 24.04
CA TYR B 204 27.93 -3.37 24.62
C TYR B 204 28.81 -2.47 25.48
N ARG B 205 29.76 -3.10 26.21
CA ARG B 205 30.90 -2.41 26.79
C ARG B 205 32.19 -3.15 26.49
N ALA B 206 33.21 -2.38 26.16
CA ALA B 206 34.47 -2.89 25.70
C ALA B 206 35.41 -2.90 26.93
N TYR B 207 36.19 -3.98 27.06
CA TYR B 207 37.06 -4.24 28.25
C TYR B 207 38.45 -4.59 27.70
N VAL B 208 39.45 -4.17 28.46
CA VAL B 208 40.84 -4.66 28.26
C VAL B 208 41.45 -5.12 29.62
N GLY B 209 42.68 -5.63 29.61
CA GLY B 209 43.37 -5.94 30.90
C GLY B 209 43.65 -4.68 31.66
N LYS B 210 44.13 -4.80 32.90
CA LYS B 210 44.64 -3.64 33.68
C LYS B 210 45.92 -2.99 33.11
N ASP B 211 46.74 -3.71 32.34
CA ASP B 211 47.81 -3.04 31.58
C ASP B 211 47.24 -2.18 30.46
N GLY B 212 45.91 -2.23 30.26
CA GLY B 212 45.26 -1.49 29.22
C GLY B 212 45.35 -2.13 27.84
N LYS B 213 45.90 -3.34 27.74
CA LYS B 213 46.01 -4.04 26.47
C LYS B 213 44.89 -5.05 26.31
N PRO B 214 44.48 -5.29 25.04
CA PRO B 214 43.47 -6.30 24.78
C PRO B 214 43.73 -7.58 25.56
N ALA B 215 42.66 -8.16 26.13
CA ALA B 215 42.68 -9.52 26.63
C ALA B 215 41.36 -10.26 26.35
N ALA B 216 41.41 -11.58 26.32
CA ALA B 216 40.21 -12.42 26.29
C ALA B 216 39.47 -12.28 27.63
N PHE B 217 38.20 -12.67 27.70
CA PHE B 217 37.35 -12.40 28.91
C PHE B 217 38.03 -12.87 30.19
N SER B 218 38.09 -11.98 31.19
CA SER B 218 38.45 -12.36 32.53
C SER B 218 37.79 -11.39 33.49
N LYS B 219 37.45 -11.84 34.70
CA LYS B 219 36.87 -10.94 35.69
C LYS B 219 37.78 -9.87 36.20
N ASP B 220 39.06 -9.94 35.86
CA ASP B 220 40.00 -8.88 36.22
C ASP B 220 40.11 -7.77 35.16
N ASN B 221 39.50 -8.00 33.99
CA ASN B 221 39.48 -6.95 32.97
C ASN B 221 38.67 -5.76 33.41
N VAL B 222 38.99 -4.60 32.84
CA VAL B 222 38.28 -3.35 33.15
C VAL B 222 37.85 -2.62 31.85
N PRO B 223 36.89 -1.70 31.95
CA PRO B 223 36.44 -0.96 30.76
C PRO B 223 37.55 -0.21 30.04
N TYR B 224 37.59 -0.43 28.72
CA TYR B 224 38.33 0.43 27.82
C TYR B 224 37.92 1.92 27.95
N GLN B 225 38.92 2.79 27.83
CA GLN B 225 38.77 4.24 27.90
C GLN B 225 39.05 4.85 26.50
N PRO B 226 37.99 4.93 25.65
CA PRO B 226 38.23 5.40 24.27
C PRO B 226 38.76 6.82 24.22
N LYS B 227 39.65 7.12 23.30
CA LYS B 227 40.06 8.49 23.00
C LYS B 227 38.85 9.35 22.63
N HIS B 228 37.95 8.81 21.82
CA HIS B 228 36.85 9.61 21.32
C HIS B 228 35.56 8.86 21.42
N TRP B 229 34.52 9.56 21.81
CA TRP B 229 33.18 9.03 21.79
C TRP B 229 32.17 10.04 21.25
N LEU B 230 31.01 9.52 20.85
CA LEU B 230 29.95 10.37 20.28
C LEU B 230 29.06 10.96 21.39
N LYS B 231 28.58 12.15 21.16
CA LYS B 231 27.54 12.76 22.00
C LYS B 231 26.18 12.77 21.29
N PHE B 232 25.10 12.56 22.02
CA PHE B 232 23.76 12.72 21.48
C PHE B 232 23.49 14.13 20.96
N ALA B 233 22.73 14.26 19.89
CA ALA B 233 22.40 15.59 19.44
C ALA B 233 21.63 16.38 20.51
N ASP B 234 21.83 17.71 20.48
CA ASP B 234 21.01 18.66 21.25
C ASP B 234 20.11 19.50 20.30
N GLN B 235 20.22 19.31 19.02
CA GLN B 235 19.25 19.92 18.09
C GLN B 235 18.32 18.84 17.48
N PRO B 236 17.01 19.08 17.45
CA PRO B 236 16.10 18.03 16.98
C PRO B 236 16.32 17.82 15.52
N LEU B 237 16.48 16.57 15.10
CA LEU B 237 16.53 16.24 13.66
C LEU B 237 15.18 16.30 12.96
N GLY B 238 15.17 16.99 11.83
CA GLY B 238 13.97 17.13 11.02
C GLY B 238 14.14 16.86 9.53
N ALA B 239 13.03 16.86 8.81
CA ALA B 239 13.05 16.66 7.36
C ALA B 239 13.96 17.64 6.67
N GLY B 240 14.79 17.13 5.77
CA GLY B 240 15.73 17.97 5.00
C GLY B 240 17.07 18.16 5.64
N ASP B 241 17.21 17.78 6.93
CA ASP B 241 18.45 18.04 7.59
C ASP B 241 19.59 17.13 7.07
N PHE B 242 20.79 17.66 7.15
CA PHE B 242 22.01 16.92 6.82
C PHE B 242 22.24 15.74 7.77
N VAL B 243 22.52 14.57 7.16
CA VAL B 243 23.06 13.41 7.88
C VAL B 243 24.20 12.75 7.19
N MET B 244 25.07 12.11 7.99
CA MET B 244 26.11 11.31 7.46
C MET B 244 26.33 10.07 8.28
N VAL B 245 26.78 9.05 7.58
CA VAL B 245 27.13 7.75 8.21
C VAL B 245 28.55 7.41 7.86
N ALA B 246 29.24 6.88 8.84
CA ALA B 246 30.49 6.22 8.59
C ALA B 246 30.41 4.80 9.15
N GLY B 247 30.95 3.86 8.39
CA GLY B 247 30.87 2.46 8.79
C GLY B 247 31.49 1.56 7.75
N TYR B 248 31.14 0.25 7.80
CA TYR B 248 31.88 -0.83 7.14
C TYR B 248 31.01 -1.65 6.24
N PRO B 249 30.53 -1.08 5.10
CA PRO B 249 29.73 -1.85 4.17
C PRO B 249 30.52 -2.99 3.58
N GLY B 250 29.87 -4.14 3.37
CA GLY B 250 30.51 -5.41 3.20
C GLY B 250 30.82 -5.55 1.71
N SER B 251 29.79 -5.60 0.86
CA SER B 251 29.99 -5.89 -0.53
C SER B 251 28.93 -5.15 -1.38
N THR B 252 29.35 -4.61 -2.53
CA THR B 252 28.46 -4.28 -3.62
C THR B 252 29.01 -4.78 -4.95
N ASN B 253 28.13 -4.81 -5.95
CA ASN B 253 28.44 -5.30 -7.27
C ASN B 253 28.08 -4.32 -8.42
N ARG B 254 28.34 -3.04 -8.19
CA ARG B 254 28.00 -2.01 -9.15
C ARG B 254 28.99 -1.95 -10.35
N TYR B 255 30.19 -2.44 -10.15
CA TYR B 255 31.13 -2.68 -11.26
C TYR B 255 31.01 -4.16 -11.61
N ALA B 256 30.26 -4.51 -12.64
CA ALA B 256 30.15 -5.91 -13.01
C ALA B 256 29.80 -6.10 -14.47
N LEU B 257 30.32 -7.19 -15.01
CA LEU B 257 29.91 -7.65 -16.30
C LEU B 257 28.43 -7.97 -16.25
N ALA B 258 27.74 -7.72 -17.35
CA ALA B 258 26.33 -8.05 -17.46
C ALA B 258 26.06 -9.52 -17.22
N ALA B 259 26.98 -10.39 -17.64
CA ALA B 259 26.78 -11.82 -17.43
C ALA B 259 26.81 -12.21 -15.92
N GLU B 260 27.62 -11.50 -15.13
CA GLU B 260 27.74 -11.68 -13.63
C GLU B 260 26.34 -11.41 -13.05
N PHE B 261 25.74 -10.32 -13.52
CA PHE B 261 24.36 -10.04 -13.18
C PHE B 261 23.34 -11.11 -13.58
N ASP B 262 23.41 -11.58 -14.83
CA ASP B 262 22.42 -12.53 -15.28
C ASP B 262 22.49 -13.81 -14.48
N ASN B 263 23.73 -14.23 -14.18
CA ASN B 263 23.96 -15.47 -13.40
C ASN B 263 23.36 -15.27 -12.02
N THR B 264 23.59 -14.10 -11.44
CA THR B 264 23.05 -13.79 -10.09
C THR B 264 21.54 -13.76 -10.10
N ALA B 265 20.96 -13.00 -11.03
CA ALA B 265 19.50 -12.87 -11.14
C ALA B 265 18.83 -14.15 -11.50
N GLN B 266 19.35 -14.87 -12.48
CA GLN B 266 18.66 -16.08 -13.01
C GLN B 266 18.95 -17.34 -12.20
N TRP B 267 20.13 -17.40 -11.55
CA TRP B 267 20.55 -18.59 -10.86
C TRP B 267 20.86 -18.36 -9.31
N THR B 268 21.83 -17.52 -9.01
CA THR B 268 22.39 -17.46 -7.62
C THR B 268 21.30 -17.12 -6.61
N TYR B 269 20.67 -15.97 -6.80
CA TYR B 269 19.63 -15.49 -5.90
C TYR B 269 18.41 -16.43 -5.81
N PRO B 270 17.87 -16.89 -6.96
CA PRO B 270 16.73 -17.80 -6.81
C PRO B 270 17.06 -19.11 -6.09
N THR B 271 18.24 -19.65 -6.33
CA THR B 271 18.64 -20.94 -5.76
C THR B 271 18.83 -20.84 -4.28
N ILE B 272 19.59 -19.82 -3.86
CA ILE B 272 19.89 -19.62 -2.44
C ILE B 272 18.61 -19.32 -1.69
N ALA B 273 17.76 -18.47 -2.24
CA ALA B 273 16.50 -18.20 -1.58
C ALA B 273 15.64 -19.42 -1.37
N ARG B 274 15.58 -20.27 -2.38
CA ARG B 274 14.80 -21.50 -2.26
C ARG B 274 15.33 -22.40 -1.15
N HIS B 275 16.63 -22.67 -1.19
CA HIS B 275 17.29 -23.41 -0.08
C HIS B 275 17.08 -22.81 1.27
N TYR B 276 17.19 -21.49 1.34
CA TYR B 276 17.02 -20.82 2.62
C TYR B 276 15.60 -20.96 3.12
N LYS B 277 14.62 -20.78 2.24
CA LYS B 277 13.23 -20.98 2.63
C LYS B 277 12.89 -22.41 3.11
N ASN B 278 13.45 -23.40 2.43
CA ASN B 278 13.24 -24.82 2.78
C ASN B 278 13.78 -25.13 4.15
N GLN B 279 14.98 -24.63 4.44
CA GLN B 279 15.52 -24.81 5.80
C GLN B 279 14.72 -24.08 6.86
N ILE B 280 14.24 -22.87 6.52
CA ILE B 280 13.41 -22.12 7.45
C ILE B 280 12.19 -22.98 7.80
N ALA B 281 11.60 -23.63 6.81
CA ALA B 281 10.30 -24.29 7.00
C ALA B 281 10.51 -25.48 7.93
N MET B 282 11.58 -26.20 7.65
CA MET B 282 11.95 -27.33 8.53
C MET B 282 12.21 -26.87 9.94
N VAL B 283 13.00 -25.82 10.16
CA VAL B 283 13.35 -25.45 11.53
C VAL B 283 12.18 -24.83 12.31
N GLU B 284 11.39 -24.06 11.60
CA GLU B 284 10.18 -23.47 12.11
C GLU B 284 9.27 -24.55 12.71
N ALA B 285 8.97 -25.55 11.91
CA ALA B 285 8.15 -26.70 12.35
C ALA B 285 8.67 -27.29 13.66
N ALA B 286 9.96 -27.68 13.62
CA ALA B 286 10.56 -28.42 14.71
C ALA B 286 10.64 -27.54 15.96
N GLY B 287 10.81 -26.24 15.79
CA GLY B 287 10.88 -25.34 16.93
C GLY B 287 9.57 -25.01 17.61
N LYS B 288 8.47 -25.21 16.89
CA LYS B 288 7.10 -25.02 17.42
C LYS B 288 6.75 -26.15 18.41
N GLN B 289 7.20 -27.37 18.11
CA GLN B 289 7.33 -28.49 19.08
C GLN B 289 8.23 -28.29 20.34
N ASN B 290 9.28 -27.47 20.29
CA ASN B 290 10.56 -27.74 21.00
C ASN B 290 11.25 -26.41 21.26
N ALA B 291 11.07 -25.83 22.45
CA ALA B 291 11.58 -24.46 22.65
C ALA B 291 13.11 -24.43 22.67
N ASP B 292 13.75 -25.58 22.90
CA ASP B 292 15.20 -25.64 22.98
C ASP B 292 15.79 -25.39 21.59
N ILE B 293 15.26 -26.15 20.60
CA ILE B 293 15.53 -25.93 19.18
C ILE B 293 15.14 -24.54 18.63
N GLN B 294 14.00 -24.03 19.04
CA GLN B 294 13.61 -22.67 18.73
C GLN B 294 14.62 -21.67 19.22
N VAL B 295 15.08 -21.72 20.48
CA VAL B 295 16.03 -20.73 20.95
C VAL B 295 17.40 -20.94 20.30
N LYS B 296 17.78 -22.22 20.15
CA LYS B 296 19.11 -22.52 19.65
C LYS B 296 19.32 -22.20 18.19
N TYR B 297 18.25 -22.25 17.39
CA TYR B 297 18.34 -22.00 15.96
C TYR B 297 17.89 -20.54 15.55
N ALA B 298 17.60 -19.70 16.52
CA ALA B 298 17.02 -18.39 16.27
C ALA B 298 17.96 -17.50 15.48
N ALA B 299 19.24 -17.41 15.85
CA ALA B 299 20.15 -16.59 15.07
C ALA B 299 20.24 -17.12 13.64
N THR B 300 20.42 -18.42 13.44
CA THR B 300 20.46 -19.03 12.10
C THR B 300 19.21 -18.68 11.26
N MET B 301 18.08 -18.85 11.88
CA MET B 301 16.77 -18.56 11.30
C MET B 301 16.64 -17.10 10.85
N ALA B 302 17.07 -16.23 11.71
CA ALA B 302 17.07 -14.77 11.42
C ALA B 302 17.89 -14.47 10.15
N GLY B 303 19.08 -15.06 10.07
CA GLY B 303 19.91 -14.91 8.88
C GLY B 303 19.32 -15.42 7.60
N TRP B 304 18.77 -16.65 7.66
CA TRP B 304 18.12 -17.23 6.53
C TRP B 304 16.95 -16.38 6.04
N ASN B 305 16.14 -15.85 6.96
CA ASN B 305 14.99 -15.04 6.63
C ASN B 305 15.45 -13.75 6.00
N ASN B 306 16.41 -13.09 6.63
CA ASN B 306 16.89 -11.80 6.16
C ASN B 306 17.54 -11.90 4.78
N THR B 307 18.38 -12.93 4.55
CA THR B 307 18.98 -13.02 3.18
C THR B 307 17.98 -13.43 2.10
N SER B 308 17.15 -14.40 2.43
CA SER B 308 16.15 -14.79 1.45
C SER B 308 15.19 -13.63 1.09
N LYS B 309 14.74 -12.85 2.07
CA LYS B 309 13.87 -11.69 1.74
C LYS B 309 14.63 -10.68 0.94
N ASN B 310 15.87 -10.39 1.34
CA ASN B 310 16.70 -9.51 0.55
C ASN B 310 16.78 -9.91 -0.91
N TYR B 311 17.09 -11.16 -1.16
CA TYR B 311 17.17 -11.65 -2.57
C TYR B 311 15.78 -11.58 -3.31
N ASP B 312 14.69 -12.00 -2.67
CA ASP B 312 13.32 -11.74 -3.21
C ASP B 312 13.16 -10.29 -3.57
N GLY B 313 13.60 -9.36 -2.69
CA GLY B 313 13.53 -7.95 -2.97
C GLY B 313 14.40 -7.47 -4.16
N GLN B 314 15.62 -8.00 -4.27
CA GLN B 314 16.50 -7.68 -5.37
C GLN B 314 15.89 -8.14 -6.70
N LEU B 315 15.29 -9.33 -6.73
CA LEU B 315 14.71 -9.88 -7.95
C LEU B 315 13.59 -8.96 -8.41
N GLU B 316 12.61 -8.68 -7.53
CA GLU B 316 11.60 -7.66 -7.78
C GLU B 316 12.08 -6.26 -8.22
N GLY B 317 13.13 -5.74 -7.59
CA GLY B 317 13.74 -4.47 -7.95
C GLY B 317 14.41 -4.49 -9.33
N PHE B 318 14.99 -5.63 -9.72
CA PHE B 318 15.53 -5.79 -11.10
C PHE B 318 14.39 -5.63 -12.13
N LYS B 319 13.29 -6.31 -11.91
CA LYS B 319 12.15 -6.20 -12.81
C LYS B 319 11.60 -4.82 -12.83
N ARG B 320 11.50 -4.15 -11.68
CA ARG B 320 10.95 -2.77 -11.64
C ARG B 320 11.79 -1.80 -12.45
N ILE B 321 13.10 -1.91 -12.40
CA ILE B 321 13.95 -0.93 -13.11
C ILE B 321 14.58 -1.51 -14.39
N ASP B 322 14.09 -2.68 -14.81
CA ASP B 322 14.71 -3.53 -15.85
C ASP B 322 16.25 -3.60 -15.78
N ALA B 323 16.74 -4.15 -14.68
CA ALA B 323 18.17 -4.18 -14.44
C ALA B 323 18.89 -4.96 -15.55
N ALA B 324 18.29 -6.08 -15.99
CA ALA B 324 18.87 -6.94 -17.05
C ALA B 324 19.20 -6.05 -18.23
N GLY B 325 18.15 -5.37 -18.71
CA GLY B 325 18.27 -4.32 -19.72
C GLY B 325 19.35 -3.30 -19.51
N GLN B 326 19.48 -2.74 -18.30
CA GLN B 326 20.34 -1.57 -18.10
C GLN B 326 21.76 -2.05 -18.19
N LYS B 327 21.93 -3.33 -17.88
CA LYS B 327 23.26 -3.87 -17.72
C LYS B 327 23.84 -4.06 -19.14
N LEU B 328 23.24 -4.99 -19.90
CA LEU B 328 23.26 -5.04 -21.41
C LEU B 328 23.54 -3.72 -22.09
N ARG B 329 22.81 -2.68 -21.74
CA ARG B 329 22.96 -1.41 -22.46
C ARG B 329 24.17 -0.62 -22.01
N GLU B 330 24.59 -0.66 -20.74
CA GLU B 330 25.84 0.05 -20.39
C GLU B 330 27.05 -0.76 -20.85
N GLU B 331 26.85 -2.08 -20.97
CA GLU B 331 27.90 -2.99 -21.41
C GLU B 331 28.16 -2.74 -22.89
N ALA B 332 27.12 -2.88 -23.72
CA ALA B 332 27.18 -2.44 -25.14
C ALA B 332 27.81 -1.05 -25.26
N ALA B 333 27.26 -0.07 -24.57
CA ALA B 333 27.84 1.26 -24.58
C ALA B 333 29.30 1.34 -24.07
N VAL B 334 29.73 0.42 -23.19
CA VAL B 334 31.17 0.46 -22.78
C VAL B 334 32.12 -0.30 -23.75
N LEU B 335 31.62 -1.36 -24.35
CA LEU B 335 32.42 -2.09 -25.34
C LEU B 335 32.55 -1.23 -26.64
N GLY B 336 31.41 -0.76 -27.16
CA GLY B 336 31.40 0.38 -28.09
C GLY B 336 32.56 1.34 -27.84
N TRP B 337 32.55 1.92 -26.64
CA TRP B 337 33.43 3.02 -26.28
C TRP B 337 34.86 2.63 -26.38
N LEU B 338 35.18 1.36 -26.08
CA LEU B 338 36.57 0.94 -25.92
C LEU B 338 37.33 0.79 -27.27
N LYS B 339 36.72 0.05 -28.21
CA LYS B 339 37.27 -0.11 -29.57
C LYS B 339 37.30 1.20 -30.36
N GLY B 340 36.20 1.95 -30.33
CA GLY B 340 36.23 3.39 -30.07
C GLY B 340 37.60 4.06 -30.13
N GLN B 341 38.50 3.71 -29.23
CA GLN B 341 39.79 4.40 -29.14
C GLN B 341 40.93 3.44 -29.49
N GLY B 342 40.62 2.38 -30.24
CA GLY B 342 41.60 1.44 -30.81
C GLY B 342 42.77 1.05 -29.89
N ALA B 343 43.95 1.60 -30.16
CA ALA B 343 45.21 1.08 -29.60
C ALA B 343 45.23 1.15 -28.07
N LYS B 344 44.80 2.29 -27.53
CA LYS B 344 44.89 2.55 -26.09
C LYS B 344 43.88 1.67 -25.32
N GLY B 345 42.77 1.27 -25.98
CA GLY B 345 41.65 0.57 -25.35
C GLY B 345 41.57 -0.91 -25.67
N GLN B 346 42.66 -1.45 -26.18
CA GLN B 346 42.75 -2.91 -26.42
C GLN B 346 43.07 -3.72 -25.18
N PRO B 347 44.03 -3.28 -24.34
CA PRO B 347 44.17 -4.02 -23.07
C PRO B 347 42.80 -4.22 -22.32
N ALA B 348 42.05 -3.14 -22.13
CA ALA B 348 40.74 -3.28 -21.50
C ALA B 348 39.86 -4.28 -22.24
N LEU B 349 39.87 -4.31 -23.56
CA LEU B 349 38.86 -5.16 -24.27
C LEU B 349 39.19 -6.66 -24.14
N ASP B 350 40.48 -6.92 -23.86
CA ASP B 350 41.06 -8.26 -23.72
C ASP B 350 40.55 -8.90 -22.38
N ALA B 351 40.97 -8.32 -21.27
CA ALA B 351 40.27 -8.33 -19.97
C ALA B 351 38.78 -8.68 -20.06
N HIS B 352 37.96 -7.86 -20.69
CA HIS B 352 36.55 -8.23 -20.76
C HIS B 352 36.36 -9.67 -21.19
N ALA B 353 37.21 -10.09 -22.13
CA ALA B 353 37.03 -11.36 -22.76
C ALA B 353 37.49 -12.50 -21.81
N LYS B 354 38.58 -12.28 -21.08
CA LYS B 354 39.09 -13.27 -20.14
C LYS B 354 38.03 -13.44 -19.03
N LEU B 355 37.76 -12.33 -18.35
CA LEU B 355 36.71 -12.25 -17.28
C LEU B 355 35.50 -12.97 -17.64
N LEU B 356 35.05 -12.69 -18.84
CA LEU B 356 33.87 -13.31 -19.33
C LEU B 356 33.98 -14.85 -19.38
N ASP B 357 35.15 -15.35 -19.75
CA ASP B 357 35.32 -16.80 -19.91
C ASP B 357 35.51 -17.49 -18.52
N LEU B 358 36.23 -16.79 -17.62
CA LEU B 358 36.32 -17.20 -16.19
C LEU B 358 34.96 -17.42 -15.53
N LEU B 359 34.04 -16.55 -15.86
CA LEU B 359 32.72 -16.67 -15.37
C LEU B 359 31.98 -17.90 -15.87
N GLU B 360 32.12 -18.22 -17.16
CA GLU B 360 31.52 -19.47 -17.69
C GLU B 360 32.08 -20.73 -16.97
N GLN B 361 33.34 -20.65 -16.58
CA GLN B 361 33.98 -21.73 -15.86
C GLN B 361 33.44 -21.97 -14.50
N SER B 362 33.28 -20.91 -13.71
CA SER B 362 32.66 -21.10 -12.40
C SER B 362 31.23 -21.55 -12.64
N LYS B 363 30.65 -21.07 -13.75
CA LYS B 363 29.31 -21.50 -14.15
C LYS B 363 29.14 -23.01 -14.37
N ALA B 364 30.11 -23.64 -15.02
CA ALA B 364 30.06 -25.10 -15.24
C ALA B 364 29.79 -25.96 -13.99
N THR B 365 30.29 -25.51 -12.83
CA THR B 365 30.28 -26.31 -11.59
C THR B 365 29.46 -25.67 -10.44
N ARG B 366 28.60 -24.72 -10.75
CA ARG B 366 28.11 -23.83 -9.69
C ARG B 366 27.19 -24.55 -8.72
N ASP B 367 26.46 -25.55 -9.25
CA ASP B 367 25.53 -26.31 -8.44
C ASP B 367 26.23 -27.28 -7.53
N ARG B 368 27.25 -27.90 -8.10
CA ARG B 368 28.14 -28.73 -7.32
C ARG B 368 28.73 -27.91 -6.19
N ASP B 369 29.31 -26.79 -6.58
CA ASP B 369 30.07 -25.98 -5.69
C ASP B 369 29.20 -25.52 -4.55
N LEU B 370 28.01 -24.99 -4.85
CA LEU B 370 27.06 -24.58 -3.79
C LEU B 370 26.58 -25.70 -2.90
N THR B 371 26.13 -26.78 -3.54
CA THR B 371 25.58 -27.86 -2.79
C THR B 371 26.62 -28.43 -1.80
N LEU B 372 27.85 -28.57 -2.26
CA LEU B 372 28.90 -29.23 -1.47
C LEU B 372 29.27 -28.31 -0.27
N ALA B 373 29.46 -27.04 -0.60
CA ALA B 373 29.67 -26.00 0.43
C ALA B 373 28.59 -25.95 1.50
N LEU B 374 27.32 -25.91 1.11
CA LEU B 374 26.27 -25.93 2.13
C LEU B 374 26.10 -27.27 2.85
N PHE B 375 26.31 -28.38 2.13
CA PHE B 375 26.31 -29.69 2.84
C PHE B 375 27.37 -29.69 3.99
N ASN B 376 28.57 -29.26 3.65
CA ASN B 376 29.71 -29.19 4.62
C ASN B 376 29.64 -28.09 5.68
N ASN B 377 28.65 -27.21 5.53
CA ASN B 377 28.39 -26.15 6.48
C ASN B 377 27.41 -26.61 7.57
N THR B 378 26.76 -27.79 7.45
CA THR B 378 25.95 -28.28 8.57
C THR B 378 26.91 -28.55 9.73
N ALA B 379 26.44 -28.76 10.93
CA ALA B 379 27.22 -28.46 12.15
C ALA B 379 28.38 -29.43 12.34
N MET B 380 28.13 -30.71 12.12
CA MET B 380 29.05 -31.75 12.55
C MET B 380 30.01 -31.99 11.43
N LEU B 381 29.55 -31.85 10.20
CA LEU B 381 30.44 -31.95 9.10
C LEU B 381 31.30 -30.74 8.90
N GLY B 382 30.72 -29.57 9.11
CA GLY B 382 31.53 -28.34 9.24
C GLY B 382 32.60 -28.45 10.30
N SER B 383 32.21 -28.86 11.49
CA SER B 383 33.19 -28.98 12.56
C SER B 383 34.35 -29.94 12.13
N ALA B 384 33.97 -31.09 11.58
CA ALA B 384 34.98 -32.13 11.27
C ALA B 384 35.90 -31.72 10.15
N THR B 385 35.34 -31.09 9.10
CA THR B 385 36.21 -30.66 8.00
C THR B 385 37.19 -29.53 8.45
N GLN B 386 36.69 -28.54 9.22
CA GLN B 386 37.53 -27.46 9.75
C GLN B 386 38.68 -28.00 10.66
N LEU B 387 38.31 -28.88 11.52
CA LEU B 387 39.19 -29.38 12.53
C LEU B 387 40.23 -30.29 11.90
N TYR B 388 39.82 -31.18 11.00
CA TYR B 388 40.83 -31.93 10.23
C TYR B 388 41.78 -31.01 9.40
N ARG B 389 41.19 -30.07 8.65
CA ARG B 389 42.02 -29.18 7.85
C ARG B 389 43.07 -28.48 8.74
N LEU B 390 42.67 -28.08 9.95
CA LEU B 390 43.57 -27.38 10.87
C LEU B 390 44.77 -28.29 11.24
N SER B 391 44.47 -29.56 11.50
CA SER B 391 45.50 -30.59 11.79
C SER B 391 46.48 -30.77 10.63
N ILE B 392 45.99 -30.60 9.41
CA ILE B 392 46.84 -30.65 8.23
C ILE B 392 47.70 -29.41 8.16
N GLU B 393 47.10 -28.24 8.33
CA GLU B 393 47.87 -27.00 8.27
C GLU B 393 48.90 -26.84 9.36
N ARG B 394 48.57 -27.32 10.57
CA ARG B 394 49.45 -27.21 11.74
C ARG B 394 50.83 -27.88 11.47
N GLU B 395 50.88 -28.78 10.48
CA GLU B 395 52.15 -29.44 10.09
C GLU B 395 53.09 -28.58 9.30
N LYS B 396 52.58 -27.51 8.70
CA LYS B 396 53.41 -26.59 7.95
C LYS B 396 53.89 -25.48 8.85
N PRO B 397 54.95 -24.76 8.41
CA PRO B 397 55.36 -23.54 9.07
C PRO B 397 54.19 -22.54 9.03
N ASN B 398 54.06 -21.73 10.08
CA ASN B 398 52.86 -20.89 10.19
C ASN B 398 52.65 -19.98 8.96
N ALA B 399 53.74 -19.44 8.42
CA ALA B 399 53.72 -18.61 7.22
C ALA B 399 53.21 -19.28 5.98
N GLU B 400 53.14 -20.60 5.94
CA GLU B 400 52.57 -21.22 4.78
C GLU B 400 51.19 -21.81 5.03
N ARG B 401 50.69 -21.68 6.25
CA ARG B 401 49.36 -22.22 6.55
C ARG B 401 48.26 -21.40 5.84
N GLU B 402 47.21 -22.06 5.39
CA GLU B 402 46.06 -21.34 4.78
C GLU B 402 45.49 -20.29 5.77
N SER B 403 45.38 -19.06 5.30
CA SER B 403 44.53 -18.06 5.94
C SER B 403 43.27 -18.67 6.50
N GLY B 404 42.99 -18.37 7.76
CA GLY B 404 41.89 -19.01 8.48
C GLY B 404 42.41 -20.14 9.38
N TYR B 405 43.65 -20.58 9.13
CA TYR B 405 44.26 -21.68 9.88
C TYR B 405 45.65 -21.38 10.42
N GLN B 406 46.03 -20.09 10.48
CA GLN B 406 47.28 -19.72 11.12
C GLN B 406 47.10 -19.44 12.59
N GLU B 407 48.22 -19.24 13.25
CA GLU B 407 48.18 -19.02 14.69
C GLU B 407 47.20 -17.95 15.06
N ARG B 408 47.17 -16.88 14.26
CA ARG B 408 46.34 -15.70 14.55
C ARG B 408 44.84 -16.03 14.44
N ASP B 409 44.51 -17.18 13.85
CA ASP B 409 43.14 -17.61 13.68
C ASP B 409 42.64 -18.60 14.77
N LEU B 410 43.55 -19.06 15.59
CA LEU B 410 43.19 -20.06 16.62
C LEU B 410 42.14 -19.62 17.61
N PRO B 411 42.24 -18.39 18.15
CA PRO B 411 41.19 -17.87 19.02
C PRO B 411 39.81 -18.01 18.40
N ALA B 412 39.64 -17.65 17.13
CA ALA B 412 38.29 -17.63 16.53
C ALA B 412 37.82 -19.05 16.23
N ILE B 413 38.75 -19.93 15.84
CA ILE B 413 38.40 -21.35 15.64
C ILE B 413 37.89 -21.95 16.97
N GLU B 414 38.64 -21.76 18.04
CA GLU B 414 38.27 -22.34 19.31
C GLU B 414 36.96 -21.76 19.84
N GLY B 415 36.86 -20.43 19.75
CA GLY B 415 35.64 -19.72 20.00
C GLY B 415 34.40 -20.18 19.27
N GLY B 416 34.52 -20.41 17.98
CA GLY B 416 33.38 -20.96 17.21
C GLY B 416 32.92 -22.35 17.71
N LEU B 417 33.88 -23.22 18.06
CA LEU B 417 33.47 -24.57 18.58
C LEU B 417 32.70 -24.54 19.90
N LYS B 418 32.91 -23.50 20.69
CA LYS B 418 32.19 -23.29 21.93
C LYS B 418 30.84 -22.63 21.75
N GLN B 419 30.82 -21.59 20.90
CA GLN B 419 29.58 -20.97 20.54
C GLN B 419 28.59 -21.94 19.93
N LEU B 420 29.06 -22.90 19.15
CA LEU B 420 28.19 -23.91 18.49
C LEU B 420 27.24 -24.65 19.49
N GLU B 421 27.69 -24.81 20.74
CA GLU B 421 26.89 -25.43 21.79
C GLU B 421 25.52 -24.79 21.94
N ARG B 422 25.44 -23.46 21.76
CA ARG B 422 24.19 -22.74 21.93
C ARG B 422 23.40 -22.68 20.62
N ARG B 423 23.86 -23.35 19.58
CA ARG B 423 23.29 -23.29 18.22
C ARG B 423 23.16 -24.65 17.51
N TYR B 424 23.15 -25.75 18.26
CA TYR B 424 23.21 -27.08 17.69
C TYR B 424 22.27 -27.97 18.54
N VAL B 425 21.38 -28.62 17.80
CA VAL B 425 20.58 -29.73 18.33
C VAL B 425 20.63 -30.86 17.34
N ALA B 426 21.00 -32.05 17.83
CA ALA B 426 21.33 -33.12 16.89
C ALA B 426 20.08 -33.55 16.07
N ALA B 427 18.90 -33.63 16.69
CA ALA B 427 17.67 -33.96 15.89
C ALA B 427 17.46 -32.95 14.76
N MET B 428 17.79 -31.67 15.01
CA MET B 428 17.59 -30.64 14.00
C MET B 428 18.62 -30.72 12.86
N ASP B 429 19.91 -30.74 13.21
CA ASP B 429 20.98 -30.90 12.22
C ASP B 429 20.79 -32.15 11.38
N ARG B 430 20.22 -33.22 11.94
CA ARG B 430 19.99 -34.44 11.17
C ARG B 430 19.07 -34.12 10.01
N GLN B 431 18.00 -33.37 10.29
CA GLN B 431 17.10 -32.98 9.23
C GLN B 431 17.76 -32.11 8.20
N LEU B 432 18.72 -31.24 8.57
CA LEU B 432 19.45 -30.42 7.58
C LEU B 432 20.44 -31.20 6.72
N GLN B 433 21.20 -32.10 7.38
CA GLN B 433 22.06 -33.07 6.67
C GLN B 433 21.21 -33.82 5.59
N GLU B 434 20.05 -34.35 6.03
CA GLU B 434 19.03 -35.03 5.15
C GLU B 434 18.71 -34.15 3.98
N TYR B 435 18.22 -32.95 4.32
CA TYR B 435 17.90 -31.98 3.28
C TYR B 435 19.02 -31.86 2.30
N TRP B 436 20.28 -31.72 2.73
CA TRP B 436 21.33 -31.42 1.77
C TRP B 436 21.83 -32.64 0.96
N LEU B 437 21.77 -33.82 1.58
CA LEU B 437 22.02 -35.06 0.88
C LEU B 437 20.97 -35.30 -0.22
N ASN B 438 19.70 -35.11 0.13
CA ASN B 438 18.61 -35.19 -0.86
C ASN B 438 18.88 -34.28 -2.02
N GLU B 439 19.42 -33.10 -1.76
CA GLU B 439 19.82 -32.17 -2.83
C GLU B 439 21.10 -32.54 -3.57
N TYR B 440 22.08 -33.07 -2.85
CA TYR B 440 23.22 -33.69 -3.51
C TYR B 440 22.79 -34.78 -4.50
N ILE B 441 21.90 -35.69 -4.12
CA ILE B 441 21.65 -36.86 -5.02
C ILE B 441 20.95 -36.41 -6.30
N LYS B 442 19.87 -35.66 -6.18
CA LYS B 442 19.41 -34.72 -7.23
C LYS B 442 20.43 -34.21 -8.27
N LEU B 443 21.71 -34.07 -7.90
CA LEU B 443 22.68 -33.53 -8.84
C LEU B 443 22.83 -34.44 -10.07
N PRO B 444 23.13 -33.86 -11.25
CA PRO B 444 23.42 -34.71 -12.40
C PRO B 444 24.74 -35.45 -12.22
N ALA B 445 24.89 -36.57 -12.94
CA ALA B 445 26.11 -37.39 -12.90
C ALA B 445 27.39 -36.61 -13.21
N ASP B 446 27.38 -35.67 -14.18
CA ASP B 446 28.59 -34.88 -14.48
C ASP B 446 28.96 -33.86 -13.37
N GLN B 447 28.01 -33.57 -12.49
CA GLN B 447 28.12 -32.51 -11.50
C GLN B 447 28.41 -33.09 -10.10
N ARG B 448 28.95 -34.31 -10.05
CA ARG B 448 29.01 -35.05 -8.78
C ARG B 448 30.42 -34.99 -8.25
N VAL B 449 30.57 -35.45 -7.03
CA VAL B 449 31.87 -35.54 -6.39
C VAL B 449 32.17 -37.01 -6.11
N ALA B 450 33.27 -37.50 -6.68
CA ALA B 450 33.63 -38.92 -6.58
C ALA B 450 33.57 -39.38 -5.11
N ALA B 451 34.35 -38.69 -4.30
CA ALA B 451 34.58 -39.13 -2.94
C ALA B 451 33.27 -39.12 -2.13
N VAL B 452 32.36 -38.20 -2.45
CA VAL B 452 31.07 -38.18 -1.71
C VAL B 452 30.10 -39.34 -2.11
N ASP B 453 29.92 -39.55 -3.42
CA ASP B 453 29.39 -40.80 -4.02
C ASP B 453 29.82 -42.09 -3.27
N ALA B 454 31.14 -42.33 -3.21
CA ALA B 454 31.72 -43.49 -2.49
C ALA B 454 31.31 -43.50 -1.02
N TRP B 455 31.57 -42.38 -0.32
CA TRP B 455 31.26 -42.30 1.10
C TRP B 455 29.79 -42.73 1.33
N LEU B 456 28.93 -42.41 0.35
CA LEU B 456 27.48 -42.51 0.54
C LEU B 456 26.96 -43.90 0.21
N GLY B 457 27.53 -44.51 -0.84
CA GLY B 457 27.16 -45.84 -1.29
C GLY B 457 25.80 -45.95 -1.99
N GLY B 458 25.53 -45.07 -2.97
CA GLY B 458 24.37 -45.19 -3.86
C GLY B 458 23.33 -44.07 -3.76
N ASN B 459 22.50 -43.94 -4.80
CA ASN B 459 21.79 -42.70 -5.12
C ASN B 459 20.33 -42.71 -4.76
N ASP B 460 19.99 -43.03 -3.51
CA ASP B 460 18.59 -43.28 -3.15
C ASP B 460 18.30 -42.95 -1.72
N ALA B 461 17.00 -42.86 -1.41
CA ALA B 461 16.50 -42.75 -0.03
C ALA B 461 17.16 -43.74 0.95
N ALA B 462 17.52 -44.93 0.48
CA ALA B 462 18.12 -45.96 1.34
C ALA B 462 19.50 -45.51 1.84
N ALA B 463 20.35 -45.08 0.90
CA ALA B 463 21.73 -44.64 1.22
C ALA B 463 21.73 -43.41 2.17
N VAL B 464 20.88 -42.44 1.82
CA VAL B 464 20.64 -41.25 2.63
C VAL B 464 20.32 -41.69 4.04
N LYS B 465 19.40 -42.62 4.16
CA LYS B 465 18.99 -43.10 5.46
C LYS B 465 20.19 -43.74 6.22
N ARG B 466 21.09 -44.37 5.46
CA ARG B 466 22.24 -45.09 6.03
C ARG B 466 23.32 -44.12 6.52
N ALA B 467 23.73 -43.24 5.62
CA ALA B 467 24.49 -42.02 5.94
C ALA B 467 24.08 -41.31 7.25
N LEU B 468 22.79 -41.03 7.34
CA LEU B 468 22.26 -40.26 8.41
C LEU B 468 22.41 -41.04 9.70
N ASP B 469 22.00 -42.33 9.64
CA ASP B 469 22.14 -43.30 10.77
C ASP B 469 23.62 -43.42 11.26
N ARG B 470 24.57 -43.45 10.32
CA ARG B 470 25.99 -43.55 10.63
C ARG B 470 26.53 -42.26 11.25
N LEU B 471 26.30 -41.13 10.59
CA LEU B 471 26.70 -39.81 11.13
C LEU B 471 26.16 -39.56 12.52
N ALA B 472 24.99 -40.12 12.80
CA ALA B 472 24.37 -39.92 14.08
C ALA B 472 25.29 -40.43 15.20
N GLY B 473 26.21 -41.36 14.91
CA GLY B 473 27.13 -41.84 15.90
C GLY B 473 28.31 -40.95 16.25
N THR B 474 28.52 -39.82 15.55
CA THR B 474 29.57 -38.85 15.98
C THR B 474 29.48 -38.44 17.46
N LYS B 475 30.62 -38.18 18.09
CA LYS B 475 30.65 -37.54 19.38
C LYS B 475 30.94 -36.02 19.27
N LEU B 476 31.11 -35.51 18.06
CA LEU B 476 31.35 -34.08 17.84
C LEU B 476 30.24 -33.13 18.32
N GLY B 477 29.12 -33.69 18.77
CA GLY B 477 28.03 -32.96 19.35
C GLY B 477 28.26 -32.22 20.67
N SER B 478 29.29 -32.60 21.45
CA SER B 478 29.58 -31.95 22.71
C SER B 478 30.81 -31.01 22.51
N THR B 479 30.80 -29.89 23.21
CA THR B 479 31.83 -28.91 23.09
C THR B 479 33.14 -29.57 23.43
N GLU B 480 33.12 -30.47 24.41
CA GLU B 480 34.37 -31.08 24.89
C GLU B 480 35.01 -31.98 23.84
N GLU B 481 34.22 -32.69 23.05
CA GLU B 481 34.83 -33.52 22.05
C GLU B 481 35.43 -32.66 20.95
N ARG B 482 34.75 -31.53 20.64
CA ARG B 482 35.22 -30.63 19.58
C ARG B 482 36.55 -30.04 20.00
N LEU B 483 36.65 -29.62 21.25
CA LEU B 483 37.86 -29.02 21.73
C LEU B 483 39.01 -30.04 21.84
N LYS B 484 38.68 -31.32 22.06
CA LYS B 484 39.71 -32.39 22.04
C LYS B 484 40.35 -32.45 20.64
N TRP B 485 39.52 -32.47 19.62
CA TRP B 485 39.98 -32.59 18.26
C TRP B 485 40.66 -31.30 17.76
N PHE B 486 40.27 -30.16 18.33
CA PHE B 486 40.96 -28.87 18.08
C PHE B 486 42.43 -28.99 18.39
N ALA B 487 42.78 -29.83 19.37
CA ALA B 487 44.14 -29.97 19.79
C ALA B 487 44.81 -31.19 19.21
N ALA B 488 44.09 -32.07 18.52
CA ALA B 488 44.67 -33.37 18.11
C ALA B 488 45.48 -33.24 16.82
N ASP B 489 46.42 -34.13 16.61
CA ASP B 489 47.22 -34.11 15.42
C ASP B 489 46.62 -34.95 14.31
N ARG B 490 47.20 -34.80 13.13
CA ARG B 490 46.61 -35.29 11.91
C ARG B 490 46.43 -36.83 11.93
N LYS B 491 47.45 -37.49 12.46
CA LYS B 491 47.39 -38.96 12.61
C LYS B 491 46.20 -39.38 13.46
N ALA B 492 45.95 -38.67 14.54
CA ALA B 492 44.80 -38.98 15.39
C ALA B 492 43.49 -38.88 14.59
N PHE B 493 43.40 -37.93 13.65
CA PHE B 493 42.17 -37.80 12.84
C PHE B 493 42.01 -39.03 11.91
N GLU B 494 43.07 -39.37 11.20
CA GLU B 494 43.06 -40.49 10.28
C GLU B 494 42.88 -41.83 11.01
N ALA B 495 43.21 -41.87 12.30
CA ALA B 495 42.91 -43.08 13.11
C ALA B 495 41.42 -43.21 13.55
N SER B 496 40.66 -42.12 13.52
CA SER B 496 39.39 -42.07 14.27
C SER B 496 38.32 -42.95 13.63
N ASN B 497 37.52 -43.59 14.47
CA ASN B 497 36.27 -44.20 14.02
C ASN B 497 35.06 -43.31 14.20
N ASP B 498 35.25 -42.07 14.66
CA ASP B 498 34.13 -41.11 14.60
C ASP B 498 33.66 -40.91 13.14
N PRO B 499 32.37 -41.15 12.83
CA PRO B 499 31.87 -41.12 11.43
C PRO B 499 31.89 -39.72 10.72
N ALA B 500 31.73 -38.67 11.53
CA ALA B 500 31.89 -37.29 11.04
C ALA B 500 33.35 -37.02 10.63
N ILE B 501 34.29 -37.41 11.50
CA ILE B 501 35.72 -37.30 11.18
C ILE B 501 36.11 -38.17 10.03
N GLN B 502 35.50 -39.36 9.92
CA GLN B 502 35.73 -40.23 8.76
C GLN B 502 35.26 -39.57 7.47
N TYR B 503 34.10 -38.92 7.51
CA TYR B 503 33.65 -38.16 6.35
C TYR B 503 34.68 -37.13 5.90
N ALA B 504 35.18 -36.36 6.86
CA ALA B 504 36.18 -35.30 6.55
C ALA B 504 37.42 -35.87 5.92
N VAL B 505 37.96 -36.94 6.53
CA VAL B 505 39.19 -37.53 6.04
C VAL B 505 38.99 -38.06 4.63
N ALA B 506 37.86 -38.74 4.47
CA ALA B 506 37.35 -39.12 3.16
C ALA B 506 37.36 -38.02 2.10
N VAL B 507 36.85 -36.81 2.39
CA VAL B 507 36.64 -35.80 1.32
C VAL B 507 37.70 -34.75 1.19
N MET B 508 38.60 -34.65 2.17
CA MET B 508 39.53 -33.53 2.19
C MET B 508 40.42 -33.40 0.94
N PRO B 509 41.05 -34.52 0.48
CA PRO B 509 41.66 -34.47 -0.85
C PRO B 509 40.89 -33.74 -1.94
N THR B 510 39.63 -34.09 -2.15
CA THR B 510 38.79 -33.32 -3.08
C THR B 510 38.69 -31.83 -2.71
N LEU B 511 38.48 -31.53 -1.43
CA LEU B 511 38.31 -30.11 -1.04
C LEU B 511 39.57 -29.32 -1.28
N LEU B 512 40.73 -29.86 -0.95
CA LEU B 512 41.99 -29.16 -1.26
C LEU B 512 42.19 -28.97 -2.78
N LYS B 513 41.75 -29.95 -3.56
CA LYS B 513 41.84 -29.88 -5.02
C LYS B 513 40.91 -28.81 -5.54
N LEU B 514 39.68 -28.81 -5.07
CA LEU B 514 38.75 -27.77 -5.48
C LEU B 514 39.23 -26.43 -4.99
N GLU B 515 39.83 -26.39 -3.82
CA GLU B 515 40.41 -25.10 -3.40
C GLU B 515 41.52 -24.59 -4.34
N GLN B 516 42.34 -25.53 -4.87
CA GLN B 516 43.36 -25.16 -5.84
C GLN B 516 42.70 -24.67 -7.11
N GLU B 517 41.67 -25.39 -7.55
CA GLU B 517 40.94 -24.98 -8.76
C GLU B 517 40.37 -23.54 -8.59
N ARG B 518 39.92 -23.20 -7.37
CA ARG B 518 39.50 -21.83 -7.03
C ARG B 518 40.65 -20.85 -7.00
N LYS B 519 41.78 -21.23 -6.44
CA LYS B 519 42.89 -20.26 -6.33
C LYS B 519 43.46 -19.92 -7.73
N THR B 520 43.36 -20.90 -8.62
CA THR B 520 43.84 -20.75 -10.00
C THR B 520 42.91 -19.81 -10.79
N ARG B 521 41.62 -20.12 -10.84
CA ARG B 521 40.63 -19.13 -11.30
C ARG B 521 40.83 -17.70 -10.71
N ALA B 522 41.06 -17.56 -9.39
CA ALA B 522 41.26 -16.22 -8.80
C ALA B 522 42.49 -15.51 -9.34
N GLY B 523 43.49 -16.32 -9.70
CA GLY B 523 44.74 -15.77 -10.16
C GLY B 523 44.59 -15.15 -11.53
N GLU B 524 43.81 -15.78 -12.39
CA GLU B 524 43.55 -15.30 -13.75
C GLU B 524 42.70 -14.04 -13.73
N ASN B 525 41.58 -14.11 -12.98
CA ASN B 525 40.95 -12.91 -12.45
C ASN B 525 41.87 -11.77 -11.97
N LEU B 526 42.89 -12.05 -11.19
CA LEU B 526 43.73 -10.94 -10.62
C LEU B 526 44.50 -10.10 -11.68
N ALA B 527 44.63 -10.69 -12.85
CA ALA B 527 45.27 -10.06 -14.00
C ALA B 527 44.31 -9.09 -14.70
N ALA B 528 43.13 -9.67 -15.02
CA ALA B 528 42.12 -9.14 -15.96
C ALA B 528 41.08 -8.19 -15.33
N ARG B 529 40.83 -8.35 -14.01
CA ARG B 529 39.86 -7.55 -13.23
C ARG B 529 40.26 -6.09 -13.21
N PRO B 530 41.48 -5.76 -12.80
CA PRO B 530 41.79 -4.39 -12.48
C PRO B 530 41.83 -3.47 -13.73
N VAL B 531 42.22 -4.08 -14.84
CA VAL B 531 42.34 -3.35 -16.07
C VAL B 531 40.95 -3.04 -16.58
N TYR B 532 40.09 -4.04 -16.62
CA TYR B 532 38.72 -3.83 -17.06
C TYR B 532 37.92 -2.93 -16.16
N LEU B 533 38.05 -3.15 -14.85
CA LEU B 533 37.34 -2.34 -13.89
C LEU B 533 37.86 -0.91 -13.97
N GLN B 534 39.13 -0.71 -14.31
CA GLN B 534 39.70 0.65 -14.37
C GLN B 534 39.14 1.38 -15.58
N ALA B 535 38.62 0.63 -16.52
CA ALA B 535 38.05 1.18 -17.71
C ALA B 535 36.59 1.57 -17.50
N LEU B 536 35.81 0.68 -16.85
CA LEU B 536 34.44 1.00 -16.32
C LEU B 536 34.49 2.32 -15.58
N ALA B 537 35.48 2.47 -14.72
CA ALA B 537 35.65 3.68 -13.96
C ALA B 537 35.92 4.86 -14.84
N ASP B 538 36.91 4.75 -15.71
CA ASP B 538 37.22 5.84 -16.69
C ASP B 538 36.03 6.31 -17.57
N TYR B 539 35.29 5.36 -18.16
CA TYR B 539 34.01 5.61 -18.82
C TYR B 539 33.06 6.39 -17.90
N LYS B 540 32.77 5.87 -16.70
CA LYS B 540 31.84 6.53 -15.74
C LYS B 540 32.24 7.97 -15.57
N LYS B 541 33.54 8.23 -15.44
CA LYS B 541 34.01 9.58 -15.29
C LYS B 541 33.76 10.40 -16.58
N SER B 542 34.06 9.80 -17.73
CA SER B 542 33.70 10.43 -19.01
C SER B 542 32.20 10.73 -19.12
N GLN B 543 31.34 10.09 -18.32
CA GLN B 543 29.90 10.37 -18.35
C GLN B 543 29.44 11.27 -17.22
N GLY B 544 30.39 11.89 -16.52
CA GLY B 544 30.11 12.72 -15.36
C GLY B 544 29.60 11.95 -14.14
N GLU B 545 29.63 10.62 -14.19
CA GLU B 545 28.98 9.78 -13.17
C GLU B 545 29.85 9.71 -11.92
N PHE B 546 29.26 9.32 -10.79
CA PHE B 546 30.01 9.23 -9.54
C PHE B 546 30.90 7.98 -9.60
N VAL B 547 32.15 8.11 -9.12
CA VAL B 547 33.17 7.05 -9.16
C VAL B 547 33.74 6.77 -7.77
N TYR B 548 33.42 5.59 -7.25
CA TYR B 548 33.90 5.15 -5.91
C TYR B 548 33.93 3.62 -6.00
N PRO B 549 34.79 2.97 -5.22
CA PRO B 549 34.86 1.54 -5.30
C PRO B 549 33.67 0.80 -4.68
N ASP B 550 33.35 -0.34 -5.23
CA ASP B 550 32.42 -1.24 -4.60
C ASP B 550 32.88 -1.46 -3.13
N ALA B 551 31.89 -1.75 -2.29
CA ALA B 551 32.16 -1.99 -0.90
C ALA B 551 33.01 -3.28 -0.75
N ASN B 552 33.81 -3.29 0.31
CA ASN B 552 34.79 -4.35 0.54
C ASN B 552 35.15 -4.56 2.01
N LEU B 553 34.23 -4.18 2.91
CA LEU B 553 34.38 -4.25 4.38
C LEU B 553 35.24 -3.23 5.02
N SER B 554 35.67 -2.24 4.25
CA SER B 554 36.45 -1.19 4.78
C SER B 554 35.60 0.05 5.08
N LEU B 555 36.19 0.95 5.78
CA LEU B 555 35.51 2.13 6.24
C LEU B 555 35.11 3.08 5.07
N ARG B 556 33.81 3.45 5.05
CA ARG B 556 33.28 4.35 4.09
C ARG B 556 32.38 5.40 4.74
N ILE B 557 32.24 6.51 4.04
CA ILE B 557 31.38 7.63 4.43
C ILE B 557 30.36 7.83 3.35
N THR B 558 29.11 8.08 3.80
CA THR B 558 27.99 8.40 2.94
C THR B 558 27.29 9.59 3.60
N PHE B 559 26.69 10.45 2.78
CA PHE B 559 26.05 11.65 3.32
C PHE B 559 24.93 12.03 2.43
N GLY B 560 24.07 12.85 3.00
CA GLY B 560 22.84 13.30 2.35
C GLY B 560 21.94 13.98 3.32
N ASN B 561 20.63 13.77 3.16
CA ASN B 561 19.62 14.46 3.91
C ASN B 561 18.45 13.56 4.25
N VAL B 562 17.77 13.88 5.33
CA VAL B 562 16.56 13.25 5.74
C VAL B 562 15.43 13.52 4.73
N MET B 563 14.84 12.47 4.18
CA MET B 563 13.84 12.62 3.16
C MET B 563 13.18 11.31 2.94
N GLY B 564 11.87 11.37 2.68
CA GLY B 564 11.19 10.15 2.22
C GLY B 564 11.35 9.84 0.73
N TYR B 565 10.47 9.01 0.24
CA TYR B 565 10.51 8.62 -1.18
C TYR B 565 9.12 8.32 -1.67
N ALA B 566 8.93 8.27 -3.00
CA ALA B 566 7.60 7.99 -3.54
C ALA B 566 7.63 6.74 -4.38
N PRO B 567 7.09 5.63 -3.88
CA PRO B 567 7.03 4.38 -4.56
C PRO B 567 6.03 4.33 -5.73
N LYS B 568 4.98 5.13 -5.71
CA LYS B 568 3.94 5.06 -6.75
C LYS B 568 3.38 6.40 -6.88
N ASP B 569 2.89 6.73 -8.05
CA ASP B 569 2.22 8.04 -8.24
C ASP B 569 0.98 8.14 -7.28
N GLY B 570 0.80 9.32 -6.72
CA GLY B 570 -0.27 9.62 -5.84
C GLY B 570 0.04 9.42 -4.39
N MET B 571 1.26 8.98 -4.12
CA MET B 571 1.65 8.78 -2.75
C MET B 571 3.10 9.07 -2.51
N GLU B 572 3.38 9.22 -1.22
CA GLU B 572 4.73 9.50 -0.75
C GLU B 572 4.88 8.85 0.61
N TYR B 573 6.04 8.29 0.92
CA TYR B 573 6.33 7.95 2.31
C TYR B 573 6.97 9.11 2.98
N THR B 574 6.58 9.39 4.24
CA THR B 574 7.05 10.54 4.95
C THR B 574 8.40 10.23 5.53
N PRO B 575 9.21 11.24 5.83
CA PRO B 575 10.53 10.85 6.34
C PRO B 575 10.53 10.19 7.70
N PHE B 576 9.54 10.46 8.53
CA PHE B 576 9.53 9.88 9.91
C PHE B 576 8.33 8.95 10.14
N THR B 577 8.47 8.02 11.08
CA THR B 577 7.40 7.43 11.73
C THR B 577 7.43 7.88 13.19
N THR B 578 6.34 7.59 13.87
CA THR B 578 6.01 8.11 15.20
C THR B 578 5.51 7.06 16.17
N LEU B 579 5.48 7.37 17.47
CA LEU B 579 5.02 6.45 18.45
C LEU B 579 3.65 5.96 18.19
N GLU B 580 2.76 6.81 17.71
CA GLU B 580 1.42 6.37 17.43
C GLU B 580 1.36 5.30 16.38
N GLY B 581 2.32 5.32 15.46
CA GLY B 581 2.38 4.32 14.41
C GLY B 581 2.76 2.94 14.90
N VAL B 582 3.51 2.88 16.00
CA VAL B 582 3.91 1.63 16.59
C VAL B 582 2.67 0.99 17.15
N VAL B 583 1.92 1.75 17.96
CA VAL B 583 0.73 1.18 18.61
C VAL B 583 -0.37 0.84 17.59
N ALA B 584 -0.51 1.60 16.49
CA ALA B 584 -1.44 1.21 15.44
C ALA B 584 -1.22 -0.14 14.84
N LYS B 585 0.01 -0.70 14.91
CA LYS B 585 0.29 -2.02 14.32
C LYS B 585 0.10 -3.11 15.33
N GLU B 586 -0.20 -2.75 16.58
CA GLU B 586 -0.26 -3.73 17.68
C GLU B 586 -1.29 -4.84 17.41
N THR B 587 -0.92 -6.12 17.57
CA THR B 587 -1.94 -7.18 17.46
C THR B 587 -1.99 -8.09 18.68
N GLY B 588 -1.13 -7.84 19.64
CA GLY B 588 -0.92 -8.73 20.75
C GLY B 588 -0.21 -10.05 20.45
N GLN B 589 0.16 -10.30 19.19
CA GLN B 589 0.74 -11.56 18.72
C GLN B 589 2.14 -11.21 18.15
N ASP B 590 3.09 -12.10 18.32
CA ASP B 590 4.40 -11.91 17.69
C ASP B 590 4.17 -11.79 16.18
N PRO B 591 4.91 -10.90 15.50
CA PRO B 591 5.87 -9.90 15.87
C PRO B 591 5.32 -8.51 16.22
N PHE B 592 4.02 -8.37 16.41
CA PHE B 592 3.49 -7.05 16.70
C PHE B 592 2.92 -6.94 18.12
N ASP B 593 3.75 -7.26 19.10
CA ASP B 593 3.38 -7.37 20.51
C ASP B 593 4.27 -6.52 21.38
N SER B 594 4.05 -5.20 21.37
CA SER B 594 4.96 -4.32 22.07
C SER B 594 4.80 -4.50 23.59
N PRO B 595 5.83 -4.15 24.38
CA PRO B 595 5.58 -4.13 25.83
C PRO B 595 4.38 -3.29 26.28
N LYS B 596 3.73 -3.74 27.34
CA LYS B 596 2.66 -2.96 27.97
C LYS B 596 3.07 -1.57 28.33
N ALA B 597 4.28 -1.39 28.78
CA ALA B 597 4.74 -0.09 29.17
C ALA B 597 4.79 0.91 27.99
N LEU B 598 5.20 0.43 26.83
CA LEU B 598 5.12 1.25 25.60
C LEU B 598 3.68 1.61 25.26
N LEU B 599 2.85 0.60 25.18
CA LEU B 599 1.45 0.80 24.86
C LEU B 599 0.79 1.84 25.79
N ASP B 600 1.09 1.82 27.08
CA ASP B 600 0.49 2.78 28.01
C ASP B 600 1.13 4.19 27.92
N ALA B 601 2.46 4.27 27.74
CA ALA B 601 3.15 5.53 27.62
C ALA B 601 2.63 6.29 26.38
N VAL B 602 2.33 5.56 25.33
CA VAL B 602 1.90 6.18 24.05
C VAL B 602 0.43 6.68 24.16
N ALA B 603 -0.42 5.81 24.69
CA ALA B 603 -1.85 6.12 24.90
C ALA B 603 -1.99 7.36 25.77
N ALA B 604 -1.08 7.51 26.74
CA ALA B 604 -0.96 8.72 27.58
C ALA B 604 -0.17 9.91 27.04
N LYS B 605 0.31 9.86 25.81
CA LYS B 605 1.26 10.88 25.35
C LYS B 605 2.33 11.23 26.36
N ARG B 606 2.92 10.22 26.97
CA ARG B 606 4.15 10.44 27.74
C ARG B 606 5.41 10.45 26.84
N TYR B 607 5.72 11.60 26.28
CA TYR B 607 6.80 11.75 25.32
C TYR B 607 8.14 12.07 25.94
N GLY B 608 8.19 12.19 27.27
CA GLY B 608 9.42 12.19 28.00
C GLY B 608 10.36 13.33 27.69
N GLY B 609 9.86 14.48 27.28
CA GLY B 609 10.80 15.58 26.88
C GLY B 609 11.46 15.43 25.48
N LEU B 610 10.97 14.47 24.69
CA LEU B 610 11.60 14.02 23.42
C LEU B 610 10.71 14.27 22.17
N GLU B 611 9.51 14.84 22.38
CA GLU B 611 8.64 15.15 21.25
C GLU B 611 9.41 16.06 20.32
N ASP B 612 9.24 15.85 18.99
CA ASP B 612 9.58 16.82 17.98
C ASP B 612 8.33 17.51 17.54
N LYS B 613 8.26 18.82 17.78
CA LYS B 613 7.03 19.60 17.53
C LYS B 613 6.53 19.41 16.11
N ARG B 614 7.44 19.31 15.15
CA ARG B 614 7.11 19.27 13.73
C ARG B 614 6.35 18.02 13.34
N ILE B 615 6.53 16.93 14.08
CA ILE B 615 5.75 15.77 13.80
C ILE B 615 4.74 15.42 14.88
N GLY B 616 4.67 16.21 15.96
CA GLY B 616 3.66 16.07 17.02
C GLY B 616 3.77 14.81 17.87
N SER B 617 4.95 14.18 17.84
CA SER B 617 5.22 12.96 18.55
C SER B 617 6.75 12.78 18.73
N VAL B 618 7.11 11.69 19.35
CA VAL B 618 8.50 11.23 19.41
C VAL B 618 8.77 10.45 18.10
N PRO B 619 9.83 10.80 17.39
CA PRO B 619 10.16 10.04 16.19
C PRO B 619 10.65 8.64 16.55
N VAL B 620 10.36 7.67 15.69
CA VAL B 620 10.72 6.26 15.88
C VAL B 620 11.83 5.91 14.90
N ASN B 621 11.50 5.89 13.61
CA ASN B 621 12.45 5.63 12.56
C ASN B 621 12.37 6.73 11.47
N TYR B 622 13.36 6.82 10.68
CA TYR B 622 13.42 7.81 9.57
C TYR B 622 14.22 7.33 8.40
N LEU B 623 13.82 7.85 7.26
CA LEU B 623 14.42 7.66 5.96
C LEU B 623 15.36 8.79 5.60
N SER B 624 16.38 8.43 4.84
CA SER B 624 17.33 9.43 4.29
C SER B 624 18.03 8.88 3.03
N ASP B 625 18.62 9.76 2.23
CA ASP B 625 19.14 9.31 0.91
C ASP B 625 20.60 8.92 1.03
N LEU B 626 20.95 8.26 2.13
CA LEU B 626 22.30 7.73 2.25
C LEU B 626 22.43 6.42 1.52
N ASP B 627 23.67 6.00 1.35
CA ASP B 627 23.96 4.83 0.54
C ASP B 627 24.70 3.79 1.37
N ILE B 628 23.94 2.85 1.95
CA ILE B 628 24.48 1.92 2.90
C ILE B 628 24.13 0.54 2.38
N THR B 629 24.79 -0.45 2.93
CA THR B 629 24.46 -1.85 2.63
C THR B 629 24.89 -2.78 3.76
N GLY B 630 24.68 -4.10 3.60
CA GLY B 630 24.93 -5.08 4.67
C GLY B 630 26.36 -4.86 5.20
N GLY B 631 26.50 -4.78 6.50
CA GLY B 631 27.73 -4.30 7.13
C GLY B 631 27.62 -2.92 7.78
N ASN B 632 26.72 -2.10 7.24
CA ASN B 632 26.41 -0.81 7.85
C ASN B 632 25.48 -0.83 9.06
N SER B 633 24.78 -1.92 9.32
CA SER B 633 23.98 -1.97 10.53
C SER B 633 24.81 -1.54 11.73
N GLY B 634 24.20 -0.71 12.56
CA GLY B 634 24.82 -0.21 13.75
C GLY B 634 25.60 1.05 13.56
N SER B 635 25.80 1.51 12.32
CA SER B 635 26.61 2.64 12.07
C SER B 635 25.87 3.86 12.69
N PRO B 636 26.60 4.77 13.30
CA PRO B 636 25.95 5.94 13.90
C PRO B 636 25.60 6.90 12.78
N VAL B 637 24.44 7.51 12.84
CA VAL B 637 24.05 8.61 11.95
C VAL B 637 24.43 9.91 12.69
N LEU B 638 25.19 10.74 12.02
CA LEU B 638 25.57 12.01 12.58
C LEU B 638 24.97 13.15 11.85
N ASP B 639 24.69 14.18 12.61
CA ASP B 639 24.12 15.41 12.06
C ASP B 639 25.20 16.40 11.62
N ALA B 640 24.80 17.61 11.23
CA ALA B 640 25.75 18.59 10.69
C ALA B 640 26.89 18.98 11.64
N HIS B 641 26.67 18.83 12.93
CA HIS B 641 27.69 19.08 13.92
C HIS B 641 28.37 17.83 14.42
N GLY B 642 28.16 16.69 13.76
CA GLY B 642 28.80 15.48 14.19
C GLY B 642 28.24 14.81 15.41
N LYS B 643 27.01 15.18 15.80
CA LYS B 643 26.28 14.58 16.91
C LYS B 643 25.42 13.40 16.49
N LEU B 644 25.28 12.45 17.38
CA LEU B 644 24.54 11.25 17.12
C LEU B 644 22.98 11.51 17.03
N VAL B 645 22.43 11.22 15.86
CA VAL B 645 21.00 11.32 15.63
C VAL B 645 20.26 10.02 15.32
N GLY B 646 20.98 8.91 15.27
CA GLY B 646 20.32 7.67 15.05
C GLY B 646 21.33 6.59 14.75
N LEU B 647 20.81 5.39 14.49
CA LEU B 647 21.62 4.23 14.06
C LEU B 647 21.05 3.70 12.77
N ALA B 648 21.91 3.44 11.81
CA ALA B 648 21.50 2.82 10.58
C ALA B 648 21.09 1.39 10.93
N PHE B 649 20.02 0.87 10.33
CA PHE B 649 19.72 -0.55 10.49
C PHE B 649 19.13 -1.22 9.27
N ASP B 650 18.56 -0.52 8.31
CA ASP B 650 17.95 -1.30 7.21
C ASP B 650 17.82 -0.43 5.97
N GLY B 651 17.33 -1.07 4.95
CA GLY B 651 16.94 -0.43 3.68
C GLY B 651 15.50 -0.62 3.36
N ASN B 652 14.88 0.33 2.65
CA ASN B 652 13.54 0.12 2.20
C ASN B 652 13.51 -0.93 1.05
N TRP B 653 12.33 -1.48 0.81
CA TRP B 653 12.18 -2.64 -0.12
C TRP B 653 12.75 -2.41 -1.53
N GLU B 654 12.47 -1.27 -2.07
CA GLU B 654 12.90 -0.93 -3.43
C GLU B 654 14.39 -0.60 -3.54
N SER B 655 15.10 -0.47 -2.41
CA SER B 655 16.50 -0.11 -2.38
C SER B 655 17.46 -1.24 -2.68
N VAL B 656 17.03 -2.47 -2.47
CA VAL B 656 18.00 -3.50 -2.26
C VAL B 656 18.71 -3.85 -3.59
N SER B 657 17.98 -3.71 -4.70
CA SER B 657 18.56 -3.96 -6.05
C SER B 657 19.67 -2.98 -6.37
N SER B 658 19.86 -1.95 -5.54
CA SER B 658 20.96 -1.01 -5.73
C SER B 658 22.34 -1.59 -5.51
N ASN B 659 22.40 -2.81 -4.96
CA ASN B 659 23.65 -3.56 -4.85
C ASN B 659 24.31 -3.74 -6.27
N TRP B 660 23.44 -3.85 -7.28
CA TRP B 660 23.84 -4.07 -8.70
C TRP B 660 23.66 -2.80 -9.57
N VAL B 661 22.47 -2.18 -9.49
CA VAL B 661 22.15 -0.94 -10.24
C VAL B 661 21.50 0.10 -9.31
N PHE B 662 22.24 1.18 -9.05
CA PHE B 662 21.84 2.17 -8.04
C PHE B 662 20.67 2.97 -8.59
N ASP B 663 19.58 3.04 -7.84
CA ASP B 663 18.44 3.89 -8.22
C ASP B 663 18.27 5.02 -7.21
N PRO B 664 18.68 6.27 -7.57
CA PRO B 664 18.60 7.29 -6.54
C PRO B 664 17.18 7.58 -5.97
N LYS B 665 16.15 7.42 -6.79
CA LYS B 665 14.81 7.81 -6.39
C LYS B 665 14.26 6.88 -5.31
N MET B 666 14.68 5.61 -5.31
CA MET B 666 14.11 4.60 -4.38
C MET B 666 15.10 4.01 -3.37
N THR B 667 16.26 4.57 -3.29
CA THR B 667 17.29 4.07 -2.34
C THR B 667 17.30 4.98 -1.15
N ARG B 668 16.94 4.38 -0.02
CA ARG B 668 16.94 5.08 1.28
C ARG B 668 17.53 4.21 2.37
N MET B 669 18.24 4.85 3.29
CA MET B 669 18.51 4.22 4.56
C MET B 669 17.32 4.33 5.52
N ILE B 670 17.03 3.26 6.23
CA ILE B 670 16.15 3.29 7.42
C ILE B 670 17.00 3.29 8.69
N ALA B 671 16.80 4.30 9.53
CA ALA B 671 17.56 4.50 10.79
C ALA B 671 16.59 4.59 11.98
N VAL B 672 17.05 4.20 13.16
CA VAL B 672 16.30 4.35 14.37
C VAL B 672 16.78 5.73 14.92
N ASP B 673 15.79 6.59 15.23
CA ASP B 673 16.11 7.86 15.84
C ASP B 673 16.74 7.70 17.26
N GLY B 674 17.77 8.42 17.52
CA GLY B 674 18.38 8.46 18.88
C GLY B 674 17.39 8.92 19.93
N ARG B 675 16.39 9.71 19.54
CA ARG B 675 15.33 10.03 20.52
C ARG B 675 14.44 8.88 20.84
N TYR B 676 14.26 7.93 19.93
CA TYR B 676 13.53 6.70 20.28
C TYR B 676 14.35 5.82 21.19
N LEU B 677 15.66 5.75 20.99
CA LEU B 677 16.56 5.01 21.91
C LEU B 677 16.36 5.52 23.31
N ARG B 678 16.49 6.82 23.42
CA ARG B 678 16.27 7.55 24.65
C ARG B 678 14.88 7.32 25.26
N TRP B 679 13.83 7.43 24.46
CA TRP B 679 12.50 7.23 24.91
C TRP B 679 12.22 5.83 25.46
N ILE B 680 12.72 4.83 24.76
CA ILE B 680 12.65 3.46 25.25
C ILE B 680 13.37 3.30 26.61
N MET B 681 14.56 3.86 26.75
CA MET B 681 15.40 3.75 27.96
C MET B 681 14.86 4.61 29.12
N GLN B 682 14.02 5.60 28.85
CA GLN B 682 13.29 6.35 29.85
C GLN B 682 11.97 5.70 30.22
N GLU B 683 11.14 5.33 29.26
CA GLU B 683 9.72 5.05 29.55
C GLU B 683 9.29 3.59 29.43
N VAL B 684 10.11 2.74 28.88
CA VAL B 684 9.61 1.45 28.49
C VAL B 684 10.43 0.33 29.17
N TYR B 685 11.74 0.45 29.10
CA TYR B 685 12.65 -0.59 29.64
C TYR B 685 13.83 0.14 30.20
N PRO B 686 13.70 0.64 31.42
CA PRO B 686 14.52 1.80 31.67
C PRO B 686 15.95 1.45 32.00
N ALA B 687 16.86 2.37 31.66
CA ALA B 687 18.29 2.25 31.94
C ALA B 687 18.83 3.61 32.33
N PRO B 688 18.38 4.08 33.51
CA PRO B 688 18.81 5.39 33.97
C PRO B 688 20.33 5.44 34.10
N GLN B 689 20.98 4.30 34.32
CA GLN B 689 22.41 4.35 34.49
C GLN B 689 23.14 4.63 33.13
N LEU B 690 22.59 4.11 32.05
CA LEU B 690 23.27 4.31 30.76
C LEU B 690 22.99 5.77 30.29
N LEU B 691 21.80 6.27 30.53
CA LEU B 691 21.47 7.62 30.14
C LEU B 691 22.38 8.66 30.84
N LYS B 692 22.54 8.49 32.14
CA LYS B 692 23.39 9.36 32.93
C LYS B 692 24.82 9.22 32.42
N GLU B 693 25.26 7.99 32.16
CA GLU B 693 26.56 7.78 31.52
C GLU B 693 26.67 8.51 30.16
N MET B 694 25.57 8.69 29.42
CA MET B 694 25.65 9.42 28.12
C MET B 694 25.29 10.90 28.21
N ASN B 695 25.11 11.38 29.45
CA ASN B 695 24.78 12.77 29.73
C ASN B 695 23.46 13.17 29.13
N VAL B 696 22.49 12.25 29.19
CA VAL B 696 21.13 12.51 28.74
C VAL B 696 20.14 11.97 29.77
N GLY B 697 20.53 12.03 31.04
CA GLY B 697 19.58 11.79 32.15
C GLY B 697 20.27 12.08 33.49
N VAL C . -17.73 5.18 -6.81
CA VAL C . -18.22 6.33 -7.58
C VAL C . -19.55 6.81 -7.04
O VAL C . -20.37 6.05 -6.47
CB VAL C . -18.25 6.10 -9.11
CG1 VAL C . -16.84 5.95 -9.71
CG2 VAL C . -19.20 4.93 -9.48
N TYR D . -19.72 8.11 -7.09
CA TYR D . -20.92 8.71 -6.55
C TYR D . -21.99 8.90 -7.60
O TYR D . -22.74 9.88 -7.52
CB TYR D . -20.48 10.08 -5.95
CG TYR D . -19.82 9.95 -4.63
CD1 TYR D . -20.29 9.11 -3.66
CD2 TYR D . -18.63 10.69 -4.32
CE1 TYR D . -19.66 9.05 -2.40
CE2 TYR D . -18.02 10.58 -3.11
CZ TYR D . -18.51 9.79 -2.14
OH TYR D . -17.89 9.70 -0.90
OXT TYR D . -22.07 8.17 -8.60
C1 GOL E . 3.58 14.89 -8.33
O1 GOL E . 4.33 15.96 -7.76
C2 GOL E . 3.21 13.90 -7.25
O2 GOL E . 2.70 14.58 -6.10
C3 GOL E . 2.18 12.88 -7.72
O3 GOL E . 2.14 11.85 -6.72
C1 GOL F . -23.00 34.28 -19.04
O1 GOL F . -23.73 34.14 -17.87
C2 GOL F . -21.94 33.42 -18.45
O2 GOL F . -22.67 32.41 -17.80
C3 GOL F . -21.09 32.69 -19.44
O3 GOL F . -19.88 32.30 -18.77
C1 GOL G . -36.22 17.05 -10.63
O1 GOL G . -37.65 17.18 -10.39
C2 GOL G . -35.58 16.07 -9.65
O2 GOL G . -36.33 14.83 -9.61
C3 GOL G . -34.18 15.69 -10.07
O3 GOL G . -33.72 14.55 -9.33
C1 GOL H . -45.31 -1.93 -3.44
O1 GOL H . -45.72 -0.64 -3.08
C2 GOL H . -45.03 -2.09 -4.92
O2 GOL H . -45.20 -3.49 -5.09
C3 GOL H . -45.91 -1.21 -5.85
O3 GOL H . -47.16 -1.79 -6.32
C1 GOL I . -5.46 26.11 -16.74
O1 GOL I . -5.85 24.72 -16.63
C2 GOL I . -4.54 26.27 -17.95
O2 GOL I . -4.26 27.65 -18.23
C3 GOL I . -3.21 25.68 -17.57
O3 GOL I . -3.10 24.50 -18.29
ZN ZN J . -7.43 35.93 -8.43
ZN ZN K . -49.55 -9.94 -27.58
N VAL L . 17.40 -6.15 7.03
CA VAL L . 18.35 -5.42 7.91
C VAL L . 19.73 -5.63 7.37
O VAL L . 20.05 -6.64 6.74
CB VAL L . 18.23 -5.91 9.36
CG1 VAL L . 16.94 -5.39 10.02
CG2 VAL L . 18.33 -7.46 9.43
N TYR M . 20.57 -4.62 7.62
CA TYR M . 21.88 -4.62 7.06
C TYR M . 22.94 -5.21 8.07
O TYR M . 24.10 -4.72 8.12
CB TYR M . 22.22 -3.19 6.63
CG TYR M . 21.63 -2.75 5.34
CD1 TYR M . 21.62 -3.57 4.26
CD2 TYR M . 21.07 -1.48 5.19
CE1 TYR M . 21.12 -3.14 3.03
CE2 TYR M . 20.53 -1.09 4.00
CZ TYR M . 20.57 -1.89 2.92
OH TYR M . 20.05 -1.47 1.69
OXT TYR M . 22.66 -6.11 8.89
C1 GOL N . 4.34 12.96 11.14
O1 GOL N . 4.29 14.38 10.88
C2 GOL N . 4.04 12.22 9.84
O2 GOL N . 4.90 12.66 8.80
C3 GOL N . 4.24 10.72 10.06
O3 GOL N . 3.97 9.95 8.91
C1 GOL O . 17.56 16.38 20.37
O1 GOL O . 17.33 15.00 20.07
C2 GOL O . 17.10 16.86 21.77
O2 GOL O . 16.58 18.17 21.56
C3 GOL O . 15.93 16.13 22.45
O3 GOL O . 14.63 16.30 21.81
C1 GOL P . 36.51 13.78 23.62
O1 GOL P . 37.69 13.12 23.11
C2 GOL P . 35.25 13.76 22.69
O2 GOL P . 35.30 12.65 21.81
C3 GOL P . 33.96 13.60 23.49
O3 GOL P . 32.73 13.92 22.79
C1 GOL Q . 37.31 -5.58 10.51
O1 GOL Q . 36.11 -6.38 10.44
C2 GOL Q . 38.47 -6.52 10.82
O2 GOL Q . 38.32 -7.72 10.02
C3 GOL Q . 39.83 -5.89 10.55
O3 GOL Q . 40.89 -6.40 11.40
ZN ZN R . 24.95 24.91 13.53
ZN ZN S . 36.55 -38.41 23.38
#